data_4B6W
# 
_entry.id   4B6W 
# 
_audit_conform.dict_name       mmcif_pdbx.dic 
_audit_conform.dict_version    5.397 
_audit_conform.dict_location   http://mmcif.pdb.org/dictionaries/ascii/mmcif_pdbx.dic 
# 
loop_
_database_2.database_id 
_database_2.database_code 
_database_2.pdbx_database_accession 
_database_2.pdbx_DOI 
PDB   4B6W         pdb_00004b6w 10.2210/pdb4b6w/pdb 
PDBE  EBI-53747    ?            ?                   
WWPDB D_1290053747 ?            ?                   
# 
loop_
_pdbx_audit_revision_history.ordinal 
_pdbx_audit_revision_history.data_content_type 
_pdbx_audit_revision_history.major_revision 
_pdbx_audit_revision_history.minor_revision 
_pdbx_audit_revision_history.revision_date 
1 'Structure model' 1 0 2012-08-22 
2 'Structure model' 1 1 2012-10-31 
3 'Structure model' 1 2 2013-05-15 
4 'Structure model' 1 3 2013-07-17 
5 'Structure model' 1 4 2024-10-23 
# 
_pdbx_audit_revision_details.ordinal             1 
_pdbx_audit_revision_details.revision_ordinal    1 
_pdbx_audit_revision_details.data_content_type   'Structure model' 
_pdbx_audit_revision_details.provider            repository 
_pdbx_audit_revision_details.type                'Initial release' 
_pdbx_audit_revision_details.description         ? 
_pdbx_audit_revision_details.details             ? 
# 
loop_
_pdbx_audit_revision_group.ordinal 
_pdbx_audit_revision_group.revision_ordinal 
_pdbx_audit_revision_group.data_content_type 
_pdbx_audit_revision_group.group 
1  2 'Structure model' 'Atomic model'            
2  2 'Structure model' 'Database references'     
3  2 'Structure model' 'Derived calculations'    
4  2 'Structure model' 'Non-polymer description' 
5  2 'Structure model' Other                     
6  2 'Structure model' 'Refinement description'  
7  3 'Structure model' 'Database references'     
8  4 'Structure model' 'Database references'     
9  5 'Structure model' 'Data collection'         
10 5 'Structure model' 'Database references'     
11 5 'Structure model' 'Derived calculations'    
12 5 'Structure model' Other                     
13 5 'Structure model' 'Structure summary'       
# 
loop_
_pdbx_audit_revision_category.ordinal 
_pdbx_audit_revision_category.revision_ordinal 
_pdbx_audit_revision_category.data_content_type 
_pdbx_audit_revision_category.category 
1 5 'Structure model' chem_comp_atom            
2 5 'Structure model' chem_comp_bond            
3 5 'Structure model' database_2                
4 5 'Structure model' pdbx_database_status      
5 5 'Structure model' pdbx_entry_details        
6 5 'Structure model' pdbx_modification_feature 
7 5 'Structure model' struct_conn               
8 5 'Structure model' struct_site               
# 
loop_
_pdbx_audit_revision_item.ordinal 
_pdbx_audit_revision_item.revision_ordinal 
_pdbx_audit_revision_item.data_content_type 
_pdbx_audit_revision_item.item 
1  5 'Structure model' '_database_2.pdbx_DOI'                         
2  5 'Structure model' '_database_2.pdbx_database_accession'          
3  5 'Structure model' '_pdbx_database_status.status_code_sf'         
4  5 'Structure model' '_pdbx_entry_details.has_protein_modification' 
5  5 'Structure model' '_struct_conn.pdbx_dist_value'                 
6  5 'Structure model' '_struct_conn.pdbx_leaving_atom_flag'          
7  5 'Structure model' '_struct_conn.pdbx_ptnr1_label_alt_id'         
8  5 'Structure model' '_struct_conn.pdbx_ptnr2_label_alt_id'         
9  5 'Structure model' '_struct_conn.ptnr1_auth_comp_id'              
10 5 'Structure model' '_struct_conn.ptnr1_auth_seq_id'               
11 5 'Structure model' '_struct_conn.ptnr1_label_atom_id'             
12 5 'Structure model' '_struct_conn.ptnr1_label_comp_id'             
13 5 'Structure model' '_struct_conn.ptnr1_label_seq_id'              
14 5 'Structure model' '_struct_conn.ptnr2_auth_comp_id'              
15 5 'Structure model' '_struct_conn.ptnr2_auth_seq_id'               
16 5 'Structure model' '_struct_conn.ptnr2_label_atom_id'             
17 5 'Structure model' '_struct_conn.ptnr2_label_comp_id'             
18 5 'Structure model' '_struct_conn.ptnr2_label_seq_id'              
19 5 'Structure model' '_struct_site.pdbx_auth_asym_id'               
20 5 'Structure model' '_struct_site.pdbx_auth_comp_id'               
21 5 'Structure model' '_struct_site.pdbx_auth_seq_id'                
# 
_pdbx_database_status.status_code                     REL 
_pdbx_database_status.entry_id                        4B6W 
_pdbx_database_status.deposit_site                    PDBE 
_pdbx_database_status.process_site                    PDBE 
_pdbx_database_status.SG_entry                        . 
_pdbx_database_status.recvd_initial_deposition_date   2012-08-15 
_pdbx_database_status.pdb_format_compatible           Y 
_pdbx_database_status.status_code_sf                  REL 
_pdbx_database_status.status_code_mr                  ? 
_pdbx_database_status.status_code_cs                  ? 
_pdbx_database_status.methods_development_category    ? 
_pdbx_database_status.status_code_nmr_data            ? 
# 
loop_
_audit_author.name 
_audit_author.pdbx_ordinal 
'Fleming, J.R.' 1 
'Morgan, R.E.'  2 
'Fyfe, P.K.'    3 
'Kelly, S.M.'   4 
'Hunter, W.N.'  5 
# 
_citation.id                        primary 
_citation.title                     
'The Architecture of Trypanosoma Brucei Tubulin-Binding Cofactor B and Implications for Function.' 
_citation.journal_abbrev            'FEBS J.' 
_citation.journal_volume            280 
_citation.page_first                3270 
_citation.page_last                 ? 
_citation.year                      2013 
_citation.journal_id_ASTM           ? 
_citation.country                   UK 
_citation.journal_id_ISSN           1742-464X 
_citation.journal_id_CSD            ? 
_citation.book_publisher            ? 
_citation.pdbx_database_id_PubMed   23627368 
_citation.pdbx_database_id_DOI      10.1111/FEBS.12308 
# 
loop_
_citation_author.citation_id 
_citation_author.name 
_citation_author.ordinal 
_citation_author.identifier_ORCID 
primary 'Fleming, J.R.' 1 ? 
primary 'Morgan, R.E.'  2 ? 
primary 'Fyfe, P.K.'    3 ? 
primary 'Kelly, S.M.'   4 ? 
primary 'Hunter, W.N.'  5 ? 
# 
loop_
_entity.id 
_entity.type 
_entity.src_method 
_entity.pdbx_description 
_entity.formula_weight 
_entity.pdbx_number_of_molecules 
_entity.pdbx_ec 
_entity.pdbx_mutation 
_entity.pdbx_fragment 
_entity.details 
1 polymer     man 'TUBULIN-SPECIFIC CHAPERONE' 10080.010 1  ? ? 'TBC-B UBL DOMAIN, RESIDUES 2-87' 
'DOMAIN OBTAINED VIA CHYMOTRYPSIN PROTEOLYIS OF FULL LENGTH TBC-B PROTEIN' 
2 non-polymer syn 1,2-ETHANEDIOL               62.068    1  ? ? ?                                 ? 
3 water       nat water                        18.015    60 ? ? ?                                 ? 
# 
_entity_poly.entity_id                      1 
_entity_poly.type                           'polypeptide(L)' 
_entity_poly.nstd_linkage                   no 
_entity_poly.nstd_monomer                   yes 
_entity_poly.pdbx_seq_one_letter_code       
;SVVKVSLTHSASR(MSE)RVPEKRYGLAQTIESIKENVFTHFATPPEY(MSE)QLQLIDDRGITIEKN(MSE)ANDKQLG
YYQCRDEFVIHVVDLQPS
;
_entity_poly.pdbx_seq_one_letter_code_can   
;SVVKVSLTHSASRMRVPEKRYGLAQTIESIKENVFTHFATPPEYMQLQLIDDRGITIEKNMANDKQLGYYQCRDEFVIHV
VDLQPS
;
_entity_poly.pdbx_strand_id                 A 
_entity_poly.pdbx_target_identifier         ? 
# 
loop_
_pdbx_entity_nonpoly.entity_id 
_pdbx_entity_nonpoly.name 
_pdbx_entity_nonpoly.comp_id 
2 1,2-ETHANEDIOL EDO 
3 water          HOH 
# 
loop_
_entity_poly_seq.entity_id 
_entity_poly_seq.num 
_entity_poly_seq.mon_id 
_entity_poly_seq.hetero 
1 1  SER n 
1 2  VAL n 
1 3  VAL n 
1 4  LYS n 
1 5  VAL n 
1 6  SER n 
1 7  LEU n 
1 8  THR n 
1 9  HIS n 
1 10 SER n 
1 11 ALA n 
1 12 SER n 
1 13 ARG n 
1 14 MSE n 
1 15 ARG n 
1 16 VAL n 
1 17 PRO n 
1 18 GLU n 
1 19 LYS n 
1 20 ARG n 
1 21 TYR n 
1 22 GLY n 
1 23 LEU n 
1 24 ALA n 
1 25 GLN n 
1 26 THR n 
1 27 ILE n 
1 28 GLU n 
1 29 SER n 
1 30 ILE n 
1 31 LYS n 
1 32 GLU n 
1 33 ASN n 
1 34 VAL n 
1 35 PHE n 
1 36 THR n 
1 37 HIS n 
1 38 PHE n 
1 39 ALA n 
1 40 THR n 
1 41 PRO n 
1 42 PRO n 
1 43 GLU n 
1 44 TYR n 
1 45 MSE n 
1 46 GLN n 
1 47 LEU n 
1 48 GLN n 
1 49 LEU n 
1 50 ILE n 
1 51 ASP n 
1 52 ASP n 
1 53 ARG n 
1 54 GLY n 
1 55 ILE n 
1 56 THR n 
1 57 ILE n 
1 58 GLU n 
1 59 LYS n 
1 60 ASN n 
1 61 MSE n 
1 62 ALA n 
1 63 ASN n 
1 64 ASP n 
1 65 LYS n 
1 66 GLN n 
1 67 LEU n 
1 68 GLY n 
1 69 TYR n 
1 70 TYR n 
1 71 GLN n 
1 72 CYS n 
1 73 ARG n 
1 74 ASP n 
1 75 GLU n 
1 76 PHE n 
1 77 VAL n 
1 78 ILE n 
1 79 HIS n 
1 80 VAL n 
1 81 VAL n 
1 82 ASP n 
1 83 LEU n 
1 84 GLN n 
1 85 PRO n 
1 86 SER n 
# 
_entity_src_gen.entity_id                          1 
_entity_src_gen.pdbx_src_id                        1 
_entity_src_gen.pdbx_alt_source_flag               sample 
_entity_src_gen.pdbx_seq_type                      ? 
_entity_src_gen.pdbx_beg_seq_num                   ? 
_entity_src_gen.pdbx_end_seq_num                   ? 
_entity_src_gen.gene_src_common_name               ? 
_entity_src_gen.gene_src_genus                     ? 
_entity_src_gen.pdbx_gene_src_gene                 ? 
_entity_src_gen.gene_src_species                   ? 
_entity_src_gen.gene_src_strain                    ? 
_entity_src_gen.gene_src_tissue                    ? 
_entity_src_gen.gene_src_tissue_fraction           ? 
_entity_src_gen.gene_src_details                   ? 
_entity_src_gen.pdbx_gene_src_fragment             ? 
_entity_src_gen.pdbx_gene_src_scientific_name      'TRYPANOSOMA BRUCEI BRUCEI STRAIN 927/4 GUTAT10.1' 
_entity_src_gen.pdbx_gene_src_ncbi_taxonomy_id     999953 
_entity_src_gen.pdbx_gene_src_variant              ? 
_entity_src_gen.pdbx_gene_src_cell_line            ? 
_entity_src_gen.pdbx_gene_src_atcc                 ? 
_entity_src_gen.pdbx_gene_src_organ                ? 
_entity_src_gen.pdbx_gene_src_organelle            ? 
_entity_src_gen.pdbx_gene_src_cell                 ? 
_entity_src_gen.pdbx_gene_src_cellular_location    ? 
_entity_src_gen.host_org_common_name               ? 
_entity_src_gen.pdbx_host_org_scientific_name      'ESCHERICHIA COLI' 
_entity_src_gen.pdbx_host_org_ncbi_taxonomy_id     469008 
_entity_src_gen.host_org_genus                     ? 
_entity_src_gen.pdbx_host_org_gene                 ? 
_entity_src_gen.pdbx_host_org_organ                ? 
_entity_src_gen.host_org_species                   ? 
_entity_src_gen.pdbx_host_org_tissue               ? 
_entity_src_gen.pdbx_host_org_tissue_fraction      ? 
_entity_src_gen.pdbx_host_org_strain               'BL21(DE3)' 
_entity_src_gen.pdbx_host_org_variant              'ROSETTA PLYSS' 
_entity_src_gen.pdbx_host_org_cell_line            ? 
_entity_src_gen.pdbx_host_org_atcc                 ? 
_entity_src_gen.pdbx_host_org_culture_collection   ? 
_entity_src_gen.pdbx_host_org_cell                 ? 
_entity_src_gen.pdbx_host_org_organelle            ? 
_entity_src_gen.pdbx_host_org_cellular_location    ? 
_entity_src_gen.pdbx_host_org_vector_type          PLASMID 
_entity_src_gen.pdbx_host_org_vector               PET15B-TEV 
_entity_src_gen.host_org_details                   ? 
_entity_src_gen.expression_system_id               ? 
_entity_src_gen.plasmid_name                       ? 
_entity_src_gen.plasmid_details                    ? 
_entity_src_gen.pdbx_description                   ? 
# 
loop_
_chem_comp.id 
_chem_comp.type 
_chem_comp.mon_nstd_flag 
_chem_comp.name 
_chem_comp.pdbx_synonyms 
_chem_comp.formula 
_chem_comp.formula_weight 
ALA 'L-peptide linking' y ALANINE          ?                 'C3 H7 N O2'     89.093  
ARG 'L-peptide linking' y ARGININE         ?                 'C6 H15 N4 O2 1' 175.209 
ASN 'L-peptide linking' y ASPARAGINE       ?                 'C4 H8 N2 O3'    132.118 
ASP 'L-peptide linking' y 'ASPARTIC ACID'  ?                 'C4 H7 N O4'     133.103 
CYS 'L-peptide linking' y CYSTEINE         ?                 'C3 H7 N O2 S'   121.158 
EDO non-polymer         . 1,2-ETHANEDIOL   'ETHYLENE GLYCOL' 'C2 H6 O2'       62.068  
GLN 'L-peptide linking' y GLUTAMINE        ?                 'C5 H10 N2 O3'   146.144 
GLU 'L-peptide linking' y 'GLUTAMIC ACID'  ?                 'C5 H9 N O4'     147.129 
GLY 'peptide linking'   y GLYCINE          ?                 'C2 H5 N O2'     75.067  
HIS 'L-peptide linking' y HISTIDINE        ?                 'C6 H10 N3 O2 1' 156.162 
HOH non-polymer         . WATER            ?                 'H2 O'           18.015  
ILE 'L-peptide linking' y ISOLEUCINE       ?                 'C6 H13 N O2'    131.173 
LEU 'L-peptide linking' y LEUCINE          ?                 'C6 H13 N O2'    131.173 
LYS 'L-peptide linking' y LYSINE           ?                 'C6 H15 N2 O2 1' 147.195 
MSE 'L-peptide linking' n SELENOMETHIONINE ?                 'C5 H11 N O2 Se' 196.106 
PHE 'L-peptide linking' y PHENYLALANINE    ?                 'C9 H11 N O2'    165.189 
PRO 'L-peptide linking' y PROLINE          ?                 'C5 H9 N O2'     115.130 
SER 'L-peptide linking' y SERINE           ?                 'C3 H7 N O3'     105.093 
THR 'L-peptide linking' y THREONINE        ?                 'C4 H9 N O3'     119.119 
TYR 'L-peptide linking' y TYROSINE         ?                 'C9 H11 N O3'    181.189 
VAL 'L-peptide linking' y VALINE           ?                 'C5 H11 N O2'    117.146 
# 
loop_
_pdbx_poly_seq_scheme.asym_id 
_pdbx_poly_seq_scheme.entity_id 
_pdbx_poly_seq_scheme.seq_id 
_pdbx_poly_seq_scheme.mon_id 
_pdbx_poly_seq_scheme.ndb_seq_num 
_pdbx_poly_seq_scheme.pdb_seq_num 
_pdbx_poly_seq_scheme.auth_seq_num 
_pdbx_poly_seq_scheme.pdb_mon_id 
_pdbx_poly_seq_scheme.auth_mon_id 
_pdbx_poly_seq_scheme.pdb_strand_id 
_pdbx_poly_seq_scheme.pdb_ins_code 
_pdbx_poly_seq_scheme.hetero 
A 1 1  SER 1  2  2  SER SER A . n 
A 1 2  VAL 2  3  3  VAL VAL A . n 
A 1 3  VAL 3  4  4  VAL VAL A . n 
A 1 4  LYS 4  5  5  LYS LYS A . n 
A 1 5  VAL 5  6  6  VAL VAL A . n 
A 1 6  SER 6  7  7  SER SER A . n 
A 1 7  LEU 7  8  8  LEU LEU A . n 
A 1 8  THR 8  9  9  THR THR A . n 
A 1 9  HIS 9  10 10 HIS HIS A . n 
A 1 10 SER 10 11 11 SER SER A . n 
A 1 11 ALA 11 12 12 ALA ALA A . n 
A 1 12 SER 12 13 13 SER SER A . n 
A 1 13 ARG 13 14 14 ARG ARG A . n 
A 1 14 MSE 14 15 15 MSE MSE A . n 
A 1 15 ARG 15 16 16 ARG ARG A . n 
A 1 16 VAL 16 17 17 VAL VAL A . n 
A 1 17 PRO 17 18 18 PRO PRO A . n 
A 1 18 GLU 18 19 19 GLU GLU A . n 
A 1 19 LYS 19 20 20 LYS LYS A . n 
A 1 20 ARG 20 21 21 ARG ARG A . n 
A 1 21 TYR 21 22 22 TYR TYR A . n 
A 1 22 GLY 22 23 23 GLY GLY A . n 
A 1 23 LEU 23 24 24 LEU LEU A . n 
A 1 24 ALA 24 25 25 ALA ALA A . n 
A 1 25 GLN 25 26 26 GLN GLN A . n 
A 1 26 THR 26 27 27 THR THR A . n 
A 1 27 ILE 27 28 28 ILE ILE A . n 
A 1 28 GLU 28 29 29 GLU GLU A . n 
A 1 29 SER 29 30 30 SER SER A . n 
A 1 30 ILE 30 31 31 ILE ILE A . n 
A 1 31 LYS 31 32 32 LYS LYS A . n 
A 1 32 GLU 32 33 33 GLU GLU A . n 
A 1 33 ASN 33 34 34 ASN ASN A . n 
A 1 34 VAL 34 35 35 VAL VAL A . n 
A 1 35 PHE 35 36 36 PHE PHE A . n 
A 1 36 THR 36 37 37 THR THR A . n 
A 1 37 HIS 37 38 38 HIS HIS A . n 
A 1 38 PHE 38 39 39 PHE PHE A . n 
A 1 39 ALA 39 40 40 ALA ALA A . n 
A 1 40 THR 40 41 41 THR THR A . n 
A 1 41 PRO 41 42 42 PRO PRO A . n 
A 1 42 PRO 42 43 43 PRO PRO A . n 
A 1 43 GLU 43 44 44 GLU GLU A . n 
A 1 44 TYR 44 45 45 TYR TYR A . n 
A 1 45 MSE 45 46 46 MSE MSE A . n 
A 1 46 GLN 46 47 47 GLN GLN A . n 
A 1 47 LEU 47 48 48 LEU LEU A . n 
A 1 48 GLN 48 49 49 GLN GLN A . n 
A 1 49 LEU 49 50 50 LEU LEU A . n 
A 1 50 ILE 50 51 51 ILE ILE A . n 
A 1 51 ASP 51 52 52 ASP ASP A . n 
A 1 52 ASP 52 53 53 ASP ASP A . n 
A 1 53 ARG 53 54 54 ARG ARG A . n 
A 1 54 GLY 54 55 55 GLY GLY A . n 
A 1 55 ILE 55 56 56 ILE ILE A . n 
A 1 56 THR 56 57 57 THR THR A . n 
A 1 57 ILE 57 58 58 ILE ILE A . n 
A 1 58 GLU 58 59 59 GLU GLU A . n 
A 1 59 LYS 59 60 60 LYS LYS A . n 
A 1 60 ASN 60 61 61 ASN ASN A . n 
A 1 61 MSE 61 62 62 MSE MSE A . n 
A 1 62 ALA 62 63 63 ALA ALA A . n 
A 1 63 ASN 63 64 64 ASN ASN A . n 
A 1 64 ASP 64 65 65 ASP ASP A . n 
A 1 65 LYS 65 66 66 LYS LYS A . n 
A 1 66 GLN 66 67 67 GLN GLN A . n 
A 1 67 LEU 67 68 68 LEU LEU A . n 
A 1 68 GLY 68 69 69 GLY GLY A . n 
A 1 69 TYR 69 70 70 TYR TYR A . n 
A 1 70 TYR 70 71 71 TYR TYR A . n 
A 1 71 GLN 71 72 72 GLN GLN A . n 
A 1 72 CYS 72 73 73 CYS CYS A . n 
A 1 73 ARG 73 74 74 ARG ARG A . n 
A 1 74 ASP 74 75 75 ASP ASP A . n 
A 1 75 GLU 75 76 76 GLU GLU A . n 
A 1 76 PHE 76 77 77 PHE PHE A . n 
A 1 77 VAL 77 78 78 VAL VAL A . n 
A 1 78 ILE 78 79 79 ILE ILE A . n 
A 1 79 HIS 79 80 80 HIS HIS A . n 
A 1 80 VAL 80 81 81 VAL VAL A . n 
A 1 81 VAL 81 82 82 VAL VAL A . n 
A 1 82 ASP 82 83 83 ASP ASP A . n 
A 1 83 LEU 83 84 84 LEU LEU A . n 
A 1 84 GLN 84 85 85 GLN GLN A . n 
A 1 85 PRO 85 86 86 PRO PRO A . n 
A 1 86 SER 86 87 87 SER SER A . n 
# 
loop_
_pdbx_nonpoly_scheme.asym_id 
_pdbx_nonpoly_scheme.entity_id 
_pdbx_nonpoly_scheme.mon_id 
_pdbx_nonpoly_scheme.ndb_seq_num 
_pdbx_nonpoly_scheme.pdb_seq_num 
_pdbx_nonpoly_scheme.auth_seq_num 
_pdbx_nonpoly_scheme.pdb_mon_id 
_pdbx_nonpoly_scheme.auth_mon_id 
_pdbx_nonpoly_scheme.pdb_strand_id 
_pdbx_nonpoly_scheme.pdb_ins_code 
B 2 EDO 1  1090 1090 EDO EDO A . 
C 3 HOH 1  2001 2001 HOH HOH A . 
C 3 HOH 2  2002 2002 HOH HOH A . 
C 3 HOH 3  2003 2003 HOH HOH A . 
C 3 HOH 4  2004 2004 HOH HOH A . 
C 3 HOH 5  2005 2005 HOH HOH A . 
C 3 HOH 6  2006 2006 HOH HOH A . 
C 3 HOH 7  2007 2007 HOH HOH A . 
C 3 HOH 8  2008 2008 HOH HOH A . 
C 3 HOH 9  2009 2009 HOH HOH A . 
C 3 HOH 10 2010 2010 HOH HOH A . 
C 3 HOH 11 2011 2011 HOH HOH A . 
C 3 HOH 12 2012 2012 HOH HOH A . 
C 3 HOH 13 2013 2013 HOH HOH A . 
C 3 HOH 14 2014 2014 HOH HOH A . 
C 3 HOH 15 2015 2015 HOH HOH A . 
C 3 HOH 16 2016 2016 HOH HOH A . 
C 3 HOH 17 2017 2017 HOH HOH A . 
C 3 HOH 18 2018 2018 HOH HOH A . 
C 3 HOH 19 2019 2019 HOH HOH A . 
C 3 HOH 20 2020 2020 HOH HOH A . 
C 3 HOH 21 2021 2021 HOH HOH A . 
C 3 HOH 22 2022 2022 HOH HOH A . 
C 3 HOH 23 2023 2023 HOH HOH A . 
C 3 HOH 24 2024 2024 HOH HOH A . 
C 3 HOH 25 2025 2025 HOH HOH A . 
C 3 HOH 26 2026 2026 HOH HOH A . 
C 3 HOH 27 2027 2027 HOH HOH A . 
C 3 HOH 28 2028 2028 HOH HOH A . 
C 3 HOH 29 2029 2029 HOH HOH A . 
C 3 HOH 30 2030 2030 HOH HOH A . 
C 3 HOH 31 2031 2031 HOH HOH A . 
C 3 HOH 32 2032 2032 HOH HOH A . 
C 3 HOH 33 2033 2033 HOH HOH A . 
C 3 HOH 34 2034 2034 HOH HOH A . 
C 3 HOH 35 2035 2035 HOH HOH A . 
C 3 HOH 36 2036 2036 HOH HOH A . 
C 3 HOH 37 2037 2037 HOH HOH A . 
C 3 HOH 38 2038 2038 HOH HOH A . 
C 3 HOH 39 2039 2039 HOH HOH A . 
C 3 HOH 40 2040 2040 HOH HOH A . 
C 3 HOH 41 2041 2041 HOH HOH A . 
C 3 HOH 42 2042 2042 HOH HOH A . 
C 3 HOH 43 2043 2043 HOH HOH A . 
C 3 HOH 44 2044 2044 HOH HOH A . 
C 3 HOH 45 2045 2045 HOH HOH A . 
C 3 HOH 46 2046 2046 HOH HOH A . 
C 3 HOH 47 2047 2047 HOH HOH A . 
C 3 HOH 48 2048 2048 HOH HOH A . 
C 3 HOH 49 2049 2049 HOH HOH A . 
C 3 HOH 50 2050 2050 HOH HOH A . 
C 3 HOH 51 2051 2051 HOH HOH A . 
C 3 HOH 52 2052 2052 HOH HOH A . 
C 3 HOH 53 2053 2053 HOH HOH A . 
C 3 HOH 54 2054 2054 HOH HOH A . 
C 3 HOH 55 2055 2055 HOH HOH A . 
C 3 HOH 56 2056 2056 HOH HOH A . 
C 3 HOH 57 2057 2057 HOH HOH A . 
C 3 HOH 58 2058 2058 HOH HOH A . 
C 3 HOH 59 2059 2059 HOH HOH A . 
C 3 HOH 60 2060 2060 HOH HOH A . 
# 
loop_
_software.name 
_software.classification 
_software.version 
_software.citation_id 
_software.pdbx_ordinal 
REFMAC refinement       5.6.0119 ? 1 
XDS    'data reduction' .        ? 2 
SCALA  'data scaling'   .        ? 3 
CRANK  phasing          .        ? 4 
# 
_cell.entry_id           4B6W 
_cell.length_a           50.920 
_cell.length_b           50.920 
_cell.length_c           77.220 
_cell.angle_alpha        90.00 
_cell.angle_beta         90.00 
_cell.angle_gamma        90.00 
_cell.Z_PDB              8 
_cell.pdbx_unique_axis   ? 
# 
_symmetry.entry_id                         4B6W 
_symmetry.space_group_name_H-M             'P 41 21 2' 
_symmetry.pdbx_full_space_group_name_H-M   ? 
_symmetry.cell_setting                     ? 
_symmetry.Int_Tables_number                92 
# 
_exptl.entry_id          4B6W 
_exptl.method            'X-RAY DIFFRACTION' 
_exptl.crystals_number   1 
# 
_exptl_crystal.id                    1 
_exptl_crystal.density_meas          ? 
_exptl_crystal.density_Matthews      2.16 
_exptl_crystal.density_percent_sol   43 
_exptl_crystal.description           NONE 
# 
_diffrn.id                     1 
_diffrn.ambient_temp           100 
_diffrn.ambient_temp_details   ? 
_diffrn.crystal_id             1 
# 
_diffrn_detector.diffrn_id              1 
_diffrn_detector.detector               CCD 
_diffrn_detector.type                   'ADSC CCD' 
_diffrn_detector.pdbx_collection_date   ? 
_diffrn_detector.details                ? 
# 
_diffrn_radiation.diffrn_id                        1 
_diffrn_radiation.wavelength_id                    1 
_diffrn_radiation.pdbx_monochromatic_or_laue_m_l   M 
_diffrn_radiation.monochromator                    ? 
_diffrn_radiation.pdbx_diffrn_protocol             'SINGLE WAVELENGTH' 
_diffrn_radiation.pdbx_scattering_type             x-ray 
# 
_diffrn_radiation_wavelength.id           1 
_diffrn_radiation_wavelength.wavelength   0.98 
_diffrn_radiation_wavelength.wt           1.0 
# 
_diffrn_source.diffrn_id                   1 
_diffrn_source.source                      SYNCHROTRON 
_diffrn_source.type                        'DIAMOND BEAMLINE I03' 
_diffrn_source.pdbx_synchrotron_site       Diamond 
_diffrn_source.pdbx_synchrotron_beamline   I03 
_diffrn_source.pdbx_wavelength             0.98 
_diffrn_source.pdbx_wavelength_list        ? 
# 
_reflns.pdbx_diffrn_id               1 
_reflns.pdbx_ordinal                 1 
_reflns.entry_id                     4B6W 
_reflns.observed_criterion_sigma_I   0.0 
_reflns.observed_criterion_sigma_F   ? 
_reflns.d_resolution_low             38.60 
_reflns.d_resolution_high            2.35 
_reflns.number_obs                   4631 
_reflns.number_all                   ? 
_reflns.percent_possible_obs         100.0 
_reflns.pdbx_Rmerge_I_obs            0.12 
_reflns.pdbx_Rsym_value              ? 
_reflns.pdbx_netI_over_sigmaI        15.40 
_reflns.B_iso_Wilson_estimate        ? 
_reflns.pdbx_redundancy              12.7 
# 
_reflns_shell.pdbx_diffrn_id         1 
_reflns_shell.pdbx_ordinal           1 
_reflns_shell.d_res_high             2.35 
_reflns_shell.d_res_low              2.48 
_reflns_shell.percent_possible_all   99.8 
_reflns_shell.Rmerge_I_obs           0.64 
_reflns_shell.pdbx_Rsym_value        ? 
_reflns_shell.meanI_over_sigI_obs    3.30 
_reflns_shell.pdbx_redundancy        9.4 
# 
_refine.pdbx_refine_id                           'X-RAY DIFFRACTION' 
_refine.entry_id                                 4B6W 
_refine.pdbx_diffrn_id                           1 
_refine.pdbx_TLS_residual_ADP_flag               ? 
_refine.ls_number_reflns_obs                     4365 
_refine.ls_number_reflns_all                     ? 
_refine.pdbx_ls_sigma_I                          ? 
_refine.pdbx_ls_sigma_F                          . 
_refine.pdbx_data_cutoff_high_absF               ? 
_refine.pdbx_data_cutoff_low_absF                ? 
_refine.pdbx_data_cutoff_high_rms_absF           ? 
_refine.ls_d_res_low                             36.01 
_refine.ls_d_res_high                            2.35 
_refine.ls_percent_reflns_obs                    99.98 
_refine.ls_R_factor_obs                          0.16664 
_refine.ls_R_factor_all                          ? 
_refine.ls_R_factor_R_work                       0.16434 
_refine.ls_R_factor_R_free                       0.20972 
_refine.ls_R_factor_R_free_error                 ? 
_refine.ls_R_factor_R_free_error_details         ? 
_refine.ls_percent_reflns_R_free                 5.0 
_refine.ls_number_reflns_R_free                  230 
_refine.ls_number_parameters                     ? 
_refine.ls_number_restraints                     ? 
_refine.occupancy_min                            ? 
_refine.occupancy_max                            ? 
_refine.correlation_coeff_Fo_to_Fc               0.963 
_refine.correlation_coeff_Fo_to_Fc_free          0.946 
_refine.B_iso_mean                               37.280 
_refine.aniso_B[1][1]                            1.21 
_refine.aniso_B[2][2]                            1.21 
_refine.aniso_B[3][3]                            -2.43 
_refine.aniso_B[1][2]                            0.00 
_refine.aniso_B[1][3]                            0.00 
_refine.aniso_B[2][3]                            0.00 
_refine.solvent_model_details                    MASK 
_refine.solvent_model_param_ksol                 ? 
_refine.solvent_model_param_bsol                 ? 
_refine.pdbx_solvent_vdw_probe_radii             1.20 
_refine.pdbx_solvent_ion_probe_radii             0.80 
_refine.pdbx_solvent_shrinkage_radii             0.80 
_refine.pdbx_ls_cross_valid_method               THROUGHOUT 
_refine.details                                  'HYDROGENS HAVE BEEN ADDED IN THE RIDING POSITIONS.' 
_refine.pdbx_starting_model                      NONE 
_refine.pdbx_method_to_determine_struct          SAD 
_refine.pdbx_isotropic_thermal_model             ? 
_refine.pdbx_stereochemistry_target_values       'MAXIMUM LIKELIHOOD' 
_refine.pdbx_stereochem_target_val_spec_case     ? 
_refine.pdbx_R_Free_selection_details            RANDOM 
_refine.pdbx_overall_ESU_R                       0.317 
_refine.pdbx_overall_ESU_R_Free                  0.213 
_refine.overall_SU_ML                            0.131 
_refine.pdbx_overall_phase_error                 ? 
_refine.overall_SU_B                             10.800 
_refine.overall_SU_R_Cruickshank_DPI             ? 
_refine.pdbx_overall_SU_R_free_Cruickshank_DPI   ? 
_refine.pdbx_overall_SU_R_Blow_DPI               ? 
_refine.pdbx_overall_SU_R_free_Blow_DPI          ? 
# 
_refine_hist.pdbx_refine_id                   'X-RAY DIFFRACTION' 
_refine_hist.cycle_id                         LAST 
_refine_hist.pdbx_number_atoms_protein        696 
_refine_hist.pdbx_number_atoms_nucleic_acid   0 
_refine_hist.pdbx_number_atoms_ligand         4 
_refine_hist.number_atoms_solvent             60 
_refine_hist.number_atoms_total               760 
_refine_hist.d_res_high                       2.35 
_refine_hist.d_res_low                        36.01 
# 
loop_
_refine_ls_restr.type 
_refine_ls_restr.dev_ideal 
_refine_ls_restr.dev_ideal_target 
_refine_ls_restr.weight 
_refine_ls_restr.number 
_refine_ls_restr.pdbx_refine_id 
_refine_ls_restr.pdbx_restraint_function 
r_bond_refined_d             0.014  0.022  ? 742  'X-RAY DIFFRACTION' ? 
r_bond_other_d               0.001  0.020  ? 515  'X-RAY DIFFRACTION' ? 
r_angle_refined_deg          1.533  1.960  ? 1002 'X-RAY DIFFRACTION' ? 
r_angle_other_deg            0.959  3.000  ? 1256 'X-RAY DIFFRACTION' ? 
r_dihedral_angle_1_deg       6.355  5.000  ? 90   'X-RAY DIFFRACTION' ? 
r_dihedral_angle_2_deg       36.857 24.054 ? 37   'X-RAY DIFFRACTION' ? 
r_dihedral_angle_3_deg       14.795 15.000 ? 138  'X-RAY DIFFRACTION' ? 
r_dihedral_angle_4_deg       22.977 15.000 ? 6    'X-RAY DIFFRACTION' ? 
r_chiral_restr               0.089  0.200  ? 111  'X-RAY DIFFRACTION' ? 
r_gen_planes_refined         0.005  0.021  ? 819  'X-RAY DIFFRACTION' ? 
r_gen_planes_other           0.001  0.020  ? 147  'X-RAY DIFFRACTION' ? 
r_nbd_refined                ?      ?      ? ?    'X-RAY DIFFRACTION' ? 
r_nbd_other                  ?      ?      ? ?    'X-RAY DIFFRACTION' ? 
r_nbtor_refined              ?      ?      ? ?    'X-RAY DIFFRACTION' ? 
r_nbtor_other                ?      ?      ? ?    'X-RAY DIFFRACTION' ? 
r_xyhbond_nbd_refined        ?      ?      ? ?    'X-RAY DIFFRACTION' ? 
r_xyhbond_nbd_other          ?      ?      ? ?    'X-RAY DIFFRACTION' ? 
r_metal_ion_refined          ?      ?      ? ?    'X-RAY DIFFRACTION' ? 
r_metal_ion_other            ?      ?      ? ?    'X-RAY DIFFRACTION' ? 
r_symmetry_vdw_refined       ?      ?      ? ?    'X-RAY DIFFRACTION' ? 
r_symmetry_vdw_other         ?      ?      ? ?    'X-RAY DIFFRACTION' ? 
r_symmetry_hbond_refined     ?      ?      ? ?    'X-RAY DIFFRACTION' ? 
r_symmetry_hbond_other       ?      ?      ? ?    'X-RAY DIFFRACTION' ? 
r_symmetry_metal_ion_refined ?      ?      ? ?    'X-RAY DIFFRACTION' ? 
r_symmetry_metal_ion_other   ?      ?      ? ?    'X-RAY DIFFRACTION' ? 
r_mcbond_it                  ?      ?      ? ?    'X-RAY DIFFRACTION' ? 
r_mcbond_other               ?      ?      ? ?    'X-RAY DIFFRACTION' ? 
r_mcangle_it                 ?      ?      ? ?    'X-RAY DIFFRACTION' ? 
r_mcangle_other              ?      ?      ? ?    'X-RAY DIFFRACTION' ? 
r_scbond_it                  ?      ?      ? ?    'X-RAY DIFFRACTION' ? 
r_scbond_other               ?      ?      ? ?    'X-RAY DIFFRACTION' ? 
r_scangle_it                 ?      ?      ? ?    'X-RAY DIFFRACTION' ? 
r_scangle_other              ?      ?      ? ?    'X-RAY DIFFRACTION' ? 
r_long_range_B_refined       ?      ?      ? ?    'X-RAY DIFFRACTION' ? 
r_long_range_B_other         ?      ?      ? ?    'X-RAY DIFFRACTION' ? 
r_rigid_bond_restr           ?      ?      ? ?    'X-RAY DIFFRACTION' ? 
r_sphericity_free            ?      ?      ? ?    'X-RAY DIFFRACTION' ? 
r_sphericity_bonded          ?      ?      ? ?    'X-RAY DIFFRACTION' ? 
# 
_refine_ls_shell.pdbx_refine_id                   'X-RAY DIFFRACTION' 
_refine_ls_shell.pdbx_total_number_of_bins_used   20 
_refine_ls_shell.d_res_high                       2.351 
_refine_ls_shell.d_res_low                        2.412 
_refine_ls_shell.number_reflns_R_work             266 
_refine_ls_shell.R_factor_R_work                  0.196 
_refine_ls_shell.percent_reflns_obs               100.00 
_refine_ls_shell.R_factor_R_free                  0.312 
_refine_ls_shell.R_factor_R_free_error            ? 
_refine_ls_shell.percent_reflns_R_free            ? 
_refine_ls_shell.number_reflns_R_free             14 
_refine_ls_shell.number_reflns_all                ? 
_refine_ls_shell.R_factor_all                     ? 
# 
_struct.entry_id                  4B6W 
_struct.title                     'Architecture of Trypanosoma brucei Tubulin-Binding cofactor B' 
_struct.pdbx_model_details        ? 
_struct.pdbx_CASP_flag            ? 
_struct.pdbx_model_type_details   ? 
# 
_struct_keywords.entry_id        4B6W 
_struct_keywords.pdbx_keywords   CHAPERONE 
_struct_keywords.text            'CHAPERONE, CAP-GLY, UBIQUITIN-LIKE' 
# 
loop_
_struct_asym.id 
_struct_asym.pdbx_blank_PDB_chainid_flag 
_struct_asym.pdbx_modified 
_struct_asym.entity_id 
_struct_asym.details 
A N N 1 ? 
B N N 2 ? 
C N N 3 ? 
# 
_struct_ref.id                         1 
_struct_ref.db_name                    UNP 
_struct_ref.db_code                    Q388K4_TRYB2 
_struct_ref.entity_id                  1 
_struct_ref.pdbx_seq_one_letter_code   ? 
_struct_ref.pdbx_align_begin           ? 
_struct_ref.pdbx_db_accession          Q388K4 
_struct_ref.pdbx_db_isoform            ? 
# 
_struct_ref_seq.align_id                      1 
_struct_ref_seq.ref_id                        1 
_struct_ref_seq.pdbx_PDB_id_code              4B6W 
_struct_ref_seq.pdbx_strand_id                A 
_struct_ref_seq.seq_align_beg                 1 
_struct_ref_seq.pdbx_seq_align_beg_ins_code   ? 
_struct_ref_seq.seq_align_end                 86 
_struct_ref_seq.pdbx_seq_align_end_ins_code   ? 
_struct_ref_seq.pdbx_db_accession             Q388K4 
_struct_ref_seq.db_align_beg                  2 
_struct_ref_seq.pdbx_db_align_beg_ins_code    ? 
_struct_ref_seq.db_align_end                  87 
_struct_ref_seq.pdbx_db_align_end_ins_code    ? 
_struct_ref_seq.pdbx_auth_seq_align_beg       2 
_struct_ref_seq.pdbx_auth_seq_align_end       87 
# 
_pdbx_struct_assembly.id                   1 
_pdbx_struct_assembly.details              author_and_software_defined_assembly 
_pdbx_struct_assembly.method_details       PISA 
_pdbx_struct_assembly.oligomeric_details   monomeric 
_pdbx_struct_assembly.oligomeric_count     1 
# 
_pdbx_struct_assembly_gen.assembly_id       1 
_pdbx_struct_assembly_gen.oper_expression   1 
_pdbx_struct_assembly_gen.asym_id_list      A,B,C 
# 
_pdbx_struct_oper_list.id                   1 
_pdbx_struct_oper_list.type                 'identity operation' 
_pdbx_struct_oper_list.name                 1_555 
_pdbx_struct_oper_list.symmetry_operation   x,y,z 
_pdbx_struct_oper_list.matrix[1][1]         1.0000000000 
_pdbx_struct_oper_list.matrix[1][2]         0.0000000000 
_pdbx_struct_oper_list.matrix[1][3]         0.0000000000 
_pdbx_struct_oper_list.vector[1]            0.0000000000 
_pdbx_struct_oper_list.matrix[2][1]         0.0000000000 
_pdbx_struct_oper_list.matrix[2][2]         1.0000000000 
_pdbx_struct_oper_list.matrix[2][3]         0.0000000000 
_pdbx_struct_oper_list.vector[2]            0.0000000000 
_pdbx_struct_oper_list.matrix[3][1]         0.0000000000 
_pdbx_struct_oper_list.matrix[3][2]         0.0000000000 
_pdbx_struct_oper_list.matrix[3][3]         1.0000000000 
_pdbx_struct_oper_list.vector[3]            0.0000000000 
# 
_struct_biol.id   1 
# 
loop_
_struct_conf.conf_type_id 
_struct_conf.id 
_struct_conf.pdbx_PDB_helix_id 
_struct_conf.beg_label_comp_id 
_struct_conf.beg_label_asym_id 
_struct_conf.beg_label_seq_id 
_struct_conf.pdbx_beg_PDB_ins_code 
_struct_conf.end_label_comp_id 
_struct_conf.end_label_asym_id 
_struct_conf.end_label_seq_id 
_struct_conf.pdbx_end_PDB_ins_code 
_struct_conf.beg_auth_comp_id 
_struct_conf.beg_auth_asym_id 
_struct_conf.beg_auth_seq_id 
_struct_conf.end_auth_comp_id 
_struct_conf.end_auth_asym_id 
_struct_conf.end_auth_seq_id 
_struct_conf.pdbx_PDB_helix_class 
_struct_conf.details 
_struct_conf.pdbx_PDB_helix_length 
HELX_P HELX_P1 1 THR A 26 ? THR A 36 ? THR A 27 THR A 37 1 ? 11 
HELX_P HELX_P2 2 PRO A 41 ? GLU A 43 ? PRO A 42 GLU A 44 5 ? 3  
HELX_P HELX_P3 3 LEU A 67 ? GLN A 71 ? LEU A 68 GLN A 72 5 ? 5  
# 
_struct_conf_type.id          HELX_P 
_struct_conf_type.criteria    ? 
_struct_conf_type.reference   ? 
# 
loop_
_struct_conn.id 
_struct_conn.conn_type_id 
_struct_conn.pdbx_leaving_atom_flag 
_struct_conn.pdbx_PDB_id 
_struct_conn.ptnr1_label_asym_id 
_struct_conn.ptnr1_label_comp_id 
_struct_conn.ptnr1_label_seq_id 
_struct_conn.ptnr1_label_atom_id 
_struct_conn.pdbx_ptnr1_label_alt_id 
_struct_conn.pdbx_ptnr1_PDB_ins_code 
_struct_conn.pdbx_ptnr1_standard_comp_id 
_struct_conn.ptnr1_symmetry 
_struct_conn.ptnr2_label_asym_id 
_struct_conn.ptnr2_label_comp_id 
_struct_conn.ptnr2_label_seq_id 
_struct_conn.ptnr2_label_atom_id 
_struct_conn.pdbx_ptnr2_label_alt_id 
_struct_conn.pdbx_ptnr2_PDB_ins_code 
_struct_conn.ptnr1_auth_asym_id 
_struct_conn.ptnr1_auth_comp_id 
_struct_conn.ptnr1_auth_seq_id 
_struct_conn.ptnr2_auth_asym_id 
_struct_conn.ptnr2_auth_comp_id 
_struct_conn.ptnr2_auth_seq_id 
_struct_conn.ptnr2_symmetry 
_struct_conn.pdbx_ptnr3_label_atom_id 
_struct_conn.pdbx_ptnr3_label_seq_id 
_struct_conn.pdbx_ptnr3_label_comp_id 
_struct_conn.pdbx_ptnr3_label_asym_id 
_struct_conn.pdbx_ptnr3_label_alt_id 
_struct_conn.pdbx_ptnr3_PDB_ins_code 
_struct_conn.details 
_struct_conn.pdbx_dist_value 
_struct_conn.pdbx_value_order 
_struct_conn.pdbx_role 
covale1 covale both ? A ARG 13 C ? ? ? 1_555 A MSE 14 N A ? A ARG 14 A MSE 15 1_555 ? ? ? ? ? ? ? 1.328 ? ? 
covale2 covale both ? A ARG 13 C ? ? ? 1_555 A MSE 14 N B ? A ARG 14 A MSE 15 1_555 ? ? ? ? ? ? ? 1.340 ? ? 
covale3 covale both ? A MSE 14 C A ? ? 1_555 A ARG 15 N A ? A MSE 15 A ARG 16 1_555 ? ? ? ? ? ? ? 1.332 ? ? 
covale4 covale both ? A MSE 14 C B ? ? 1_555 A ARG 15 N B ? A MSE 15 A ARG 16 1_555 ? ? ? ? ? ? ? 1.333 ? ? 
covale5 covale both ? A TYR 44 C ? ? ? 1_555 A MSE 45 N ? ? A TYR 45 A MSE 46 1_555 ? ? ? ? ? ? ? 1.334 ? ? 
covale6 covale both ? A MSE 45 C ? ? ? 1_555 A GLN 46 N ? ? A MSE 46 A GLN 47 1_555 ? ? ? ? ? ? ? 1.329 ? ? 
covale7 covale both ? A ASN 60 C ? ? ? 1_555 A MSE 61 N ? ? A ASN 61 A MSE 62 1_555 ? ? ? ? ? ? ? 1.324 ? ? 
covale8 covale both ? A MSE 61 C ? ? ? 1_555 A ALA 62 N ? ? A MSE 62 A ALA 63 1_555 ? ? ? ? ? ? ? 1.325 ? ? 
# 
_struct_conn_type.id          covale 
_struct_conn_type.criteria    ? 
_struct_conn_type.reference   ? 
# 
loop_
_pdbx_modification_feature.ordinal 
_pdbx_modification_feature.label_comp_id 
_pdbx_modification_feature.label_asym_id 
_pdbx_modification_feature.label_seq_id 
_pdbx_modification_feature.label_alt_id 
_pdbx_modification_feature.modified_residue_label_comp_id 
_pdbx_modification_feature.modified_residue_label_asym_id 
_pdbx_modification_feature.modified_residue_label_seq_id 
_pdbx_modification_feature.modified_residue_label_alt_id 
_pdbx_modification_feature.auth_comp_id 
_pdbx_modification_feature.auth_asym_id 
_pdbx_modification_feature.auth_seq_id 
_pdbx_modification_feature.PDB_ins_code 
_pdbx_modification_feature.symmetry 
_pdbx_modification_feature.modified_residue_auth_comp_id 
_pdbx_modification_feature.modified_residue_auth_asym_id 
_pdbx_modification_feature.modified_residue_auth_seq_id 
_pdbx_modification_feature.modified_residue_PDB_ins_code 
_pdbx_modification_feature.modified_residue_symmetry 
_pdbx_modification_feature.comp_id_linking_atom 
_pdbx_modification_feature.modified_residue_id_linking_atom 
_pdbx_modification_feature.modified_residue_id 
_pdbx_modification_feature.ref_pcm_id 
_pdbx_modification_feature.ref_comp_id 
_pdbx_modification_feature.type 
_pdbx_modification_feature.category 
1 MSE A 14 A . . . . MSE A 15 ? 1_555 . . . . . . . MET 1 MSE Selenomethionine 'Named protein modification' 
2 MSE A 14 B . . . . MSE A 15 ? 1_555 . . . . . . . MET 1 MSE Selenomethionine 'Named protein modification' 
3 MSE A 45 ? . . . . MSE A 46 ? 1_555 . . . . . . . MET 1 MSE Selenomethionine 'Named protein modification' 
4 MSE A 61 ? . . . . MSE A 62 ? 1_555 . . . . . . . MET 1 MSE Selenomethionine 'Named protein modification' 
# 
_struct_sheet.id               AA 
_struct_sheet.type             ? 
_struct_sheet.number_strands   5 
_struct_sheet.details          ? 
# 
loop_
_struct_sheet_order.sheet_id 
_struct_sheet_order.range_id_1 
_struct_sheet_order.range_id_2 
_struct_sheet_order.offset 
_struct_sheet_order.sense 
AA 1 2 ? anti-parallel 
AA 2 3 ? parallel      
AA 3 4 ? anti-parallel 
AA 4 5 ? anti-parallel 
# 
loop_
_struct_sheet_range.sheet_id 
_struct_sheet_range.id 
_struct_sheet_range.beg_label_comp_id 
_struct_sheet_range.beg_label_asym_id 
_struct_sheet_range.beg_label_seq_id 
_struct_sheet_range.pdbx_beg_PDB_ins_code 
_struct_sheet_range.end_label_comp_id 
_struct_sheet_range.end_label_asym_id 
_struct_sheet_range.end_label_seq_id 
_struct_sheet_range.pdbx_end_PDB_ins_code 
_struct_sheet_range.beg_auth_comp_id 
_struct_sheet_range.beg_auth_asym_id 
_struct_sheet_range.beg_auth_seq_id 
_struct_sheet_range.end_auth_comp_id 
_struct_sheet_range.end_auth_asym_id 
_struct_sheet_range.end_auth_seq_id 
AA 1 VAL A 16 ? GLY A 22 ? VAL A 17 GLY A 23 
AA 2 VAL A 2  ? HIS A 9  ? VAL A 3  HIS A 10 
AA 3 VAL A 77 ? ASP A 82 ? VAL A 78 ASP A 83 
AA 4 MSE A 45 ? ILE A 50 ? MSE A 46 ILE A 51 
AA 5 THR A 56 ? GLU A 58 ? THR A 57 GLU A 59 
# 
loop_
_pdbx_struct_sheet_hbond.sheet_id 
_pdbx_struct_sheet_hbond.range_id_1 
_pdbx_struct_sheet_hbond.range_id_2 
_pdbx_struct_sheet_hbond.range_1_label_atom_id 
_pdbx_struct_sheet_hbond.range_1_label_comp_id 
_pdbx_struct_sheet_hbond.range_1_label_asym_id 
_pdbx_struct_sheet_hbond.range_1_label_seq_id 
_pdbx_struct_sheet_hbond.range_1_PDB_ins_code 
_pdbx_struct_sheet_hbond.range_1_auth_atom_id 
_pdbx_struct_sheet_hbond.range_1_auth_comp_id 
_pdbx_struct_sheet_hbond.range_1_auth_asym_id 
_pdbx_struct_sheet_hbond.range_1_auth_seq_id 
_pdbx_struct_sheet_hbond.range_2_label_atom_id 
_pdbx_struct_sheet_hbond.range_2_label_comp_id 
_pdbx_struct_sheet_hbond.range_2_label_asym_id 
_pdbx_struct_sheet_hbond.range_2_label_seq_id 
_pdbx_struct_sheet_hbond.range_2_PDB_ins_code 
_pdbx_struct_sheet_hbond.range_2_auth_atom_id 
_pdbx_struct_sheet_hbond.range_2_auth_comp_id 
_pdbx_struct_sheet_hbond.range_2_auth_asym_id 
_pdbx_struct_sheet_hbond.range_2_auth_seq_id 
AA 1 2 N TYR A 21 ? N TYR A 22 O VAL A 3  ? O VAL A 4  
AA 2 3 N THR A 8  ? N THR A 9  O ILE A 78 ? O ILE A 79 
AA 3 4 N VAL A 81 ? N VAL A 82 O GLN A 46 ? O GLN A 47 
AA 4 5 O LEU A 49 ? O LEU A 50 N ILE A 57 ? N ILE A 58 
# 
_struct_site.id                   AC1 
_struct_site.pdbx_evidence_code   Software 
_struct_site.pdbx_auth_asym_id    A 
_struct_site.pdbx_auth_comp_id    EDO 
_struct_site.pdbx_auth_seq_id     1090 
_struct_site.pdbx_auth_ins_code   ? 
_struct_site.pdbx_num_residues    3 
_struct_site.details              'BINDING SITE FOR RESIDUE EDO A 1090' 
# 
loop_
_struct_site_gen.id 
_struct_site_gen.site_id 
_struct_site_gen.pdbx_num_res 
_struct_site_gen.label_comp_id 
_struct_site_gen.label_asym_id 
_struct_site_gen.label_seq_id 
_struct_site_gen.pdbx_auth_ins_code 
_struct_site_gen.auth_comp_id 
_struct_site_gen.auth_asym_id 
_struct_site_gen.auth_seq_id 
_struct_site_gen.label_atom_id 
_struct_site_gen.label_alt_id 
_struct_site_gen.symmetry 
_struct_site_gen.details 
1 AC1 3 THR A 36 ? THR A 37 . ? 1_555 ? 
2 AC1 3 HIS A 37 ? HIS A 38 . ? 1_555 ? 
3 AC1 3 PHE A 38 ? PHE A 39 . ? 1_555 ? 
# 
_pdbx_entry_details.entry_id                   4B6W 
_pdbx_entry_details.compound_details           ? 
_pdbx_entry_details.source_details             ? 
_pdbx_entry_details.nonpolymer_details         ? 
_pdbx_entry_details.sequence_details           'POLYPEPTIDE FOR CRYSTALLISATION GENERATED BY PROTEOLYSIS' 
_pdbx_entry_details.has_ligand_of_interest     ? 
_pdbx_entry_details.has_protein_modification   Y 
# 
loop_
_pdbx_validate_torsion.id 
_pdbx_validate_torsion.PDB_model_num 
_pdbx_validate_torsion.auth_comp_id 
_pdbx_validate_torsion.auth_asym_id 
_pdbx_validate_torsion.auth_seq_id 
_pdbx_validate_torsion.PDB_ins_code 
_pdbx_validate_torsion.label_alt_id 
_pdbx_validate_torsion.phi 
_pdbx_validate_torsion.psi 
1 1 ASN A 61 ? ? -159.37 84.71 
2 1 GLU A 76 ? ? 81.27   7.52  
# 
loop_
_pdbx_struct_mod_residue.id 
_pdbx_struct_mod_residue.label_asym_id 
_pdbx_struct_mod_residue.label_comp_id 
_pdbx_struct_mod_residue.label_seq_id 
_pdbx_struct_mod_residue.auth_asym_id 
_pdbx_struct_mod_residue.auth_comp_id 
_pdbx_struct_mod_residue.auth_seq_id 
_pdbx_struct_mod_residue.PDB_ins_code 
_pdbx_struct_mod_residue.parent_comp_id 
_pdbx_struct_mod_residue.details 
1 A MSE 14 A MSE 15 ? MET SELENOMETHIONINE 
2 A MSE 45 A MSE 46 ? MET SELENOMETHIONINE 
3 A MSE 61 A MSE 62 ? MET SELENOMETHIONINE 
# 
_pdbx_refine_tls.pdbx_refine_id   'X-RAY DIFFRACTION' 
_pdbx_refine_tls.id               1 
_pdbx_refine_tls.details          ? 
_pdbx_refine_tls.method           refined 
_pdbx_refine_tls.origin_x         0.7669 
_pdbx_refine_tls.origin_y         -0.2602 
_pdbx_refine_tls.origin_z         -0.0500 
_pdbx_refine_tls.T[1][1]          0.1377 
_pdbx_refine_tls.T[2][2]          0.0427 
_pdbx_refine_tls.T[3][3]          0.1694 
_pdbx_refine_tls.T[1][2]          -0.0025 
_pdbx_refine_tls.T[1][3]          0.0162 
_pdbx_refine_tls.T[2][3]          -0.0106 
_pdbx_refine_tls.L[1][1]          2.4278 
_pdbx_refine_tls.L[2][2]          2.3606 
_pdbx_refine_tls.L[3][3]          6.7689 
_pdbx_refine_tls.L[1][2]          -0.3992 
_pdbx_refine_tls.L[1][3]          1.2713 
_pdbx_refine_tls.L[2][3]          0.0310 
_pdbx_refine_tls.S[1][1]          0.0225 
_pdbx_refine_tls.S[1][2]          -0.1225 
_pdbx_refine_tls.S[1][3]          -0.0241 
_pdbx_refine_tls.S[2][1]          0.0164 
_pdbx_refine_tls.S[2][2]          0.0203 
_pdbx_refine_tls.S[2][3]          0.1031 
_pdbx_refine_tls.S[3][1]          0.1161 
_pdbx_refine_tls.S[3][2]          -0.1316 
_pdbx_refine_tls.S[3][3]          -0.0428 
# 
_pdbx_refine_tls_group.pdbx_refine_id      'X-RAY DIFFRACTION' 
_pdbx_refine_tls_group.id                  1 
_pdbx_refine_tls_group.refine_tls_id       1 
_pdbx_refine_tls_group.beg_auth_asym_id    A 
_pdbx_refine_tls_group.beg_auth_seq_id     2 
_pdbx_refine_tls_group.beg_label_asym_id   ? 
_pdbx_refine_tls_group.beg_label_seq_id    ? 
_pdbx_refine_tls_group.end_auth_asym_id    A 
_pdbx_refine_tls_group.end_auth_seq_id     87 
_pdbx_refine_tls_group.end_label_asym_id   ? 
_pdbx_refine_tls_group.end_label_seq_id    ? 
_pdbx_refine_tls_group.selection           ? 
_pdbx_refine_tls_group.selection_details   ? 
# 
loop_
_chem_comp_atom.comp_id 
_chem_comp_atom.atom_id 
_chem_comp_atom.type_symbol 
_chem_comp_atom.pdbx_aromatic_flag 
_chem_comp_atom.pdbx_stereo_config 
_chem_comp_atom.pdbx_ordinal 
ALA N    N  N N 1   
ALA CA   C  N S 2   
ALA C    C  N N 3   
ALA O    O  N N 4   
ALA CB   C  N N 5   
ALA OXT  O  N N 6   
ALA H    H  N N 7   
ALA H2   H  N N 8   
ALA HA   H  N N 9   
ALA HB1  H  N N 10  
ALA HB2  H  N N 11  
ALA HB3  H  N N 12  
ALA HXT  H  N N 13  
ARG N    N  N N 14  
ARG CA   C  N S 15  
ARG C    C  N N 16  
ARG O    O  N N 17  
ARG CB   C  N N 18  
ARG CG   C  N N 19  
ARG CD   C  N N 20  
ARG NE   N  N N 21  
ARG CZ   C  N N 22  
ARG NH1  N  N N 23  
ARG NH2  N  N N 24  
ARG OXT  O  N N 25  
ARG H    H  N N 26  
ARG H2   H  N N 27  
ARG HA   H  N N 28  
ARG HB2  H  N N 29  
ARG HB3  H  N N 30  
ARG HG2  H  N N 31  
ARG HG3  H  N N 32  
ARG HD2  H  N N 33  
ARG HD3  H  N N 34  
ARG HE   H  N N 35  
ARG HH11 H  N N 36  
ARG HH12 H  N N 37  
ARG HH21 H  N N 38  
ARG HH22 H  N N 39  
ARG HXT  H  N N 40  
ASN N    N  N N 41  
ASN CA   C  N S 42  
ASN C    C  N N 43  
ASN O    O  N N 44  
ASN CB   C  N N 45  
ASN CG   C  N N 46  
ASN OD1  O  N N 47  
ASN ND2  N  N N 48  
ASN OXT  O  N N 49  
ASN H    H  N N 50  
ASN H2   H  N N 51  
ASN HA   H  N N 52  
ASN HB2  H  N N 53  
ASN HB3  H  N N 54  
ASN HD21 H  N N 55  
ASN HD22 H  N N 56  
ASN HXT  H  N N 57  
ASP N    N  N N 58  
ASP CA   C  N S 59  
ASP C    C  N N 60  
ASP O    O  N N 61  
ASP CB   C  N N 62  
ASP CG   C  N N 63  
ASP OD1  O  N N 64  
ASP OD2  O  N N 65  
ASP OXT  O  N N 66  
ASP H    H  N N 67  
ASP H2   H  N N 68  
ASP HA   H  N N 69  
ASP HB2  H  N N 70  
ASP HB3  H  N N 71  
ASP HD2  H  N N 72  
ASP HXT  H  N N 73  
CYS N    N  N N 74  
CYS CA   C  N R 75  
CYS C    C  N N 76  
CYS O    O  N N 77  
CYS CB   C  N N 78  
CYS SG   S  N N 79  
CYS OXT  O  N N 80  
CYS H    H  N N 81  
CYS H2   H  N N 82  
CYS HA   H  N N 83  
CYS HB2  H  N N 84  
CYS HB3  H  N N 85  
CYS HG   H  N N 86  
CYS HXT  H  N N 87  
EDO C1   C  N N 88  
EDO O1   O  N N 89  
EDO C2   C  N N 90  
EDO O2   O  N N 91  
EDO H11  H  N N 92  
EDO H12  H  N N 93  
EDO HO1  H  N N 94  
EDO H21  H  N N 95  
EDO H22  H  N N 96  
EDO HO2  H  N N 97  
GLN N    N  N N 98  
GLN CA   C  N S 99  
GLN C    C  N N 100 
GLN O    O  N N 101 
GLN CB   C  N N 102 
GLN CG   C  N N 103 
GLN CD   C  N N 104 
GLN OE1  O  N N 105 
GLN NE2  N  N N 106 
GLN OXT  O  N N 107 
GLN H    H  N N 108 
GLN H2   H  N N 109 
GLN HA   H  N N 110 
GLN HB2  H  N N 111 
GLN HB3  H  N N 112 
GLN HG2  H  N N 113 
GLN HG3  H  N N 114 
GLN HE21 H  N N 115 
GLN HE22 H  N N 116 
GLN HXT  H  N N 117 
GLU N    N  N N 118 
GLU CA   C  N S 119 
GLU C    C  N N 120 
GLU O    O  N N 121 
GLU CB   C  N N 122 
GLU CG   C  N N 123 
GLU CD   C  N N 124 
GLU OE1  O  N N 125 
GLU OE2  O  N N 126 
GLU OXT  O  N N 127 
GLU H    H  N N 128 
GLU H2   H  N N 129 
GLU HA   H  N N 130 
GLU HB2  H  N N 131 
GLU HB3  H  N N 132 
GLU HG2  H  N N 133 
GLU HG3  H  N N 134 
GLU HE2  H  N N 135 
GLU HXT  H  N N 136 
GLY N    N  N N 137 
GLY CA   C  N N 138 
GLY C    C  N N 139 
GLY O    O  N N 140 
GLY OXT  O  N N 141 
GLY H    H  N N 142 
GLY H2   H  N N 143 
GLY HA2  H  N N 144 
GLY HA3  H  N N 145 
GLY HXT  H  N N 146 
HIS N    N  N N 147 
HIS CA   C  N S 148 
HIS C    C  N N 149 
HIS O    O  N N 150 
HIS CB   C  N N 151 
HIS CG   C  Y N 152 
HIS ND1  N  Y N 153 
HIS CD2  C  Y N 154 
HIS CE1  C  Y N 155 
HIS NE2  N  Y N 156 
HIS OXT  O  N N 157 
HIS H    H  N N 158 
HIS H2   H  N N 159 
HIS HA   H  N N 160 
HIS HB2  H  N N 161 
HIS HB3  H  N N 162 
HIS HD1  H  N N 163 
HIS HD2  H  N N 164 
HIS HE1  H  N N 165 
HIS HE2  H  N N 166 
HIS HXT  H  N N 167 
HOH O    O  N N 168 
HOH H1   H  N N 169 
HOH H2   H  N N 170 
ILE N    N  N N 171 
ILE CA   C  N S 172 
ILE C    C  N N 173 
ILE O    O  N N 174 
ILE CB   C  N S 175 
ILE CG1  C  N N 176 
ILE CG2  C  N N 177 
ILE CD1  C  N N 178 
ILE OXT  O  N N 179 
ILE H    H  N N 180 
ILE H2   H  N N 181 
ILE HA   H  N N 182 
ILE HB   H  N N 183 
ILE HG12 H  N N 184 
ILE HG13 H  N N 185 
ILE HG21 H  N N 186 
ILE HG22 H  N N 187 
ILE HG23 H  N N 188 
ILE HD11 H  N N 189 
ILE HD12 H  N N 190 
ILE HD13 H  N N 191 
ILE HXT  H  N N 192 
LEU N    N  N N 193 
LEU CA   C  N S 194 
LEU C    C  N N 195 
LEU O    O  N N 196 
LEU CB   C  N N 197 
LEU CG   C  N N 198 
LEU CD1  C  N N 199 
LEU CD2  C  N N 200 
LEU OXT  O  N N 201 
LEU H    H  N N 202 
LEU H2   H  N N 203 
LEU HA   H  N N 204 
LEU HB2  H  N N 205 
LEU HB3  H  N N 206 
LEU HG   H  N N 207 
LEU HD11 H  N N 208 
LEU HD12 H  N N 209 
LEU HD13 H  N N 210 
LEU HD21 H  N N 211 
LEU HD22 H  N N 212 
LEU HD23 H  N N 213 
LEU HXT  H  N N 214 
LYS N    N  N N 215 
LYS CA   C  N S 216 
LYS C    C  N N 217 
LYS O    O  N N 218 
LYS CB   C  N N 219 
LYS CG   C  N N 220 
LYS CD   C  N N 221 
LYS CE   C  N N 222 
LYS NZ   N  N N 223 
LYS OXT  O  N N 224 
LYS H    H  N N 225 
LYS H2   H  N N 226 
LYS HA   H  N N 227 
LYS HB2  H  N N 228 
LYS HB3  H  N N 229 
LYS HG2  H  N N 230 
LYS HG3  H  N N 231 
LYS HD2  H  N N 232 
LYS HD3  H  N N 233 
LYS HE2  H  N N 234 
LYS HE3  H  N N 235 
LYS HZ1  H  N N 236 
LYS HZ2  H  N N 237 
LYS HZ3  H  N N 238 
LYS HXT  H  N N 239 
MSE N    N  N N 240 
MSE CA   C  N S 241 
MSE C    C  N N 242 
MSE O    O  N N 243 
MSE OXT  O  N N 244 
MSE CB   C  N N 245 
MSE CG   C  N N 246 
MSE SE   SE N N 247 
MSE CE   C  N N 248 
MSE H    H  N N 249 
MSE H2   H  N N 250 
MSE HA   H  N N 251 
MSE HXT  H  N N 252 
MSE HB2  H  N N 253 
MSE HB3  H  N N 254 
MSE HG2  H  N N 255 
MSE HG3  H  N N 256 
MSE HE1  H  N N 257 
MSE HE2  H  N N 258 
MSE HE3  H  N N 259 
PHE N    N  N N 260 
PHE CA   C  N S 261 
PHE C    C  N N 262 
PHE O    O  N N 263 
PHE CB   C  N N 264 
PHE CG   C  Y N 265 
PHE CD1  C  Y N 266 
PHE CD2  C  Y N 267 
PHE CE1  C  Y N 268 
PHE CE2  C  Y N 269 
PHE CZ   C  Y N 270 
PHE OXT  O  N N 271 
PHE H    H  N N 272 
PHE H2   H  N N 273 
PHE HA   H  N N 274 
PHE HB2  H  N N 275 
PHE HB3  H  N N 276 
PHE HD1  H  N N 277 
PHE HD2  H  N N 278 
PHE HE1  H  N N 279 
PHE HE2  H  N N 280 
PHE HZ   H  N N 281 
PHE HXT  H  N N 282 
PRO N    N  N N 283 
PRO CA   C  N S 284 
PRO C    C  N N 285 
PRO O    O  N N 286 
PRO CB   C  N N 287 
PRO CG   C  N N 288 
PRO CD   C  N N 289 
PRO OXT  O  N N 290 
PRO H    H  N N 291 
PRO HA   H  N N 292 
PRO HB2  H  N N 293 
PRO HB3  H  N N 294 
PRO HG2  H  N N 295 
PRO HG3  H  N N 296 
PRO HD2  H  N N 297 
PRO HD3  H  N N 298 
PRO HXT  H  N N 299 
SER N    N  N N 300 
SER CA   C  N S 301 
SER C    C  N N 302 
SER O    O  N N 303 
SER CB   C  N N 304 
SER OG   O  N N 305 
SER OXT  O  N N 306 
SER H    H  N N 307 
SER H2   H  N N 308 
SER HA   H  N N 309 
SER HB2  H  N N 310 
SER HB3  H  N N 311 
SER HG   H  N N 312 
SER HXT  H  N N 313 
THR N    N  N N 314 
THR CA   C  N S 315 
THR C    C  N N 316 
THR O    O  N N 317 
THR CB   C  N R 318 
THR OG1  O  N N 319 
THR CG2  C  N N 320 
THR OXT  O  N N 321 
THR H    H  N N 322 
THR H2   H  N N 323 
THR HA   H  N N 324 
THR HB   H  N N 325 
THR HG1  H  N N 326 
THR HG21 H  N N 327 
THR HG22 H  N N 328 
THR HG23 H  N N 329 
THR HXT  H  N N 330 
TYR N    N  N N 331 
TYR CA   C  N S 332 
TYR C    C  N N 333 
TYR O    O  N N 334 
TYR CB   C  N N 335 
TYR CG   C  Y N 336 
TYR CD1  C  Y N 337 
TYR CD2  C  Y N 338 
TYR CE1  C  Y N 339 
TYR CE2  C  Y N 340 
TYR CZ   C  Y N 341 
TYR OH   O  N N 342 
TYR OXT  O  N N 343 
TYR H    H  N N 344 
TYR H2   H  N N 345 
TYR HA   H  N N 346 
TYR HB2  H  N N 347 
TYR HB3  H  N N 348 
TYR HD1  H  N N 349 
TYR HD2  H  N N 350 
TYR HE1  H  N N 351 
TYR HE2  H  N N 352 
TYR HH   H  N N 353 
TYR HXT  H  N N 354 
VAL N    N  N N 355 
VAL CA   C  N S 356 
VAL C    C  N N 357 
VAL O    O  N N 358 
VAL CB   C  N N 359 
VAL CG1  C  N N 360 
VAL CG2  C  N N 361 
VAL OXT  O  N N 362 
VAL H    H  N N 363 
VAL H2   H  N N 364 
VAL HA   H  N N 365 
VAL HB   H  N N 366 
VAL HG11 H  N N 367 
VAL HG12 H  N N 368 
VAL HG13 H  N N 369 
VAL HG21 H  N N 370 
VAL HG22 H  N N 371 
VAL HG23 H  N N 372 
VAL HXT  H  N N 373 
# 
loop_
_chem_comp_bond.comp_id 
_chem_comp_bond.atom_id_1 
_chem_comp_bond.atom_id_2 
_chem_comp_bond.value_order 
_chem_comp_bond.pdbx_aromatic_flag 
_chem_comp_bond.pdbx_stereo_config 
_chem_comp_bond.pdbx_ordinal 
ALA N   CA   sing N N 1   
ALA N   H    sing N N 2   
ALA N   H2   sing N N 3   
ALA CA  C    sing N N 4   
ALA CA  CB   sing N N 5   
ALA CA  HA   sing N N 6   
ALA C   O    doub N N 7   
ALA C   OXT  sing N N 8   
ALA CB  HB1  sing N N 9   
ALA CB  HB2  sing N N 10  
ALA CB  HB3  sing N N 11  
ALA OXT HXT  sing N N 12  
ARG N   CA   sing N N 13  
ARG N   H    sing N N 14  
ARG N   H2   sing N N 15  
ARG CA  C    sing N N 16  
ARG CA  CB   sing N N 17  
ARG CA  HA   sing N N 18  
ARG C   O    doub N N 19  
ARG C   OXT  sing N N 20  
ARG CB  CG   sing N N 21  
ARG CB  HB2  sing N N 22  
ARG CB  HB3  sing N N 23  
ARG CG  CD   sing N N 24  
ARG CG  HG2  sing N N 25  
ARG CG  HG3  sing N N 26  
ARG CD  NE   sing N N 27  
ARG CD  HD2  sing N N 28  
ARG CD  HD3  sing N N 29  
ARG NE  CZ   sing N N 30  
ARG NE  HE   sing N N 31  
ARG CZ  NH1  sing N N 32  
ARG CZ  NH2  doub N N 33  
ARG NH1 HH11 sing N N 34  
ARG NH1 HH12 sing N N 35  
ARG NH2 HH21 sing N N 36  
ARG NH2 HH22 sing N N 37  
ARG OXT HXT  sing N N 38  
ASN N   CA   sing N N 39  
ASN N   H    sing N N 40  
ASN N   H2   sing N N 41  
ASN CA  C    sing N N 42  
ASN CA  CB   sing N N 43  
ASN CA  HA   sing N N 44  
ASN C   O    doub N N 45  
ASN C   OXT  sing N N 46  
ASN CB  CG   sing N N 47  
ASN CB  HB2  sing N N 48  
ASN CB  HB3  sing N N 49  
ASN CG  OD1  doub N N 50  
ASN CG  ND2  sing N N 51  
ASN ND2 HD21 sing N N 52  
ASN ND2 HD22 sing N N 53  
ASN OXT HXT  sing N N 54  
ASP N   CA   sing N N 55  
ASP N   H    sing N N 56  
ASP N   H2   sing N N 57  
ASP CA  C    sing N N 58  
ASP CA  CB   sing N N 59  
ASP CA  HA   sing N N 60  
ASP C   O    doub N N 61  
ASP C   OXT  sing N N 62  
ASP CB  CG   sing N N 63  
ASP CB  HB2  sing N N 64  
ASP CB  HB3  sing N N 65  
ASP CG  OD1  doub N N 66  
ASP CG  OD2  sing N N 67  
ASP OD2 HD2  sing N N 68  
ASP OXT HXT  sing N N 69  
CYS N   CA   sing N N 70  
CYS N   H    sing N N 71  
CYS N   H2   sing N N 72  
CYS CA  C    sing N N 73  
CYS CA  CB   sing N N 74  
CYS CA  HA   sing N N 75  
CYS C   O    doub N N 76  
CYS C   OXT  sing N N 77  
CYS CB  SG   sing N N 78  
CYS CB  HB2  sing N N 79  
CYS CB  HB3  sing N N 80  
CYS SG  HG   sing N N 81  
CYS OXT HXT  sing N N 82  
EDO C1  O1   sing N N 83  
EDO C1  C2   sing N N 84  
EDO C1  H11  sing N N 85  
EDO C1  H12  sing N N 86  
EDO O1  HO1  sing N N 87  
EDO C2  O2   sing N N 88  
EDO C2  H21  sing N N 89  
EDO C2  H22  sing N N 90  
EDO O2  HO2  sing N N 91  
GLN N   CA   sing N N 92  
GLN N   H    sing N N 93  
GLN N   H2   sing N N 94  
GLN CA  C    sing N N 95  
GLN CA  CB   sing N N 96  
GLN CA  HA   sing N N 97  
GLN C   O    doub N N 98  
GLN C   OXT  sing N N 99  
GLN CB  CG   sing N N 100 
GLN CB  HB2  sing N N 101 
GLN CB  HB3  sing N N 102 
GLN CG  CD   sing N N 103 
GLN CG  HG2  sing N N 104 
GLN CG  HG3  sing N N 105 
GLN CD  OE1  doub N N 106 
GLN CD  NE2  sing N N 107 
GLN NE2 HE21 sing N N 108 
GLN NE2 HE22 sing N N 109 
GLN OXT HXT  sing N N 110 
GLU N   CA   sing N N 111 
GLU N   H    sing N N 112 
GLU N   H2   sing N N 113 
GLU CA  C    sing N N 114 
GLU CA  CB   sing N N 115 
GLU CA  HA   sing N N 116 
GLU C   O    doub N N 117 
GLU C   OXT  sing N N 118 
GLU CB  CG   sing N N 119 
GLU CB  HB2  sing N N 120 
GLU CB  HB3  sing N N 121 
GLU CG  CD   sing N N 122 
GLU CG  HG2  sing N N 123 
GLU CG  HG3  sing N N 124 
GLU CD  OE1  doub N N 125 
GLU CD  OE2  sing N N 126 
GLU OE2 HE2  sing N N 127 
GLU OXT HXT  sing N N 128 
GLY N   CA   sing N N 129 
GLY N   H    sing N N 130 
GLY N   H2   sing N N 131 
GLY CA  C    sing N N 132 
GLY CA  HA2  sing N N 133 
GLY CA  HA3  sing N N 134 
GLY C   O    doub N N 135 
GLY C   OXT  sing N N 136 
GLY OXT HXT  sing N N 137 
HIS N   CA   sing N N 138 
HIS N   H    sing N N 139 
HIS N   H2   sing N N 140 
HIS CA  C    sing N N 141 
HIS CA  CB   sing N N 142 
HIS CA  HA   sing N N 143 
HIS C   O    doub N N 144 
HIS C   OXT  sing N N 145 
HIS CB  CG   sing N N 146 
HIS CB  HB2  sing N N 147 
HIS CB  HB3  sing N N 148 
HIS CG  ND1  sing Y N 149 
HIS CG  CD2  doub Y N 150 
HIS ND1 CE1  doub Y N 151 
HIS ND1 HD1  sing N N 152 
HIS CD2 NE2  sing Y N 153 
HIS CD2 HD2  sing N N 154 
HIS CE1 NE2  sing Y N 155 
HIS CE1 HE1  sing N N 156 
HIS NE2 HE2  sing N N 157 
HIS OXT HXT  sing N N 158 
HOH O   H1   sing N N 159 
HOH O   H2   sing N N 160 
ILE N   CA   sing N N 161 
ILE N   H    sing N N 162 
ILE N   H2   sing N N 163 
ILE CA  C    sing N N 164 
ILE CA  CB   sing N N 165 
ILE CA  HA   sing N N 166 
ILE C   O    doub N N 167 
ILE C   OXT  sing N N 168 
ILE CB  CG1  sing N N 169 
ILE CB  CG2  sing N N 170 
ILE CB  HB   sing N N 171 
ILE CG1 CD1  sing N N 172 
ILE CG1 HG12 sing N N 173 
ILE CG1 HG13 sing N N 174 
ILE CG2 HG21 sing N N 175 
ILE CG2 HG22 sing N N 176 
ILE CG2 HG23 sing N N 177 
ILE CD1 HD11 sing N N 178 
ILE CD1 HD12 sing N N 179 
ILE CD1 HD13 sing N N 180 
ILE OXT HXT  sing N N 181 
LEU N   CA   sing N N 182 
LEU N   H    sing N N 183 
LEU N   H2   sing N N 184 
LEU CA  C    sing N N 185 
LEU CA  CB   sing N N 186 
LEU CA  HA   sing N N 187 
LEU C   O    doub N N 188 
LEU C   OXT  sing N N 189 
LEU CB  CG   sing N N 190 
LEU CB  HB2  sing N N 191 
LEU CB  HB3  sing N N 192 
LEU CG  CD1  sing N N 193 
LEU CG  CD2  sing N N 194 
LEU CG  HG   sing N N 195 
LEU CD1 HD11 sing N N 196 
LEU CD1 HD12 sing N N 197 
LEU CD1 HD13 sing N N 198 
LEU CD2 HD21 sing N N 199 
LEU CD2 HD22 sing N N 200 
LEU CD2 HD23 sing N N 201 
LEU OXT HXT  sing N N 202 
LYS N   CA   sing N N 203 
LYS N   H    sing N N 204 
LYS N   H2   sing N N 205 
LYS CA  C    sing N N 206 
LYS CA  CB   sing N N 207 
LYS CA  HA   sing N N 208 
LYS C   O    doub N N 209 
LYS C   OXT  sing N N 210 
LYS CB  CG   sing N N 211 
LYS CB  HB2  sing N N 212 
LYS CB  HB3  sing N N 213 
LYS CG  CD   sing N N 214 
LYS CG  HG2  sing N N 215 
LYS CG  HG3  sing N N 216 
LYS CD  CE   sing N N 217 
LYS CD  HD2  sing N N 218 
LYS CD  HD3  sing N N 219 
LYS CE  NZ   sing N N 220 
LYS CE  HE2  sing N N 221 
LYS CE  HE3  sing N N 222 
LYS NZ  HZ1  sing N N 223 
LYS NZ  HZ2  sing N N 224 
LYS NZ  HZ3  sing N N 225 
LYS OXT HXT  sing N N 226 
MSE N   CA   sing N N 227 
MSE N   H    sing N N 228 
MSE N   H2   sing N N 229 
MSE CA  C    sing N N 230 
MSE CA  CB   sing N N 231 
MSE CA  HA   sing N N 232 
MSE C   O    doub N N 233 
MSE C   OXT  sing N N 234 
MSE OXT HXT  sing N N 235 
MSE CB  CG   sing N N 236 
MSE CB  HB2  sing N N 237 
MSE CB  HB3  sing N N 238 
MSE CG  SE   sing N N 239 
MSE CG  HG2  sing N N 240 
MSE CG  HG3  sing N N 241 
MSE SE  CE   sing N N 242 
MSE CE  HE1  sing N N 243 
MSE CE  HE2  sing N N 244 
MSE CE  HE3  sing N N 245 
PHE N   CA   sing N N 246 
PHE N   H    sing N N 247 
PHE N   H2   sing N N 248 
PHE CA  C    sing N N 249 
PHE CA  CB   sing N N 250 
PHE CA  HA   sing N N 251 
PHE C   O    doub N N 252 
PHE C   OXT  sing N N 253 
PHE CB  CG   sing N N 254 
PHE CB  HB2  sing N N 255 
PHE CB  HB3  sing N N 256 
PHE CG  CD1  doub Y N 257 
PHE CG  CD2  sing Y N 258 
PHE CD1 CE1  sing Y N 259 
PHE CD1 HD1  sing N N 260 
PHE CD2 CE2  doub Y N 261 
PHE CD2 HD2  sing N N 262 
PHE CE1 CZ   doub Y N 263 
PHE CE1 HE1  sing N N 264 
PHE CE2 CZ   sing Y N 265 
PHE CE2 HE2  sing N N 266 
PHE CZ  HZ   sing N N 267 
PHE OXT HXT  sing N N 268 
PRO N   CA   sing N N 269 
PRO N   CD   sing N N 270 
PRO N   H    sing N N 271 
PRO CA  C    sing N N 272 
PRO CA  CB   sing N N 273 
PRO CA  HA   sing N N 274 
PRO C   O    doub N N 275 
PRO C   OXT  sing N N 276 
PRO CB  CG   sing N N 277 
PRO CB  HB2  sing N N 278 
PRO CB  HB3  sing N N 279 
PRO CG  CD   sing N N 280 
PRO CG  HG2  sing N N 281 
PRO CG  HG3  sing N N 282 
PRO CD  HD2  sing N N 283 
PRO CD  HD3  sing N N 284 
PRO OXT HXT  sing N N 285 
SER N   CA   sing N N 286 
SER N   H    sing N N 287 
SER N   H2   sing N N 288 
SER CA  C    sing N N 289 
SER CA  CB   sing N N 290 
SER CA  HA   sing N N 291 
SER C   O    doub N N 292 
SER C   OXT  sing N N 293 
SER CB  OG   sing N N 294 
SER CB  HB2  sing N N 295 
SER CB  HB3  sing N N 296 
SER OG  HG   sing N N 297 
SER OXT HXT  sing N N 298 
THR N   CA   sing N N 299 
THR N   H    sing N N 300 
THR N   H2   sing N N 301 
THR CA  C    sing N N 302 
THR CA  CB   sing N N 303 
THR CA  HA   sing N N 304 
THR C   O    doub N N 305 
THR C   OXT  sing N N 306 
THR CB  OG1  sing N N 307 
THR CB  CG2  sing N N 308 
THR CB  HB   sing N N 309 
THR OG1 HG1  sing N N 310 
THR CG2 HG21 sing N N 311 
THR CG2 HG22 sing N N 312 
THR CG2 HG23 sing N N 313 
THR OXT HXT  sing N N 314 
TYR N   CA   sing N N 315 
TYR N   H    sing N N 316 
TYR N   H2   sing N N 317 
TYR CA  C    sing N N 318 
TYR CA  CB   sing N N 319 
TYR CA  HA   sing N N 320 
TYR C   O    doub N N 321 
TYR C   OXT  sing N N 322 
TYR CB  CG   sing N N 323 
TYR CB  HB2  sing N N 324 
TYR CB  HB3  sing N N 325 
TYR CG  CD1  doub Y N 326 
TYR CG  CD2  sing Y N 327 
TYR CD1 CE1  sing Y N 328 
TYR CD1 HD1  sing N N 329 
TYR CD2 CE2  doub Y N 330 
TYR CD2 HD2  sing N N 331 
TYR CE1 CZ   doub Y N 332 
TYR CE1 HE1  sing N N 333 
TYR CE2 CZ   sing Y N 334 
TYR CE2 HE2  sing N N 335 
TYR CZ  OH   sing N N 336 
TYR OH  HH   sing N N 337 
TYR OXT HXT  sing N N 338 
VAL N   CA   sing N N 339 
VAL N   H    sing N N 340 
VAL N   H2   sing N N 341 
VAL CA  C    sing N N 342 
VAL CA  CB   sing N N 343 
VAL CA  HA   sing N N 344 
VAL C   O    doub N N 345 
VAL C   OXT  sing N N 346 
VAL CB  CG1  sing N N 347 
VAL CB  CG2  sing N N 348 
VAL CB  HB   sing N N 349 
VAL CG1 HG11 sing N N 350 
VAL CG1 HG12 sing N N 351 
VAL CG1 HG13 sing N N 352 
VAL CG2 HG21 sing N N 353 
VAL CG2 HG22 sing N N 354 
VAL CG2 HG23 sing N N 355 
VAL OXT HXT  sing N N 356 
# 
_atom_sites.entry_id                    4B6W 
_atom_sites.fract_transf_matrix[1][1]   0.00313134 
_atom_sites.fract_transf_matrix[1][2]   0.01938398 
_atom_sites.fract_transf_matrix[1][3]   -0.00038271 
_atom_sites.fract_transf_matrix[2][1]   0.01922898 
_atom_sites.fract_transf_matrix[2][2]   -0.00315460 
_atom_sites.fract_transf_matrix[2][3]   -0.00244649 
_atom_sites.fract_transf_matrix[3][1]   -0.00163281 
_atom_sites.fract_transf_matrix[3][2]   0.00001013 
_atom_sites.fract_transf_matrix[3][3]   -0.01284665 
_atom_sites.fract_transf_vector[1]      0.349585 
_atom_sites.fract_transf_vector[2]      0.040890 
_atom_sites.fract_transf_vector[3]      -0.121480 
# 
loop_
_atom_type.symbol 
C  
N  
O  
S  
SE 
# 
loop_
_atom_site.group_PDB 
_atom_site.id 
_atom_site.type_symbol 
_atom_site.label_atom_id 
_atom_site.label_alt_id 
_atom_site.label_comp_id 
_atom_site.label_asym_id 
_atom_site.label_entity_id 
_atom_site.label_seq_id 
_atom_site.pdbx_PDB_ins_code 
_atom_site.Cartn_x 
_atom_site.Cartn_y 
_atom_site.Cartn_z 
_atom_site.occupancy 
_atom_site.B_iso_or_equiv 
_atom_site.pdbx_formal_charge 
_atom_site.auth_seq_id 
_atom_site.auth_comp_id 
_atom_site.auth_asym_id 
_atom_site.auth_atom_id 
_atom_site.pdbx_PDB_model_num 
ATOM   1   N  N   . SER A 1 1  ? 15.591  -4.508  6.280   1.00 41.96 ? 2    SER A N   1 
ATOM   2   C  CA  . SER A 1 1  ? 14.579  -4.659  7.388   1.00 40.83 ? 2    SER A CA  1 
ATOM   3   C  C   . SER A 1 1  ? 13.421  -3.618  7.422   1.00 37.57 ? 2    SER A C   1 
ATOM   4   O  O   . SER A 1 1  ? 12.347  -3.920  7.951   1.00 36.18 ? 2    SER A O   1 
ATOM   5   C  CB  . SER A 1 1  ? 15.298  -4.666  8.720   1.00 44.06 ? 2    SER A CB  1 
ATOM   6   O  OG  . SER A 1 1  ? 14.446  -5.047  9.783   1.00 45.09 ? 2    SER A OG  1 
ATOM   7   N  N   . VAL A 1 2  ? 13.626  -2.412  6.872   1.00 35.60 ? 3    VAL A N   1 
ATOM   8   C  CA  . VAL A 1 2  ? 12.550  -1.413  6.712   1.00 32.17 ? 3    VAL A CA  1 
ATOM   9   C  C   . VAL A 1 2  ? 12.642  -0.780  5.319   1.00 31.70 ? 3    VAL A C   1 
ATOM   10  O  O   . VAL A 1 2  ? 13.741  -0.592  4.817   1.00 33.55 ? 3    VAL A O   1 
ATOM   11  C  CB  . VAL A 1 2  ? 12.649  -0.271  7.777   1.00 32.15 ? 3    VAL A CB  1 
ATOM   12  C  CG1 . VAL A 1 2  ? 11.751  0.934   7.405   1.00 30.21 ? 3    VAL A CG1 1 
ATOM   13  C  CG2 . VAL A 1 2  ? 12.286  -0.779  9.187   1.00 32.02 ? 3    VAL A CG2 1 
ATOM   14  N  N   . VAL A 1 3  ? 11.509  -0.425  4.712   1.00 29.74 ? 4    VAL A N   1 
ATOM   15  C  CA  . VAL A 1 3  ? 11.478  0.205   3.384   1.00 29.72 ? 4    VAL A CA  1 
ATOM   16  C  C   . VAL A 1 3  ? 10.840  1.585   3.380   1.00 29.01 ? 4    VAL A C   1 
ATOM   17  O  O   . VAL A 1 3  ? 9.958   1.872   4.177   1.00 28.39 ? 4    VAL A O   1 
ATOM   18  C  CB  . VAL A 1 3  ? 10.727  -0.670  2.330   1.00 29.40 ? 4    VAL A CB  1 
ATOM   19  C  CG1 . VAL A 1 3  ? 11.610  -1.864  1.912   1.00 30.67 ? 4    VAL A CG1 1 
ATOM   20  C  CG2 . VAL A 1 3  ? 9.352   -1.131  2.848   1.00 27.68 ? 4    VAL A CG2 1 
ATOM   21  N  N   . LYS A 1 4  ? 11.326  2.430   2.480   1.00 29.80 ? 5    LYS A N   1 
ATOM   22  C  CA  . LYS A 1 4  ? 10.741  3.724   2.180   1.00 30.14 ? 5    LYS A CA  1 
ATOM   23  C  C   . LYS A 1 4  ? 9.911   3.573   0.911   1.00 28.73 ? 5    LYS A C   1 
ATOM   24  O  O   . LYS A 1 4  ? 10.465  3.246   -0.137  1.00 29.59 ? 5    LYS A O   1 
ATOM   25  C  CB  . LYS A 1 4  ? 11.846  4.764   1.934   1.00 33.30 ? 5    LYS A CB  1 
ATOM   26  C  CG  . LYS A 1 4  ? 11.342  6.199   1.793   1.00 34.35 ? 5    LYS A CG  1 
ATOM   27  C  CD  . LYS A 1 4  ? 12.503  7.187   1.542   1.00 37.72 ? 5    LYS A CD  1 
ATOM   28  C  CE  . LYS A 1 4  ? 12.856  7.263   0.069   1.00 39.16 ? 5    LYS A CE  1 
ATOM   29  N  NZ  . LYS A 1 4  ? 13.242  8.633   -0.341  1.00 43.00 ? 5    LYS A NZ  1 
ATOM   30  N  N   . VAL A 1 5  ? 8.595   3.799   0.999   1.00 26.31 ? 6    VAL A N   1 
ATOM   31  C  CA  . VAL A 1 5  ? 7.713   3.732   -0.172  1.00 24.76 ? 6    VAL A CA  1 
ATOM   32  C  C   . VAL A 1 5  ? 6.840   4.990   -0.273  1.00 25.03 ? 6    VAL A C   1 
ATOM   33  O  O   . VAL A 1 5  ? 6.788   5.807   0.641   1.00 24.56 ? 6    VAL A O   1 
ATOM   34  C  CB  . VAL A 1 5  ? 6.823   2.446   -0.140  1.00 22.95 ? 6    VAL A CB  1 
ATOM   35  C  CG1 . VAL A 1 5  ? 7.689   1.248   -0.113  1.00 23.00 ? 6    VAL A CG1 1 
ATOM   36  C  CG2 . VAL A 1 5  ? 5.883   2.417   1.089   1.00 22.06 ? 6    VAL A CG2 1 
ATOM   37  N  N   . SER A 1 6  ? 6.166   5.164   -1.405  1.00 25.30 ? 7    SER A N   1 
ATOM   38  C  CA  . SER A 1 6  ? 5.142   6.201   -1.483  1.00 26.29 ? 7    SER A CA  1 
ATOM   39  C  C   . SER A 1 6  ? 3.749   5.583   -1.602  1.00 25.38 ? 7    SER A C   1 
ATOM   40  O  O   . SER A 1 6  ? 3.599   4.423   -1.900  1.00 25.27 ? 7    SER A O   1 
ATOM   41  C  CB  . SER A 1 6  ? 5.420   7.210   -2.610  1.00 27.87 ? 7    SER A CB  1 
ATOM   42  O  OG  . SER A 1 6  ? 5.768   6.561   -3.802  1.00 28.56 ? 7    SER A OG  1 
ATOM   43  N  N   . LEU A 1 7  ? 2.721   6.365   -1.332  1.00 26.57 ? 8    LEU A N   1 
ATOM   44  C  CA  . LEU A 1 7  ? 1.363   5.856   -1.395  1.00 26.55 ? 8    LEU A CA  1 
ATOM   45  C  C   . LEU A 1 7  ? 0.611   6.701   -2.381  1.00 27.93 ? 8    LEU A C   1 
ATOM   46  O  O   . LEU A 1 7  ? 0.699   7.948   -2.343  1.00 28.77 ? 8    LEU A O   1 
ATOM   47  C  CB  . LEU A 1 7  ? 0.662   5.939   -0.055  1.00 26.69 ? 8    LEU A CB  1 
ATOM   48  C  CG  . LEU A 1 7  ? 1.232   5.241   1.164   1.00 26.27 ? 8    LEU A CG  1 
ATOM   49  C  CD1 . LEU A 1 7  ? 0.381   5.592   2.403   1.00 26.76 ? 8    LEU A CD1 1 
ATOM   50  C  CD2 . LEU A 1 7  ? 1.267   3.752   0.936   1.00 25.68 ? 8    LEU A CD2 1 
ATOM   51  N  N   . THR A 1 8  ? -0.122  5.999   -3.242  1.00 27.22 ? 9    THR A N   1 
ATOM   52  C  CA  . THR A 1 8  ? -1.060  6.580   -4.171  1.00 28.53 ? 9    THR A CA  1 
ATOM   53  C  C   . THR A 1 8  ? -2.449  5.971   -3.885  1.00 28.12 ? 9    THR A C   1 
ATOM   54  O  O   . THR A 1 8  ? -2.563  4.992   -3.163  1.00 27.78 ? 9    THR A O   1 
ATOM   55  C  CB  . THR A 1 8  ? -0.638  6.305   -5.619  1.00 28.81 ? 9    THR A CB  1 
ATOM   56  O  OG1 . THR A 1 8  ? -0.566  4.882   -5.827  1.00 28.29 ? 9    THR A OG1 1 
ATOM   57  C  CG2 . THR A 1 8  ? 0.724   6.928   -5.919  1.00 29.87 ? 9    THR A CG2 1 
ATOM   58  N  N   . HIS A 1 9  ? -3.489  6.561   -4.467  1.00 28.85 ? 10   HIS A N   1 
ATOM   59  C  CA  . HIS A 1 9  ? -4.864  6.187   -4.162  1.00 29.17 ? 10   HIS A CA  1 
ATOM   60  C  C   . HIS A 1 9  ? -5.710  6.195   -5.418  1.00 28.37 ? 10   HIS A C   1 
ATOM   61  O  O   . HIS A 1 9  ? -5.782  7.203   -6.068  1.00 28.84 ? 10   HIS A O   1 
ATOM   62  C  CB  . HIS A 1 9  ? -5.452  7.189   -3.150  1.00 31.19 ? 10   HIS A CB  1 
ATOM   63  C  CG  . HIS A 1 9  ? -6.794  6.781   -2.628  1.00 33.74 ? 10   HIS A CG  1 
ATOM   64  N  ND1 . HIS A 1 9  ? -7.883  7.630   -2.616  1.00 36.60 ? 10   HIS A ND1 1 
ATOM   65  C  CD2 . HIS A 1 9  ? -7.229  5.603   -2.114  1.00 33.35 ? 10   HIS A CD2 1 
ATOM   66  C  CE1 . HIS A 1 9  ? -8.925  6.987   -2.114  1.00 37.76 ? 10   HIS A CE1 1 
ATOM   67  N  NE2 . HIS A 1 9  ? -8.560  5.749   -1.819  1.00 35.34 ? 10   HIS A NE2 1 
ATOM   68  N  N   . SER A 1 10 ? -6.388  5.091   -5.718  1.00 27.64 ? 11   SER A N   1 
ATOM   69  C  CA  . SER A 1 10 ? -7.176  4.951   -6.956  1.00 28.38 ? 11   SER A CA  1 
ATOM   70  C  C   . SER A 1 10 ? -8.357  5.915   -7.113  1.00 30.44 ? 11   SER A C   1 
ATOM   71  O  O   . SER A 1 10 ? -8.879  6.059   -8.225  1.00 31.37 ? 11   SER A O   1 
ATOM   72  C  CB  . SER A 1 10 ? -7.700  3.516   -7.112  1.00 28.42 ? 11   SER A CB  1 
ATOM   73  O  OG  . SER A 1 10 ? -8.782  3.230   -6.247  1.00 29.53 ? 11   SER A OG  1 
ATOM   74  N  N   . ALA A 1 11 ? -8.778  6.560   -6.020  1.00 31.56 ? 12   ALA A N   1 
ATOM   75  C  CA  . ALA A 1 11 ? -9.960  7.409   -6.004  1.00 34.28 ? 12   ALA A CA  1 
ATOM   76  C  C   . ALA A 1 11 ? -9.626  8.829   -5.639  1.00 36.17 ? 12   ALA A C   1 
ATOM   77  O  O   . ALA A 1 11 ? -10.515 9.585   -5.309  1.00 38.99 ? 12   ALA A O   1 
ATOM   78  C  CB  . ALA A 1 11 ? -10.964 6.868   -5.030  1.00 35.06 ? 12   ALA A CB  1 
ATOM   79  N  N   . SER A 1 12 ? -8.363  9.230   -5.707  1.00 36.21 ? 13   SER A N   1 
ATOM   80  C  CA  . SER A 1 12 ? -8.030  10.630  -5.442  1.00 38.67 ? 13   SER A CA  1 
ATOM   81  C  C   . SER A 1 12 ? -6.739  11.054  -6.101  1.00 39.01 ? 13   SER A C   1 
ATOM   82  O  O   . SER A 1 12 ? -5.984  10.242  -6.649  1.00 35.63 ? 13   SER A O   1 
ATOM   83  C  CB  . SER A 1 12 ? -7.967  10.920  -3.915  1.00 39.80 ? 13   SER A CB  1 
ATOM   84  O  OG  . SER A 1 12 ? -6.745  10.533  -3.305  1.00 37.33 ? 13   SER A OG  1 
ATOM   85  N  N   . ARG A 1 13 ? -6.485  12.349  -6.029  1.00 42.58 ? 14   ARG A N   1 
ATOM   86  C  CA  . ARG A 1 13 ? -5.198  12.858  -6.462  1.00 45.35 ? 14   ARG A CA  1 
ATOM   87  C  C   . ARG A 1 13 ? -4.125  12.854  -5.332  1.00 45.69 ? 14   ARG A C   1 
ATOM   88  O  O   . ARG A 1 13 ? -2.947  13.087  -5.608  1.00 44.63 ? 14   ARG A O   1 
ATOM   89  C  CB  . ARG A 1 13 ? -5.355  14.249  -7.110  1.00 48.73 ? 14   ARG A CB  1 
ATOM   90  C  CG  . ARG A 1 13 ? -5.927  15.290  -6.186  1.00 52.01 ? 14   ARG A CG  1 
ATOM   91  C  CD  . ARG A 1 13 ? -6.057  16.626  -6.869  1.00 56.04 ? 14   ARG A CD  1 
ATOM   92  N  NE  . ARG A 1 13 ? -7.320  16.774  -7.576  1.00 58.05 ? 14   ARG A NE  1 
ATOM   93  C  CZ  . ARG A 1 13 ? -7.652  17.867  -8.256  1.00 61.91 ? 14   ARG A CZ  1 
ATOM   94  N  NH1 . ARG A 1 13 ? -6.805  18.881  -8.334  1.00 63.44 ? 14   ARG A NH1 1 
ATOM   95  N  NH2 . ARG A 1 13 ? -8.829  17.947  -8.870  1.00 64.58 ? 14   ARG A NH2 1 
HETATM 96  N  N   A MSE A 1 14 ? -4.458  12.614  -4.069  0.40 47.60 ? 15   MSE A N   1 
HETATM 97  N  N   B MSE A 1 14 ? -4.592  12.533  -4.118  0.60 46.36 ? 15   MSE A N   1 
HETATM 98  C  CA  A MSE A 1 14 ? -3.403  12.776  -3.051  0.40 49.44 ? 15   MSE A CA  1 
HETATM 99  C  CA  B MSE A 1 14 ? -3.765  12.434  -2.920  0.60 47.27 ? 15   MSE A CA  1 
HETATM 100 C  C   A MSE A 1 14 ? -2.361  11.635  -3.078  0.40 45.97 ? 15   MSE A C   1 
HETATM 101 C  C   B MSE A 1 14 ? -2.644  11.410  -3.146  0.60 43.75 ? 15   MSE A C   1 
HETATM 102 O  O   A MSE A 1 14 ? -2.695  10.473  -3.298  0.40 43.49 ? 15   MSE A O   1 
HETATM 103 O  O   B MSE A 1 14 ? -2.856  10.320  -3.662  0.60 41.79 ? 15   MSE A O   1 
HETATM 104 C  CB  A MSE A 1 14 ? -3.969  12.959  -1.643  0.40 53.22 ? 15   MSE A CB  1 
HETATM 105 C  CB  B MSE A 1 14 ? -4.583  12.019  -1.665  0.60 49.22 ? 15   MSE A CB  1 
HETATM 106 C  CG  A MSE A 1 14 ? -3.152  13.961  -0.831  0.40 57.57 ? 15   MSE A CG  1 
HETATM 107 C  CG  B MSE A 1 14 ? -5.819  12.874  -1.279  0.60 53.99 ? 15   MSE A CG  1 
HETATM 108 SE SE  A MSE A 1 14 ? -2.919  13.507  1.053   0.40 63.33 ? 15   MSE A SE  1 
HETATM 109 SE SE  B MSE A 1 14 ? -6.729  12.296  0.410   0.60 60.30 ? 15   MSE A SE  1 
HETATM 110 C  CE  A MSE A 1 14 ? -1.681  14.967  1.508   0.40 61.80 ? 15   MSE A CE  1 
HETATM 111 C  CE  B MSE A 1 14 ? -7.795  10.784  -0.281  0.60 55.73 ? 15   MSE A CE  1 
ATOM   112 N  N   A ARG A 1 15 ? -1.099  12.003  -2.866  0.70 45.92 ? 16   ARG A N   1 
ATOM   113 N  N   B ARG A 1 15 ? -1.429  11.812  -2.774  0.30 43.16 ? 16   ARG A N   1 
ATOM   114 C  CA  A ARG A 1 15 ? 0.000   11.079  -2.842  0.70 43.13 ? 16   ARG A CA  1 
ATOM   115 C  CA  B ARG A 1 15 ? -0.257  10.937  -2.754  0.30 40.66 ? 16   ARG A CA  1 
ATOM   116 C  C   A ARG A 1 15 ? 0.697   11.293  -1.517  0.70 41.29 ? 16   ARG A C   1 
ATOM   117 C  C   B ARG A 1 15 ? 0.599   11.257  -1.521  0.30 39.92 ? 16   ARG A C   1 
ATOM   118 O  O   A ARG A 1 15 ? 0.823   12.431  -1.066  0.70 45.00 ? 16   ARG A O   1 
ATOM   119 O  O   B ARG A 1 15 ? 0.763   12.422  -1.164  0.30 42.58 ? 16   ARG A O   1 
ATOM   120 C  CB  A ARG A 1 15 ? 0.902   11.417  -4.009  0.70 45.64 ? 16   ARG A CB  1 
ATOM   121 C  CB  B ARG A 1 15 ? 0.585   11.103  -4.027  0.30 41.49 ? 16   ARG A CB  1 
ATOM   122 C  CG  A ARG A 1 15 ? 2.168   10.624  -4.068  0.70 47.08 ? 16   ARG A CG  1 
ATOM   123 C  CG  B ARG A 1 15 ? 1.709   10.054  -4.169  0.30 40.76 ? 16   ARG A CG  1 
ATOM   124 C  CD  A ARG A 1 15 ? 2.870   10.842  -5.405  0.70 48.98 ? 16   ARG A CD  1 
ATOM   125 C  CD  B ARG A 1 15 ? 2.746   10.395  -5.260  0.30 42.31 ? 16   ARG A CD  1 
ATOM   126 N  NE  A ARG A 1 15 ? 4.286   10.542  -5.270  0.70 49.45 ? 16   ARG A NE  1 
ATOM   127 N  NE  B ARG A 1 15 ? 3.837   9.412   -5.319  0.30 41.62 ? 16   ARG A NE  1 
ATOM   128 C  CZ  A ARG A 1 15 ? 5.207   11.413  -4.884  0.70 51.79 ? 16   ARG A CZ  1 
ATOM   129 C  CZ  B ARG A 1 15 ? 3.941   8.447   -6.234  0.30 40.63 ? 16   ARG A CZ  1 
ATOM   130 N  NH1 A ARG A 1 15 ? 4.882   12.677  -4.618  0.70 54.18 ? 16   ARG A NH1 1 
ATOM   131 N  NH1 B ARG A 1 15 ? 3.026   8.321   -7.184  0.30 40.74 ? 16   ARG A NH1 1 
ATOM   132 N  NH2 A ARG A 1 15 ? 6.469   11.017  -4.781  0.70 53.93 ? 16   ARG A NH2 1 
ATOM   133 N  NH2 B ARG A 1 15 ? 4.962   7.607   -6.205  0.30 39.89 ? 16   ARG A NH2 1 
ATOM   134 N  N   . VAL A 1 16 ? 1.126   10.221  -0.871  1.00 37.45 ? 17   VAL A N   1 
ATOM   135 C  CA  . VAL A 1 16 ? 2.013   10.353  0.298   1.00 36.07 ? 17   VAL A CA  1 
ATOM   136 C  C   . VAL A 1 16 ? 3.445   9.973   -0.139  1.00 35.06 ? 17   VAL A C   1 
ATOM   137 O  O   . VAL A 1 16 ? 3.722   8.821   -0.439  1.00 30.54 ? 17   VAL A O   1 
ATOM   138 C  CB  . VAL A 1 16 ? 1.543   9.483   1.473   1.00 34.75 ? 17   VAL A CB  1 
ATOM   139 C  CG1 . VAL A 1 16 ? 2.454   9.685   2.710   1.00 34.43 ? 17   VAL A CG1 1 
ATOM   140 C  CG2 . VAL A 1 16 ? 0.073   9.781   1.796   1.00 34.03 ? 17   VAL A CG2 1 
ATOM   141 N  N   . PRO A 1 17 ? 4.363   10.956  -0.190  1.00 37.92 ? 18   PRO A N   1 
ATOM   142 C  CA  . PRO A 1 17 ? 5.637   10.733  -0.887  1.00 39.39 ? 18   PRO A CA  1 
ATOM   143 C  C   . PRO A 1 17 ? 6.653   9.849   -0.199  1.00 40.14 ? 18   PRO A C   1 
ATOM   144 O  O   . PRO A 1 17 ? 7.482   9.245   -0.900  1.00 41.41 ? 18   PRO A O   1 
ATOM   145 C  CB  . PRO A 1 17 ? 6.210   12.135  -1.029  1.00 41.86 ? 18   PRO A CB  1 
ATOM   146 C  CG  . PRO A 1 17 ? 5.035   13.050  -0.763  1.00 42.69 ? 18   PRO A CG  1 
ATOM   147 C  CD  . PRO A 1 17 ? 4.242   12.347  0.246   1.00 40.12 ? 18   PRO A CD  1 
ATOM   148 N  N   . GLU A 1 18 ? 6.608   9.765   1.129   1.00 39.92 ? 19   GLU A N   1 
ATOM   149 C  CA  . GLU A 1 18 ? 7.604   9.020   1.878   1.00 40.74 ? 19   GLU A CA  1 
ATOM   150 C  C   . GLU A 1 18 ? 6.922   8.281   2.995   1.00 38.70 ? 19   GLU A C   1 
ATOM   151 O  O   . GLU A 1 18 ? 6.309   8.904   3.839   1.00 42.21 ? 19   GLU A O   1 
ATOM   152 C  CB  . GLU A 1 18 ? 8.581   9.991   2.522   1.00 46.36 ? 19   GLU A CB  1 
ATOM   153 C  CG  . GLU A 1 18 ? 9.996   9.920   2.045   1.00 51.37 ? 19   GLU A CG  1 
ATOM   154 C  CD  . GLU A 1 18 ? 10.985  10.294  3.128   1.00 53.81 ? 19   GLU A CD  1 
ATOM   155 O  OE1 . GLU A 1 18 ? 10.827  9.835   4.289   1.00 55.08 ? 19   GLU A OE1 1 
ATOM   156 O  OE2 . GLU A 1 18 ? 11.943  11.006  2.796   1.00 58.55 ? 19   GLU A OE2 1 
ATOM   157 N  N   . LYS A 1 19 ? 7.034   6.971   3.042   1.00 34.99 ? 20   LYS A N   1 
ATOM   158 C  CA  . LYS A 1 19 ? 6.486   6.216   4.172   1.00 33.88 ? 20   LYS A CA  1 
ATOM   159 C  C   . LYS A 1 19 ? 7.432   5.103   4.498   1.00 31.47 ? 20   LYS A C   1 
ATOM   160 O  O   . LYS A 1 19 ? 7.966   4.474   3.601   1.00 30.46 ? 20   LYS A O   1 
ATOM   161 C  CB  . LYS A 1 19 ? 5.114   5.625   3.846   1.00 33.33 ? 20   LYS A CB  1 
ATOM   162 C  CG  . LYS A 1 19 ? 4.012   6.669   3.733   1.00 35.16 ? 20   LYS A CG  1 
ATOM   163 C  CD  . LYS A 1 19 ? 3.614   7.254   5.109   1.00 37.11 ? 20   LYS A CD  1 
ATOM   164 C  CE  . LYS A 1 19 ? 2.789   6.257   5.936   1.00 36.33 ? 20   LYS A CE  1 
ATOM   165 N  NZ  . LYS A 1 19 ? 2.442   6.805   7.284   1.00 38.04 ? 20   LYS A NZ  1 
ATOM   166 N  N   . ARG A 1 20 ? 7.655   4.872   5.781   1.00 30.71 ? 21   ARG A N   1 
ATOM   167 C  CA  . ARG A 1 20 ? 8.522   3.782   6.201   1.00 30.28 ? 21   ARG A CA  1 
ATOM   168 C  C   . ARG A 1 20 ? 7.686   2.703   6.863   1.00 28.16 ? 21   ARG A C   1 
ATOM   169 O  O   . ARG A 1 20 ? 6.942   2.986   7.808   1.00 27.72 ? 21   ARG A O   1 
ATOM   170 C  CB  . ARG A 1 20 ? 9.571   4.270   7.186   1.00 31.87 ? 21   ARG A CB  1 
ATOM   171 C  CG  . ARG A 1 20 ? 10.515  5.297   6.620   1.00 33.70 ? 21   ARG A CG  1 
ATOM   172 C  CD  . ARG A 1 20 ? 11.859  5.319   7.378   1.00 36.53 ? 21   ARG A CD  1 
ATOM   173 N  NE  . ARG A 1 20 ? 12.886  5.131   6.366   1.00 39.04 ? 21   ARG A NE  1 
ATOM   174 C  CZ  . ARG A 1 20 ? 13.801  4.177   6.328   1.00 40.54 ? 21   ARG A CZ  1 
ATOM   175 N  NH1 . ARG A 1 20 ? 13.957  3.301   7.296   1.00 41.85 ? 21   ARG A NH1 1 
ATOM   176 N  NH2 . ARG A 1 20 ? 14.620  4.147   5.303   1.00 44.05 ? 21   ARG A NH2 1 
ATOM   177 N  N   . TYR A 1 21 ? 7.827   1.486   6.344   1.00 26.82 ? 22   TYR A N   1 
ATOM   178 C  CA  . TYR A 1 21 ? 7.242   0.256   6.912   1.00 25.64 ? 22   TYR A CA  1 
ATOM   179 C  C   . TYR A 1 21 ? 8.300   -0.813  7.169   1.00 26.49 ? 22   TYR A C   1 
ATOM   180 O  O   . TYR A 1 21 ? 9.284   -0.933  6.432   1.00 25.68 ? 22   TYR A O   1 
ATOM   181 C  CB  . TYR A 1 21 ? 6.217   -0.306  5.955   1.00 24.12 ? 22   TYR A CB  1 
ATOM   182 C  CG  . TYR A 1 21 ? 5.036   0.620   5.784   1.00 23.85 ? 22   TYR A CG  1 
ATOM   183 C  CD1 . TYR A 1 21 ? 4.155   0.871   6.852   1.00 24.24 ? 22   TYR A CD1 1 
ATOM   184 C  CD2 . TYR A 1 21 ? 4.804   1.264   4.581   1.00 22.81 ? 22   TYR A CD2 1 
ATOM   185 C  CE1 . TYR A 1 21 ? 3.057   1.715   6.706   1.00 24.00 ? 22   TYR A CE1 1 
ATOM   186 C  CE2 . TYR A 1 21 ? 3.711   2.108   4.430   1.00 22.89 ? 22   TYR A CE2 1 
ATOM   187 C  CZ  . TYR A 1 21 ? 2.841   2.338   5.481   1.00 23.55 ? 22   TYR A CZ  1 
ATOM   188 O  OH  . TYR A 1 21 ? 1.759   3.196   5.302   1.00 23.63 ? 22   TYR A OH  1 
ATOM   189 N  N   . GLY A 1 22 ? 8.074   -1.592  8.216   1.00 26.75 ? 23   GLY A N   1 
ATOM   190 C  CA  . GLY A 1 22 ? 8.839   -2.827  8.414   1.00 28.02 ? 23   GLY A CA  1 
ATOM   191 C  C   . GLY A 1 22 ? 8.402   -3.866  7.393   1.00 27.45 ? 23   GLY A C   1 
ATOM   192 O  O   . GLY A 1 22 ? 7.235   -4.025  7.133   1.00 27.55 ? 23   GLY A O   1 
ATOM   193 N  N   . LEU A 1 23 ? 9.340   -4.578  6.799   1.00 28.45 ? 24   LEU A N   1 
ATOM   194 C  CA  . LEU A 1 23 ? 8.995   -5.690  5.900   1.00 28.24 ? 24   LEU A CA  1 
ATOM   195 C  C   . LEU A 1 23 ? 8.328   -6.830  6.665   1.00 28.71 ? 24   LEU A C   1 
ATOM   196 O  O   . LEU A 1 23 ? 7.618   -7.616  6.099   1.00 28.20 ? 24   LEU A O   1 
ATOM   197 C  CB  . LEU A 1 23 ? 10.255  -6.206  5.202   1.00 29.71 ? 24   LEU A CB  1 
ATOM   198 C  CG  . LEU A 1 23 ? 10.948  -5.263  4.219   1.00 29.32 ? 24   LEU A CG  1 
ATOM   199 C  CD1 . LEU A 1 23 ? 12.265  -5.906  3.692   1.00 31.21 ? 24   LEU A CD1 1 
ATOM   200 C  CD2 . LEU A 1 23 ? 10.008  -4.950  3.094   1.00 28.09 ? 24   LEU A CD2 1 
ATOM   201 N  N   . ALA A 1 24 ? 8.577   -6.910  7.963   1.00 29.84 ? 25   ALA A N   1 
ATOM   202 C  CA  . ALA A 1 24 ? 7.897   -7.869  8.823   1.00 31.27 ? 25   ALA A CA  1 
ATOM   203 C  C   . ALA A 1 24 ? 6.415   -7.515  9.075   1.00 30.24 ? 25   ALA A C   1 
ATOM   204 O  O   . ALA A 1 24 ? 5.673   -8.350  9.563   1.00 31.87 ? 25   ALA A O   1 
ATOM   205 C  CB  . ALA A 1 24 ? 8.671   -8.041  10.161  1.00 32.27 ? 25   ALA A CB  1 
ATOM   206 N  N   . GLN A 1 25 ? 5.985   -6.296  8.751   1.00 28.81 ? 26   GLN A N   1 
ATOM   207 C  CA  . GLN A 1 25 ? 4.594   -5.901  8.951   1.00 28.26 ? 26   GLN A CA  1 
ATOM   208 C  C   . GLN A 1 25 ? 3.636   -6.660  8.053   1.00 28.69 ? 26   GLN A C   1 
ATOM   209 O  O   . GLN A 1 25 ? 3.867   -6.846  6.856   1.00 28.27 ? 26   GLN A O   1 
ATOM   210 C  CB  . GLN A 1 25 ? 4.401   -4.409  8.674   1.00 27.21 ? 26   GLN A CB  1 
ATOM   211 C  CG  . GLN A 1 25 ? 5.117   -3.472  9.652   1.00 27.33 ? 26   GLN A CG  1 
ATOM   212 C  CD  . GLN A 1 25 ? 4.603   -2.037  9.560   1.00 26.66 ? 26   GLN A CD  1 
ATOM   213 O  OE1 . GLN A 1 25 ? 5.378   -1.072  9.604   1.00 27.20 ? 26   GLN A OE1 1 
ATOM   214 N  NE2 . GLN A 1 25 ? 3.302   -1.891  9.437   1.00 26.12 ? 26   GLN A NE2 1 
ATOM   215 N  N   . THR A 1 26 ? 2.522   -7.072  8.628   1.00 30.29 ? 27   THR A N   1 
ATOM   216 C  CA  . THR A 1 26 ? 1.475   -7.717  7.851   1.00 30.92 ? 27   THR A CA  1 
ATOM   217 C  C   . THR A 1 26 ? 0.853   -6.652  6.980   1.00 29.45 ? 27   THR A C   1 
ATOM   218 O  O   . THR A 1 26 ? 0.803   -5.480  7.374   1.00 28.93 ? 27   THR A O   1 
ATOM   219 C  CB  . THR A 1 26 ? 0.389   -8.272  8.759   1.00 33.06 ? 27   THR A CB  1 
ATOM   220 O  OG1 . THR A 1 26 ? -0.164  -7.173  9.507   1.00 32.81 ? 27   THR A OG1 1 
ATOM   221 C  CG2 . THR A 1 26 ? 0.955   -9.368  9.701   1.00 33.81 ? 27   THR A CG2 1 
ATOM   222 N  N   . ILE A 1 27 ? 0.371   -7.045  5.810   1.00 29.29 ? 28   ILE A N   1 
ATOM   223 C  CA  . ILE A 1 27 ? -0.368  -6.110  4.963   1.00 28.71 ? 28   ILE A CA  1 
ATOM   224 C  C   . ILE A 1 27 ? -1.570  -5.518  5.680   1.00 29.63 ? 28   ILE A C   1 
ATOM   225 O  O   . ILE A 1 27 ? -1.925  -4.380  5.443   1.00 29.31 ? 28   ILE A O   1 
ATOM   226 C  CB  . ILE A 1 27 ? -0.831  -6.768  3.637   1.00 28.95 ? 28   ILE A CB  1 
ATOM   227 C  CG1 . ILE A 1 27 ? 0.405   -7.207  2.826   1.00 28.52 ? 28   ILE A CG1 1 
ATOM   228 C  CG2 . ILE A 1 27 ? -1.726  -5.819  2.869   1.00 27.17 ? 28   ILE A CG2 1 
ATOM   229 C  CD1 . ILE A 1 27 ? 1.377   -6.068  2.508   1.00 26.61 ? 28   ILE A CD1 1 
ATOM   230 N  N   . GLU A 1 28 ? -2.187  -6.271  6.574   1.00 32.70 ? 29   GLU A N   1 
ATOM   231 C  CA  . GLU A 1 28 ? -3.321  -5.733  7.345   1.00 35.36 ? 29   GLU A CA  1 
ATOM   232 C  C   . GLU A 1 28 ? -2.943  -4.546  8.228   1.00 33.87 ? 29   GLU A C   1 
ATOM   233 O  O   . GLU A 1 28 ? -3.739  -3.613  8.404   1.00 33.84 ? 29   GLU A O   1 
ATOM   234 C  CB  . GLU A 1 28 ? -3.858  -6.811  8.269   1.00 39.74 ? 29   GLU A CB  1 
ATOM   235 C  CG  . GLU A 1 28 ? -5.007  -6.387  9.150   1.00 43.28 ? 29   GLU A CG  1 
ATOM   236 C  CD  . GLU A 1 28 ? -5.485  -7.538  10.021  1.00 48.53 ? 29   GLU A CD  1 
ATOM   237 O  OE1 . GLU A 1 28 ? -5.507  -8.686  9.501   1.00 50.96 ? 29   GLU A OE1 1 
ATOM   238 O  OE2 . GLU A 1 28 ? -5.810  -7.296  11.218  1.00 51.14 ? 29   GLU A OE2 1 
ATOM   239 N  N   . SER A 1 29 ? -1.765  -4.625  8.845   1.00 32.25 ? 30   SER A N   1 
ATOM   240 C  CA  . SER A 1 29 ? -1.308  -3.554  9.729   1.00 31.11 ? 30   SER A CA  1 
ATOM   241 C  C   . SER A 1 29 ? -1.023  -2.320  8.877   1.00 29.45 ? 30   SER A C   1 
ATOM   242 O  O   . SER A 1 29 ? -1.313  -1.207  9.293   1.00 29.20 ? 30   SER A O   1 
ATOM   243 C  CB  . SER A 1 29 ? -0.066  -3.982  10.512  1.00 31.24 ? 30   SER A CB  1 
ATOM   244 O  OG  . SER A 1 29 ? 1.078   -4.053  9.678   1.00 29.94 ? 30   SER A OG  1 
ATOM   245 N  N   . ILE A 1 30 ? -0.513  -2.534  7.659   1.00 27.85 ? 31   ILE A N   1 
ATOM   246 C  CA  . ILE A 1 30 ? -0.190  -1.436  6.737   1.00 26.07 ? 31   ILE A CA  1 
ATOM   247 C  C   . ILE A 1 30 ? -1.452  -0.690  6.295   1.00 26.52 ? 31   ILE A C   1 
ATOM   248 O  O   . ILE A 1 30 ? -1.457  0.544   6.257   1.00 25.90 ? 31   ILE A O   1 
ATOM   249 C  CB  . ILE A 1 30 ? 0.604   -1.933  5.501   1.00 24.64 ? 31   ILE A CB  1 
ATOM   250 C  CG1 . ILE A 1 30 ? 1.994   -2.406  5.921   1.00 24.09 ? 31   ILE A CG1 1 
ATOM   251 C  CG2 . ILE A 1 30 ? 0.718   -0.854  4.413   1.00 23.65 ? 31   ILE A CG2 1 
ATOM   252 C  CD1 . ILE A 1 30 ? 2.688   -3.190  4.835   1.00 23.48 ? 31   ILE A CD1 1 
ATOM   253 N  N   . LYS A 1 31 ? -2.513  -1.431  5.997   1.00 27.44 ? 32   LYS A N   1 
ATOM   254 C  CA  . LYS A 1 31 ? -3.805  -0.829  5.636   1.00 28.51 ? 32   LYS A CA  1 
ATOM   255 C  C   . LYS A 1 31 ? -4.360  0.086   6.750   1.00 30.20 ? 32   LYS A C   1 
ATOM   256 O  O   . LYS A 1 31 ? -5.046  1.085   6.473   1.00 30.13 ? 32   LYS A O   1 
ATOM   257 C  CB  . LYS A 1 31 ? -4.834  -1.921  5.332   1.00 29.89 ? 32   LYS A CB  1 
ATOM   258 C  CG  . LYS A 1 31 ? -4.579  -2.703  4.051   1.00 29.76 ? 32   LYS A CG  1 
ATOM   259 C  CD  . LYS A 1 31 ? -5.710  -3.692  3.703   1.00 31.73 ? 32   LYS A CD  1 
ATOM   260 C  CE  . LYS A 1 31 ? -5.332  -4.509  2.441   1.00 31.24 ? 32   LYS A CE  1 
ATOM   261 N  NZ  . LYS A 1 31 ? -6.425  -5.433  1.936   1.00 32.91 ? 32   LYS A NZ  1 
ATOM   262 N  N   . GLU A 1 32 ? -4.097  -0.297  8.003   1.00 31.21 ? 33   GLU A N   1 
ATOM   263 C  CA  . GLU A 1 32 ? -4.516  0.488   9.154   1.00 33.28 ? 33   GLU A CA  1 
ATOM   264 C  C   . GLU A 1 32 ? -3.875  1.851   9.116   1.00 31.61 ? 33   GLU A C   1 
ATOM   265 O  O   . GLU A 1 32 ? -4.550  2.863   9.259   1.00 32.69 ? 33   GLU A O   1 
ATOM   266 C  CB  . GLU A 1 32 ? -4.109  -0.185  10.463  1.00 35.19 ? 33   GLU A CB  1 
ATOM   267 C  CG  . GLU A 1 32 ? -5.004  -1.342  10.844  1.00 38.16 ? 33   GLU A CG  1 
ATOM   268 C  CD  . GLU A 1 32 ? -6.433  -0.902  11.052  1.00 41.07 ? 33   GLU A CD  1 
ATOM   269 O  OE1 . GLU A 1 32 ? -6.629  0.063   11.838  1.00 43.63 ? 33   GLU A OE1 1 
ATOM   270 O  OE2 . GLU A 1 32 ? -7.335  -1.524  10.434  1.00 42.05 ? 33   GLU A OE2 1 
ATOM   271 N  N   . ASN A 1 33 ? -2.563  1.850   8.964   1.00 29.38 ? 34   ASN A N   1 
ATOM   272 C  CA  . ASN A 1 33 ? -1.782  3.065   8.817   1.00 28.71 ? 34   ASN A CA  1 
ATOM   273 C  C   . ASN A 1 33 ? -2.164  3.902   7.608   1.00 27.70 ? 34   ASN A C   1 
ATOM   274 O  O   . ASN A 1 33 ? -2.310  5.116   7.712   1.00 28.51 ? 34   ASN A O   1 
ATOM   275 C  CB  . ASN A 1 33 ? -0.305  2.736   8.719   1.00 27.38 ? 34   ASN A CB  1 
ATOM   276 C  CG  . ASN A 1 33 ? 0.527   3.960   8.720   1.00 27.21 ? 34   ASN A CG  1 
ATOM   277 O  OD1 . ASN A 1 33 ? 1.085   4.349   7.681   1.00 26.71 ? 34   ASN A OD1 1 
ATOM   278 N  ND2 . ASN A 1 33 ? 0.567   4.633   9.860   1.00 27.57 ? 34   ASN A ND2 1 
ATOM   279 N  N   . VAL A 1 34 ? -2.359  3.235   6.482   1.00 27.27 ? 35   VAL A N   1 
ATOM   280 C  CA  . VAL A 1 34 ? -2.833  3.865   5.243   1.00 27.47 ? 35   VAL A CA  1 
ATOM   281 C  C   . VAL A 1 34 ? -4.145  4.633   5.448   1.00 29.22 ? 35   VAL A C   1 
ATOM   282 O  O   . VAL A 1 34 ? -4.338  5.699   4.877   1.00 29.53 ? 35   VAL A O   1 
ATOM   283 C  CB  . VAL A 1 34 ? -2.958  2.835   4.095   1.00 26.86 ? 35   VAL A CB  1 
ATOM   284 C  CG1 . VAL A 1 34 ? -3.611  3.460   2.878   1.00 27.96 ? 35   VAL A CG1 1 
ATOM   285 C  CG2 . VAL A 1 34 ? -1.589  2.321   3.712   1.00 25.77 ? 35   VAL A CG2 1 
ATOM   286 N  N   . PHE A 1 35 ? -5.026  4.102   6.296   1.00 31.20 ? 36   PHE A N   1 
ATOM   287 C  CA  . PHE A 1 35 ? -6.296  4.767   6.642   1.00 33.31 ? 36   PHE A CA  1 
ATOM   288 C  C   . PHE A 1 35 ? -6.094  6.168   7.210   1.00 33.87 ? 36   PHE A C   1 
ATOM   289 O  O   . PHE A 1 35 ? -6.923  7.045   7.006   1.00 35.05 ? 36   PHE A O   1 
ATOM   290 C  CB  . PHE A 1 35 ? -7.081  3.908   7.643   1.00 35.33 ? 36   PHE A CB  1 
ATOM   291 C  CG  . PHE A 1 35 ? -8.384  4.524   8.098   1.00 37.99 ? 36   PHE A CG  1 
ATOM   292 C  CD1 . PHE A 1 35 ? -8.411  5.420   9.169   1.00 39.75 ? 36   PHE A CD1 1 
ATOM   293 C  CD2 . PHE A 1 35 ? -9.568  4.199   7.468   1.00 39.44 ? 36   PHE A CD2 1 
ATOM   294 C  CE1 . PHE A 1 35 ? -9.615  6.000   9.612   1.00 42.87 ? 36   PHE A CE1 1 
ATOM   295 C  CE2 . PHE A 1 35 ? -10.790 4.760   7.897   1.00 42.92 ? 36   PHE A CE2 1 
ATOM   296 C  CZ  . PHE A 1 35 ? -10.810 5.666   8.980   1.00 44.47 ? 36   PHE A CZ  1 
ATOM   297 N  N   . THR A 1 36 ? -4.986  6.375   7.917   1.00 33.59 ? 37   THR A N   1 
ATOM   298 C  CA  . THR A 1 36 ? -4.661  7.713   8.471   1.00 35.11 ? 37   THR A CA  1 
ATOM   299 C  C   . THR A 1 36 ? -4.462  8.783   7.354   1.00 35.51 ? 37   THR A C   1 
ATOM   300 O  O   . THR A 1 36 ? -4.660  9.967   7.587   1.00 37.57 ? 37   THR A O   1 
ATOM   301 C  CB  . THR A 1 36 ? -3.464  7.672   9.492   1.00 34.29 ? 37   THR A CB  1 
ATOM   302 O  OG1 . THR A 1 36 ? -2.228  7.434   8.832   1.00 32.19 ? 37   THR A OG1 1 
ATOM   303 C  CG2 . THR A 1 36 ? -3.664  6.559   10.505  1.00 34.65 ? 37   THR A CG2 1 
ATOM   304 N  N   . HIS A 1 37 ? -4.127  8.350   6.144   1.00 34.52 ? 38   HIS A N   1 
ATOM   305 C  CA  . HIS A 1 37 ? -3.948  9.262   5.011   1.00 35.36 ? 38   HIS A CA  1 
ATOM   306 C  C   . HIS A 1 37 ? -5.142  9.331   4.055   1.00 36.07 ? 38   HIS A C   1 
ATOM   307 O  O   . HIS A 1 37 ? -5.513  10.403  3.635   1.00 38.19 ? 38   HIS A O   1 
ATOM   308 C  CB  . HIS A 1 37 ? -2.694  8.873   4.206   1.00 33.39 ? 38   HIS A CB  1 
ATOM   309 C  CG  . HIS A 1 37 ? -1.432  8.869   5.016   1.00 33.01 ? 38   HIS A CG  1 
ATOM   310 N  ND1 . HIS A 1 37 ? -0.815  10.026  5.440   1.00 34.80 ? 38   HIS A ND1 1 
ATOM   311 C  CD2 . HIS A 1 37 ? -0.690  7.846   5.499   1.00 31.97 ? 38   HIS A CD2 1 
ATOM   312 C  CE1 . HIS A 1 37 ? 0.267   9.710   6.130   1.00 34.37 ? 38   HIS A CE1 1 
ATOM   313 N  NE2 . HIS A 1 37 ? 0.368   8.393   6.178   1.00 32.27 ? 38   HIS A NE2 1 
ATOM   314 N  N   . PHE A 1 38 ? -5.721  8.195   3.695   1.00 35.64 ? 39   PHE A N   1 
ATOM   315 C  CA  . PHE A 1 38 ? -6.772  8.189   2.676   1.00 37.97 ? 39   PHE A CA  1 
ATOM   316 C  C   . PHE A 1 38 ? -8.199  7.956   3.197   1.00 40.97 ? 39   PHE A C   1 
ATOM   317 O  O   . PHE A 1 38 ? -9.165  8.520   2.635   1.00 44.15 ? 39   PHE A O   1 
ATOM   318 C  CB  . PHE A 1 38 ? -6.410  7.236   1.537   1.00 36.94 ? 39   PHE A CB  1 
ATOM   319 C  CG  . PHE A 1 38 ? -5.115  7.602   0.846   1.00 35.77 ? 39   PHE A CG  1 
ATOM   320 C  CD1 . PHE A 1 38 ? -4.792  8.926   0.563   1.00 38.36 ? 39   PHE A CD1 1 
ATOM   321 C  CD2 . PHE A 1 38 ? -4.224  6.646   0.485   1.00 34.17 ? 39   PHE A CD2 1 
ATOM   322 C  CE1 . PHE A 1 38 ? -3.562  9.259   -0.070  1.00 37.43 ? 39   PHE A CE1 1 
ATOM   323 C  CE2 . PHE A 1 38 ? -3.031  6.992   -0.151  1.00 34.10 ? 39   PHE A CE2 1 
ATOM   324 C  CZ  . PHE A 1 38 ? -2.720  8.308   -0.423  1.00 34.79 ? 39   PHE A CZ  1 
ATOM   325 N  N   . ALA A 1 39 ? -8.338  7.184   4.268   1.00 40.96 ? 40   ALA A N   1 
ATOM   326 C  CA  . ALA A 1 39 ? -9.620  7.081   4.982   1.00 44.48 ? 40   ALA A CA  1 
ATOM   327 C  C   . ALA A 1 39 ? -10.658 6.258   4.224   1.00 45.28 ? 40   ALA A C   1 
ATOM   328 O  O   . ALA A 1 39 ? -11.840 6.479   4.397   1.00 48.04 ? 40   ALA A O   1 
ATOM   329 C  CB  . ALA A 1 39 ? -10.195 8.495   5.343   1.00 46.34 ? 40   ALA A CB  1 
ATOM   330 N  N   . THR A 1 40 ? -10.190 5.343   3.366   1.00 44.76 ? 41   THR A N   1 
ATOM   331 C  CA  . THR A 1 40 ? -10.982 4.203   2.887   1.00 44.89 ? 41   THR A CA  1 
ATOM   332 C  C   . THR A 1 40 ? -10.961 3.215   4.034   1.00 44.00 ? 41   THR A C   1 
ATOM   333 O  O   . THR A 1 40 ? -9.880  2.949   4.558   1.00 42.17 ? 41   THR A O   1 
ATOM   334 C  CB  . THR A 1 40 ? -10.312 3.475   1.665   1.00 43.25 ? 41   THR A CB  1 
ATOM   335 O  OG1 . THR A 1 40 ? -10.084 4.401   0.601   1.00 43.38 ? 41   THR A OG1 1 
ATOM   336 C  CG2 . THR A 1 40 ? -11.206 2.325   1.137   1.00 44.67 ? 41   THR A CG2 1 
ATOM   337 N  N   . PRO A 1 41 ? -12.125 2.660   4.429   1.00 45.46 ? 42   PRO A N   1 
ATOM   338 C  CA  . PRO A 1 41 ? -12.026 1.545   5.376   1.00 45.36 ? 42   PRO A CA  1 
ATOM   339 C  C   . PRO A 1 41 ? -11.131 0.424   4.817   1.00 42.19 ? 42   PRO A C   1 
ATOM   340 O  O   . PRO A 1 41 ? -11.236 0.087   3.655   1.00 40.76 ? 42   PRO A O   1 
ATOM   341 C  CB  . PRO A 1 41 ? -13.468 1.054   5.527   1.00 48.74 ? 42   PRO A CB  1 
ATOM   342 C  CG  . PRO A 1 41 ? -14.323 2.158   5.023   1.00 50.98 ? 42   PRO A CG  1 
ATOM   343 C  CD  . PRO A 1 41 ? -13.514 2.905   4.000   1.00 48.31 ? 42   PRO A CD  1 
ATOM   344 N  N   . PRO A 1 42 ? -10.244 -0.130  5.645   1.00 41.34 ? 43   PRO A N   1 
ATOM   345 C  CA  . PRO A 1 42 ? -9.323  -1.183  5.220   1.00 39.83 ? 43   PRO A CA  1 
ATOM   346 C  C   . PRO A 1 42 ? -9.979  -2.438  4.627   1.00 41.14 ? 43   PRO A C   1 
ATOM   347 O  O   . PRO A 1 42 ? -9.355  -3.131  3.818   1.00 38.70 ? 43   PRO A O   1 
ATOM   348 C  CB  . PRO A 1 42 ? -8.581  -1.520  6.513   1.00 40.01 ? 43   PRO A CB  1 
ATOM   349 C  CG  . PRO A 1 42 ? -8.614  -0.240  7.275   1.00 40.36 ? 43   PRO A CG  1 
ATOM   350 C  CD  . PRO A 1 42 ? -9.964  0.301   7.029   1.00 42.13 ? 43   PRO A CD  1 
ATOM   351 N  N   A GLU A 1 43 ? -11.208 -2.718  5.040   0.60 44.22 ? 44   GLU A N   1 
ATOM   352 N  N   B GLU A 1 43 ? -11.223 -2.734  5.018   0.40 43.99 ? 44   GLU A N   1 
ATOM   353 C  CA  A GLU A 1 43 ? -11.976 -3.817  4.468   0.60 46.42 ? 44   GLU A CA  1 
ATOM   354 C  CA  B GLU A 1 43 ? -11.957 -3.859  4.421   0.40 45.97 ? 44   GLU A CA  1 
ATOM   355 C  C   A GLU A 1 43 ? -12.300 -3.560  2.979   0.60 46.26 ? 44   GLU A C   1 
ATOM   356 C  C   B GLU A 1 43 ? -12.319 -3.565  2.958   0.40 45.95 ? 44   GLU A C   1 
ATOM   357 O  O   A GLU A 1 43 ? -12.632 -4.491  2.249   0.60 47.74 ? 44   GLU A O   1 
ATOM   358 O  O   B GLU A 1 43 ? -12.710 -4.473  2.226   0.40 47.40 ? 44   GLU A O   1 
ATOM   359 C  CB  A GLU A 1 43 ? -13.248 -4.073  5.295   0.60 50.51 ? 44   GLU A CB  1 
ATOM   360 C  CB  B GLU A 1 43 ? -13.216 -4.238  5.235   0.40 49.74 ? 44   GLU A CB  1 
ATOM   361 C  CG  A GLU A 1 43 ? -14.126 -2.833  5.592   0.60 52.20 ? 44   GLU A CG  1 
ATOM   362 C  CG  B GLU A 1 43 ? -14.481 -3.398  4.968   0.40 51.87 ? 44   GLU A CG  1 
ATOM   363 C  CD  A GLU A 1 43 ? -13.762 -2.074  6.887   0.60 52.16 ? 44   GLU A CD  1 
ATOM   364 C  CD  B GLU A 1 43 ? -15.771 -4.052  5.493   0.40 56.17 ? 44   GLU A CD  1 
ATOM   365 O  OE1 A GLU A 1 43 ? -12.561 -1.968  7.242   0.60 48.89 ? 44   GLU A OE1 1 
ATOM   366 O  OE1 B GLU A 1 43 ? -16.092 -5.176  5.056   0.40 57.42 ? 44   GLU A OE1 1 
ATOM   367 O  OE2 A GLU A 1 43 ? -14.702 -1.561  7.538   0.60 55.07 ? 44   GLU A OE2 1 
ATOM   368 O  OE2 B GLU A 1 43 ? -16.476 -3.434  6.323   0.40 58.09 ? 44   GLU A OE2 1 
ATOM   369 N  N   . TYR A 1 44 ? -12.186 -2.306  2.537   1.00 44.55 ? 45   TYR A N   1 
ATOM   370 C  CA  . TYR A 1 44 ? -12.458 -1.923  1.149   1.00 44.67 ? 45   TYR A CA  1 
ATOM   371 C  C   . TYR A 1 44 ? -11.213 -1.452  0.409   1.00 41.43 ? 45   TYR A C   1 
ATOM   372 O  O   . TYR A 1 44 ? -11.309 -0.680  -0.550  1.00 40.09 ? 45   TYR A O   1 
ATOM   373 C  CB  . TYR A 1 44 ? -13.528 -0.828  1.120   1.00 47.18 ? 45   TYR A CB  1 
ATOM   374 C  CG  . TYR A 1 44 ? -14.865 -1.321  1.581   1.00 50.98 ? 45   TYR A CG  1 
ATOM   375 C  CD1 . TYR A 1 44 ? -15.547 -2.304  0.872   1.00 53.48 ? 45   TYR A CD1 1 
ATOM   376 C  CD2 . TYR A 1 44 ? -15.448 -0.821  2.743   1.00 53.65 ? 45   TYR A CD2 1 
ATOM   377 C  CE1 . TYR A 1 44 ? -16.802 -2.781  1.320   1.00 57.96 ? 45   TYR A CE1 1 
ATOM   378 C  CE2 . TYR A 1 44 ? -16.680 -1.282  3.192   1.00 57.70 ? 45   TYR A CE2 1 
ATOM   379 C  CZ  . TYR A 1 44 ? -17.347 -2.256  2.479   1.00 59.99 ? 45   TYR A CZ  1 
ATOM   380 O  OH  . TYR A 1 44 ? -18.576 -2.693  2.937   1.00 67.99 ? 45   TYR A OH  1 
HETATM 381 N  N   . MSE A 1 45 ? -10.049 -1.908  0.872   1.00 40.14 ? 46   MSE A N   1 
HETATM 382 C  CA  . MSE A 1 45 ? -8.774  -1.632  0.222   1.00 37.60 ? 46   MSE A CA  1 
HETATM 383 C  C   . MSE A 1 45 ? -8.158  -2.909  -0.291  1.00 35.37 ? 46   MSE A C   1 
HETATM 384 O  O   . MSE A 1 45 ? -8.096  -3.927  0.424   1.00 35.13 ? 46   MSE A O   1 
HETATM 385 C  CB  . MSE A 1 45 ? -7.754  -1.079  1.184   1.00 38.38 ? 46   MSE A CB  1 
HETATM 386 C  CG  . MSE A 1 45 ? -8.021  0.229   1.826   1.00 42.46 ? 46   MSE A CG  1 
HETATM 387 SE SE  . MSE A 1 45 ? -6.396  0.628   2.954   1.00 50.63 ? 46   MSE A SE  1 
HETATM 388 C  CE  . MSE A 1 45 ? -7.022  2.308   3.813   1.00 46.05 ? 46   MSE A CE  1 
ATOM   389 N  N   . GLN A 1 46 ? -7.658  -2.821  -1.519  1.00 32.70 ? 47   GLN A N   1 
ATOM   390 C  CA  . GLN A 1 46 ? -6.626  -3.715  -2.005  1.00 30.93 ? 47   GLN A CA  1 
ATOM   391 C  C   . GLN A 1 46 ? -5.365  -2.895  -2.160  1.00 28.39 ? 47   GLN A C   1 
ATOM   392 O  O   . GLN A 1 46 ? -5.432  -1.751  -2.573  1.00 27.66 ? 47   GLN A O   1 
ATOM   393 C  CB  . GLN A 1 46 ? -7.031  -4.311  -3.343  1.00 31.41 ? 47   GLN A CB  1 
ATOM   394 C  CG  . GLN A 1 46 ? -8.174  -5.272  -3.216  1.00 33.44 ? 47   GLN A CG  1 
ATOM   395 C  CD  . GLN A 1 46 ? -8.531  -6.004  -4.504  1.00 34.57 ? 47   GLN A CD  1 
ATOM   396 O  OE1 . GLN A 1 46 ? -9.508  -6.746  -4.518  1.00 37.61 ? 47   GLN A OE1 1 
ATOM   397 N  NE2 . GLN A 1 46 ? -7.776  -5.789  -5.579  1.00 32.45 ? 47   GLN A NE2 1 
ATOM   398 N  N   . LEU A 1 47 ? -4.224  -3.481  -1.788  1.00 27.37 ? 48   LEU A N   1 
ATOM   399 C  CA  . LEU A 1 47 ? -2.888  -2.883  -1.980  1.00 25.14 ? 48   LEU A CA  1 
ATOM   400 C  C   . LEU A 1 47 ? -2.155  -3.526  -3.186  1.00 24.93 ? 48   LEU A C   1 
ATOM   401 O  O   . LEU A 1 47 ? -1.903  -4.724  -3.212  1.00 26.02 ? 48   LEU A O   1 
ATOM   402 C  CB  . LEU A 1 47 ? -2.045  -2.992  -0.691  1.00 24.22 ? 48   LEU A CB  1 
ATOM   403 C  CG  . LEU A 1 47 ? -2.533  -2.282  0.619   1.00 24.29 ? 48   LEU A CG  1 
ATOM   404 C  CD1 . LEU A 1 47 ? -1.480  -2.422  1.733   1.00 22.78 ? 48   LEU A CD1 1 
ATOM   405 C  CD2 . LEU A 1 47 ? -2.954  -0.789  0.460   1.00 22.69 ? 48   LEU A CD2 1 
ATOM   406 N  N   . GLN A 1 48 ? -1.869  -2.697  -4.193  1.00 24.25 ? 49   GLN A N   1 
ATOM   407 C  CA  . GLN A 1 48 ? -1.099  -3.057  -5.377  1.00 23.98 ? 49   GLN A CA  1 
ATOM   408 C  C   . GLN A 1 48 ? 0.364   -2.608  -5.152  1.00 23.02 ? 49   GLN A C   1 
ATOM   409 O  O   . GLN A 1 48 ? 0.596   -1.452  -4.828  1.00 22.41 ? 49   GLN A O   1 
ATOM   410 C  CB  . GLN A 1 48 ? -1.693  -2.308  -6.597  1.00 24.19 ? 49   GLN A CB  1 
ATOM   411 C  CG  . GLN A 1 48 ? -0.988  -2.579  -7.927  1.00 24.48 ? 49   GLN A CG  1 
ATOM   412 C  CD  . GLN A 1 48 ? -1.506  -1.724  -9.051  1.00 25.07 ? 49   GLN A CD  1 
ATOM   413 O  OE1 . GLN A 1 48 ? -2.406  -0.905  -8.875  1.00 25.20 ? 49   GLN A OE1 1 
ATOM   414 N  NE2 . GLN A 1 48 ? -0.921  -1.895  -10.228 1.00 26.05 ? 49   GLN A NE2 1 
ATOM   415 N  N   . LEU A 1 49 ? 1.335   -3.495  -5.320  1.00 22.91 ? 50   LEU A N   1 
ATOM   416 C  CA  . LEU A 1 49 ? 2.739   -3.135  -5.123  1.00 22.40 ? 50   LEU A CA  1 
ATOM   417 C  C   . LEU A 1 49 ? 3.296   -2.912  -6.518  1.00 23.46 ? 50   LEU A C   1 
ATOM   418 O  O   . LEU A 1 49 ? 3.214   -3.794  -7.384  1.00 23.84 ? 50   LEU A O   1 
ATOM   419 C  CB  . LEU A 1 49 ? 3.533   -4.229  -4.376  1.00 22.72 ? 50   LEU A CB  1 
ATOM   420 C  CG  . LEU A 1 49 ? 4.988   -3.878  -3.982  1.00 22.54 ? 50   LEU A CG  1 
ATOM   421 C  CD1 . LEU A 1 49 ? 5.037   -2.696  -3.018  1.00 20.99 ? 50   LEU A CD1 1 
ATOM   422 C  CD2 . LEU A 1 49 ? 5.787   -5.100  -3.450  1.00 23.23 ? 50   LEU A CD2 1 
ATOM   423 N  N   . ILE A 1 50 ? 3.799   -1.693  -6.742  1.00 23.89 ? 51   ILE A N   1 
ATOM   424 C  CA  . ILE A 1 50 ? 4.404   -1.306  -7.998  1.00 25.12 ? 51   ILE A CA  1 
ATOM   425 C  C   . ILE A 1 50 ? 5.875   -1.030  -7.723  1.00 26.30 ? 51   ILE A C   1 
ATOM   426 O  O   . ILE A 1 50 ? 6.215   -0.386  -6.760  1.00 25.91 ? 51   ILE A O   1 
ATOM   427 C  CB  . ILE A 1 50 ? 3.726   -0.051  -8.576  1.00 24.93 ? 51   ILE A CB  1 
ATOM   428 C  CG1 . ILE A 1 50 ? 2.201   -0.257  -8.699  1.00 25.01 ? 51   ILE A CG1 1 
ATOM   429 C  CG2 . ILE A 1 50 ? 4.316   0.307   -9.961  1.00 26.01 ? 51   ILE A CG2 1 
ATOM   430 C  CD1 . ILE A 1 50 ? 1.366   1.059   -8.699  1.00 23.42 ? 51   ILE A CD1 1 
ATOM   431 N  N   . ASP A 1 51 ? 6.774   -1.525  -8.550  1.00 29.33 ? 52   ASP A N   1 
ATOM   432 C  CA  . ASP A 1 51 ? 8.164   -1.136  -8.366  1.00 31.76 ? 52   ASP A CA  1 
ATOM   433 C  C   . ASP A 1 51 ? 8.441   0.285   -8.887  1.00 32.01 ? 52   ASP A C   1 
ATOM   434 O  O   . ASP A 1 51 ? 7.557   0.982   -9.396  1.00 30.64 ? 52   ASP A O   1 
ATOM   435 C  CB  . ASP A 1 51 ? 9.110   -2.189  -8.955  1.00 35.20 ? 52   ASP A CB  1 
ATOM   436 C  CG  . ASP A 1 51 ? 9.355   -2.024  -10.438 1.00 37.78 ? 52   ASP A CG  1 
ATOM   437 O  OD1 . ASP A 1 51 ? 8.692   -1.169  -11.058 1.00 38.80 ? 52   ASP A OD1 1 
ATOM   438 O  OD2 . ASP A 1 51 ? 10.233  -2.758  -10.972 1.00 41.32 ? 52   ASP A OD2 1 
ATOM   439 N  N   . ASP A 1 52 ? 9.681   0.707   -8.716  1.00 34.18 ? 53   ASP A N   1 
ATOM   440 C  CA  . ASP A 1 52 ? 10.128  2.043   -9.137  1.00 35.86 ? 53   ASP A CA  1 
ATOM   441 C  C   . ASP A 1 52 ? 10.254  2.237   -10.655 1.00 37.21 ? 53   ASP A C   1 
ATOM   442 O  O   . ASP A 1 52 ? 10.525  3.332   -11.107 1.00 38.64 ? 53   ASP A O   1 
ATOM   443 C  CB  . ASP A 1 52 ? 11.474  2.355   -8.479  1.00 37.80 ? 53   ASP A CB  1 
ATOM   444 C  CG  . ASP A 1 52 ? 12.512  1.270   -8.721  1.00 40.57 ? 53   ASP A CG  1 
ATOM   445 O  OD1 . ASP A 1 52 ? 12.138  0.089   -8.852  1.00 40.22 ? 53   ASP A OD1 1 
ATOM   446 O  OD2 . ASP A 1 52 ? 13.721  1.586   -8.770  1.00 43.56 ? 53   ASP A OD2 1 
ATOM   447 N  N   . ARG A 1 53 ? 10.105  1.176   -11.433 1.00 38.36 ? 54   ARG A N   1 
ATOM   448 C  CA  . ARG A 1 53 ? 10.002  1.292   -12.894 1.00 39.93 ? 54   ARG A CA  1 
ATOM   449 C  C   . ARG A 1 53 ? 8.541   1.277   -13.388 1.00 38.87 ? 54   ARG A C   1 
ATOM   450 O  O   . ARG A 1 53 ? 8.291   1.204   -14.595 1.00 41.65 ? 54   ARG A O   1 
ATOM   451 C  CB  . ARG A 1 53 ? 10.757  0.149   -13.543 1.00 41.93 ? 54   ARG A CB  1 
ATOM   452 C  CG  . ARG A 1 53 ? 12.245  0.166   -13.265 1.00 44.11 ? 54   ARG A CG  1 
ATOM   453 C  CD  . ARG A 1 53 ? 12.670  -1.161  -12.662 1.00 45.24 ? 54   ARG A CD  1 
ATOM   454 N  NE  . ARG A 1 53 ? 14.092  -1.399  -12.848 1.00 49.30 ? 54   ARG A NE  1 
ATOM   455 C  CZ  . ARG A 1 53 ? 14.631  -2.572  -13.187 1.00 51.57 ? 54   ARG A CZ  1 
ATOM   456 N  NH1 . ARG A 1 53 ? 13.870  -3.654  -13.362 1.00 50.58 ? 54   ARG A NH1 1 
ATOM   457 N  NH2 . ARG A 1 53 ? 15.947  -2.664  -13.342 1.00 54.59 ? 54   ARG A NH2 1 
ATOM   458 N  N   . GLY A 1 54 ? 7.575   1.328   -12.475 1.00 35.21 ? 55   GLY A N   1 
ATOM   459 C  CA  . GLY A 1 54 ? 6.179   1.282   -12.869 1.00 33.34 ? 55   GLY A CA  1 
ATOM   460 C  C   . GLY A 1 54 ? 5.635   -0.109  -13.140 1.00 32.17 ? 55   GLY A C   1 
ATOM   461 O  O   . GLY A 1 54 ? 4.546   -0.243  -13.636 1.00 32.42 ? 55   GLY A O   1 
ATOM   462 N  N   . ILE A 1 55 ? 6.368   -1.152  -12.789 1.00 31.35 ? 56   ILE A N   1 
ATOM   463 C  CA  . ILE A 1 55 ? 5.935   -2.509  -13.070 1.00 30.72 ? 56   ILE A CA  1 
ATOM   464 C  C   . ILE A 1 55 ? 5.190   -3.070  -11.874 1.00 28.93 ? 56   ILE A C   1 
ATOM   465 O  O   . ILE A 1 55 ? 5.651   -2.995  -10.758 1.00 28.50 ? 56   ILE A O   1 
ATOM   466 C  CB  . ILE A 1 55 ? 7.156   -3.401  -13.439 1.00 32.53 ? 56   ILE A CB  1 
ATOM   467 C  CG1 . ILE A 1 55 ? 7.862   -2.800  -14.673 1.00 34.24 ? 56   ILE A CG1 1 
ATOM   468 C  CG2 . ILE A 1 55 ? 6.736   -4.884  -13.655 1.00 32.78 ? 56   ILE A CG2 1 
ATOM   469 C  CD1 . ILE A 1 55 ? 9.005   -3.605  -15.209 1.00 36.39 ? 56   ILE A CD1 1 
ATOM   470 N  N   . THR A 1 56 ? 4.021   -3.637  -12.107 1.00 28.82 ? 57   THR A N   1 
ATOM   471 C  CA  . THR A 1 56 ? 3.242   -4.246  -11.035 1.00 27.53 ? 57   THR A CA  1 
ATOM   472 C  C   . THR A 1 56 ? 3.877   -5.566  -10.589 1.00 28.40 ? 57   THR A C   1 
ATOM   473 O  O   . THR A 1 56 ? 4.133   -6.441  -11.390 1.00 29.21 ? 57   THR A O   1 
ATOM   474 C  CB  . THR A 1 56 ? 1.788   -4.450  -11.484 1.00 27.73 ? 57   THR A CB  1 
ATOM   475 O  OG1 . THR A 1 56 ? 1.168   -3.164  -11.606 1.00 26.41 ? 57   THR A OG1 1 
ATOM   476 C  CG2 . THR A 1 56 ? 1.007   -5.281  -10.489 1.00 27.70 ? 57   THR A CG2 1 
ATOM   477 N  N   . ILE A 1 57 ? 4.134   -5.675  -9.291  1.00 28.04 ? 58   ILE A N   1 
ATOM   478 C  CA  . ILE A 1 57 ? 4.685   -6.874  -8.693  1.00 29.56 ? 58   ILE A CA  1 
ATOM   479 C  C   . ILE A 1 57 ? 3.550   -7.743  -8.144  1.00 30.61 ? 58   ILE A C   1 
ATOM   480 O  O   . ILE A 1 57 ? 3.594   -8.977  -8.226  1.00 32.14 ? 58   ILE A O   1 
ATOM   481 C  CB  . ILE A 1 57 ? 5.627   -6.559  -7.471  1.00 28.72 ? 58   ILE A CB  1 
ATOM   482 C  CG1 . ILE A 1 57 ? 6.784   -5.610  -7.851  1.00 28.53 ? 58   ILE A CG1 1 
ATOM   483 C  CG2 . ILE A 1 57 ? 6.122   -7.872  -6.863  1.00 29.93 ? 58   ILE A CG2 1 
ATOM   484 C  CD1 . ILE A 1 57 ? 7.521   -5.976  -9.133  1.00 30.54 ? 58   ILE A CD1 1 
ATOM   485 N  N   . GLU A 1 58 ? 2.578   -7.094  -7.519  1.00 29.55 ? 59   GLU A N   1 
ATOM   486 C  CA  . GLU A 1 58 ? 1.423   -7.798  -6.964  1.00 30.61 ? 59   GLU A CA  1 
ATOM   487 C  C   . GLU A 1 58 ? 0.249   -6.864  -7.077  1.00 29.98 ? 59   GLU A C   1 
ATOM   488 O  O   . GLU A 1 58 ? 0.303   -5.711  -6.623  1.00 27.39 ? 59   GLU A O   1 
ATOM   489 C  CB  . GLU A 1 58 ? 1.651   -8.164  -5.491  1.00 31.00 ? 59   GLU A CB  1 
ATOM   490 C  CG  . GLU A 1 58 ? 0.449   -8.827  -4.798  1.00 32.44 ? 59   GLU A CG  1 
ATOM   491 C  CD  . GLU A 1 58 ? -0.161  -10.016 -5.571  1.00 35.43 ? 59   GLU A CD  1 
ATOM   492 O  OE1 . GLU A 1 58 ? 0.562   -10.970 -5.976  1.00 36.87 ? 59   GLU A OE1 1 
ATOM   493 O  OE2 . GLU A 1 58 ? -1.395  -9.994  -5.774  1.00 36.82 ? 59   GLU A OE2 1 
ATOM   494 N  N   . LYS A 1 59 ? -0.810  -7.349  -7.697  1.00 31.66 ? 60   LYS A N   1 
ATOM   495 C  CA  . LYS A 1 59 ? -1.991  -6.519  -7.855  1.00 32.32 ? 60   LYS A CA  1 
ATOM   496 C  C   . LYS A 1 59 ? -2.859  -6.378  -6.580  1.00 32.00 ? 60   LYS A C   1 
ATOM   497 O  O   . LYS A 1 59 ? -3.643  -5.441  -6.457  1.00 31.29 ? 60   LYS A O   1 
ATOM   498 C  CB  . LYS A 1 59 ? -2.801  -7.006  -9.060  1.00 34.55 ? 60   LYS A CB  1 
ATOM   499 C  CG  . LYS A 1 59 ? -3.272  -8.448  -9.033  1.00 37.30 ? 60   LYS A CG  1 
ATOM   500 C  CD  . LYS A 1 59 ? -3.686  -8.880  -10.430 1.00 39.33 ? 60   LYS A CD  1 
ATOM   501 C  CE  . LYS A 1 59 ? -4.553  -10.129 -10.367 1.00 42.99 ? 60   LYS A CE  1 
ATOM   502 N  NZ  . LYS A 1 59 ? -3.785  -11.221 -9.721  1.00 44.81 ? 60   LYS A NZ  1 
ATOM   503 N  N   . ASN A 1 60 ? -2.723  -7.306  -5.638  1.00 32.65 ? 61   ASN A N   1 
ATOM   504 C  CA  . ASN A 1 60 ? -3.589  -7.329  -4.442  1.00 33.31 ? 61   ASN A CA  1 
ATOM   505 C  C   . ASN A 1 60 ? -2.985  -8.118  -3.272  1.00 34.08 ? 61   ASN A C   1 
ATOM   506 O  O   . ASN A 1 60 ? -3.296  -9.286  -3.094  1.00 36.95 ? 61   ASN A O   1 
ATOM   507 C  CB  . ASN A 1 60 ? -4.939  -7.942  -4.825  1.00 34.60 ? 61   ASN A CB  1 
ATOM   508 C  CG  . ASN A 1 60 ? -5.899  -8.059  -3.650  1.00 35.35 ? 61   ASN A CG  1 
ATOM   509 O  OD1 . ASN A 1 60 ? -6.814  -8.904  -3.669  1.00 36.85 ? 61   ASN A OD1 1 
ATOM   510 N  ND2 . ASN A 1 60 ? -5.696  -7.232  -2.624  1.00 32.78 ? 61   ASN A ND2 1 
HETATM 511 N  N   . MSE A 1 61 ? -2.142  -7.486  -2.470  1.00 33.13 ? 62   MSE A N   1 
HETATM 512 C  CA  . MSE A 1 61 ? -1.429  -8.224  -1.417  1.00 34.03 ? 62   MSE A CA  1 
HETATM 513 C  C   . MSE A 1 61 ? -2.375  -8.718  -0.317  1.00 33.97 ? 62   MSE A C   1 
HETATM 514 O  O   . MSE A 1 61 ? -3.268  -7.998  0.132   1.00 33.16 ? 62   MSE A O   1 
HETATM 515 C  CB  . MSE A 1 61 ? -0.309  -7.372  -0.828  1.00 35.06 ? 62   MSE A CB  1 
HETATM 516 C  CG  . MSE A 1 61 ? 0.733   -6.945  -1.860  1.00 36.87 ? 62   MSE A CG  1 
HETATM 517 SE SE  . MSE A 1 61 ? 2.221   -5.869  -1.123  1.00 48.99 ? 62   MSE A SE  1 
HETATM 518 C  CE  . MSE A 1 61 ? 1.317   -4.103  -0.994  1.00 34.95 ? 62   MSE A CE  1 
ATOM   519 N  N   . ALA A 1 62 ? -2.147  -9.951  0.111   1.00 34.11 ? 63   ALA A N   1 
ATOM   520 C  CA  . ALA A 1 62 ? -3.016  -10.646 1.047   1.00 35.91 ? 63   ALA A CA  1 
ATOM   521 C  C   . ALA A 1 62 ? -2.795  -10.089 2.444   1.00 35.05 ? 63   ALA A C   1 
ATOM   522 O  O   . ALA A 1 62 ? -1.648  -9.969  2.888   1.00 34.20 ? 63   ALA A O   1 
ATOM   523 C  CB  . ALA A 1 62 ? -2.738  -12.201 1.006   1.00 37.61 ? 63   ALA A CB  1 
ATOM   524 N  N   . ASN A 1 63 ? -3.896  -9.754  3.128   1.00 35.69 ? 64   ASN A N   1 
ATOM   525 C  CA  . ASN A 1 63 ? -3.848  -9.209  4.481   1.00 35.63 ? 64   ASN A CA  1 
ATOM   526 C  C   . ASN A 1 63 ? -2.988  -9.970  5.483   1.00 36.59 ? 64   ASN A C   1 
ATOM   527 O  O   . ASN A 1 63 ? -2.396  -9.351  6.352   1.00 35.43 ? 64   ASN A O   1 
ATOM   528 C  CB  . ASN A 1 63 ? -5.253  -9.120  5.069   1.00 37.89 ? 64   ASN A CB  1 
ATOM   529 C  CG  . ASN A 1 63 ? -6.058  -8.022  4.467   1.00 37.20 ? 64   ASN A CG  1 
ATOM   530 O  OD1 . ASN A 1 63 ? -5.525  -7.191  3.761   1.00 35.82 ? 64   ASN A OD1 1 
ATOM   531 N  ND2 . ASN A 1 63 ? -7.353  -8.006  4.743   1.00 39.76 ? 64   ASN A ND2 1 
ATOM   532 N  N   . ASP A 1 64 ? -2.950  -11.299 5.389   1.00 39.13 ? 65   ASP A N   1 
ATOM   533 C  CA  . ASP A 1 64 ? -2.213  -12.118 6.370   1.00 41.05 ? 65   ASP A CA  1 
ATOM   534 C  C   . ASP A 1 64 ? -0.731  -12.302 6.064   1.00 40.28 ? 65   ASP A C   1 
ATOM   535 O  O   . ASP A 1 64 ? -0.019  -12.909 6.865   1.00 42.88 ? 65   ASP A O   1 
ATOM   536 C  CB  . ASP A 1 64 ? -2.885  -13.491 6.588   1.00 44.78 ? 65   ASP A CB  1 
ATOM   537 C  CG  . ASP A 1 64 ? -2.727  -14.451 5.401   1.00 46.62 ? 65   ASP A CG  1 
ATOM   538 O  OD1 . ASP A 1 64 ? -2.712  -14.007 4.224   1.00 45.02 ? 65   ASP A OD1 1 
ATOM   539 O  OD2 . ASP A 1 64 ? -2.660  -15.684 5.662   1.00 50.74 ? 65   ASP A OD2 1 
ATOM   540 N  N   . LYS A 1 65 ? -0.275  -11.799 4.923   1.00 37.81 ? 66   LYS A N   1 
ATOM   541 C  CA  . LYS A 1 65 ? 1.122   -11.882 4.545   1.00 37.34 ? 66   LYS A CA  1 
ATOM   542 C  C   . LYS A 1 65 ? 1.868   -10.608 4.943   1.00 34.93 ? 66   LYS A C   1 
ATOM   543 O  O   . LYS A 1 65 ? 1.286   -9.559  5.138   1.00 33.44 ? 66   LYS A O   1 
ATOM   544 C  CB  . LYS A 1 65 ? 1.264   -12.071 3.024   1.00 37.26 ? 66   LYS A CB  1 
ATOM   545 C  CG  . LYS A 1 65 ? 0.763   -13.380 2.473   1.00 39.68 ? 66   LYS A CG  1 
ATOM   546 C  CD  . LYS A 1 65 ? 1.578   -14.505 3.003   1.00 42.65 ? 66   LYS A CD  1 
ATOM   547 C  CE  . LYS A 1 65 ? 1.370   -15.782 2.219   1.00 45.91 ? 66   LYS A CE  1 
ATOM   548 N  NZ  . LYS A 1 65 ? 1.871   -16.938 3.047   1.00 49.79 ? 66   LYS A NZ  1 
ATOM   549 N  N   . GLN A 1 66 ? 3.178   -10.716 4.997   1.00 35.26 ? 67   GLN A N   1 
ATOM   550 C  CA  . GLN A 1 66 ? 4.031   -9.629  5.374   1.00 34.30 ? 67   GLN A CA  1 
ATOM   551 C  C   . GLN A 1 66 ? 4.498   -8.926  4.129   1.00 32.94 ? 67   GLN A C   1 
ATOM   552 O  O   . GLN A 1 66 ? 4.553   -9.523  3.056   1.00 34.48 ? 67   GLN A O   1 
ATOM   553 C  CB  . GLN A 1 66 ? 5.225   -10.160 6.155   1.00 36.05 ? 67   GLN A CB  1 
ATOM   554 C  CG  . GLN A 1 66 ? 4.841   -10.637 7.545   1.00 37.94 ? 67   GLN A CG  1 
ATOM   555 C  CD  . GLN A 1 66 ? 5.914   -11.511 8.159   1.00 40.63 ? 67   GLN A CD  1 
ATOM   556 O  OE1 . GLN A 1 66 ? 6.424   -12.417 7.500   1.00 42.31 ? 67   GLN A OE1 1 
ATOM   557 N  NE2 . GLN A 1 66 ? 6.256   -11.252 9.422   1.00 40.86 ? 67   GLN A NE2 1 
ATOM   558 N  N   . LEU A 1 67 ? 4.848   -7.663  4.268   1.00 31.17 ? 68   LEU A N   1 
ATOM   559 C  CA  . LEU A 1 67 ? 5.291   -6.878  3.114   1.00 30.21 ? 68   LEU A CA  1 
ATOM   560 C  C   . LEU A 1 67 ? 6.535   -7.503  2.419   1.00 30.98 ? 68   LEU A C   1 
ATOM   561 O  O   . LEU A 1 67 ? 6.659   -7.481  1.187   1.00 31.70 ? 68   LEU A O   1 
ATOM   562 C  CB  . LEU A 1 67 ? 5.523   -5.425  3.549   1.00 28.46 ? 68   LEU A CB  1 
ATOM   563 C  CG  . LEU A 1 67 ? 5.886   -4.367  2.506   1.00 28.45 ? 68   LEU A CG  1 
ATOM   564 C  CD1 . LEU A 1 67 ? 4.816   -4.245  1.398   1.00 27.47 ? 68   LEU A CD1 1 
ATOM   565 C  CD2 . LEU A 1 67 ? 6.115   -3.012  3.195   1.00 27.00 ? 68   LEU A CD2 1 
ATOM   566 N  N   . GLY A 1 68 ? 7.437   -8.060  3.208   1.00 31.39 ? 69   GLY A N   1 
ATOM   567 C  CA  . GLY A 1 68 ? 8.646   -8.691  2.688   1.00 33.29 ? 69   GLY A CA  1 
ATOM   568 C  C   . GLY A 1 68 ? 8.441   -9.964  1.878   1.00 34.49 ? 69   GLY A C   1 
ATOM   569 O  O   . GLY A 1 68 ? 9.323   -10.346 1.091   1.00 34.88 ? 69   GLY A O   1 
ATOM   570 N  N   . TYR A 1 69 ? 7.269   -10.594 2.054   1.00 34.71 ? 70   TYR A N   1 
ATOM   571 C  CA  . TYR A 1 69 ? 6.836   -11.721 1.236   1.00 36.20 ? 70   TYR A CA  1 
ATOM   572 C  C   . TYR A 1 69 ? 6.794   -11.291 -0.214  1.00 35.06 ? 70   TYR A C   1 
ATOM   573 O  O   . TYR A 1 69 ? 7.160   -12.029 -1.095  1.00 36.23 ? 70   TYR A O   1 
ATOM   574 C  CB  . TYR A 1 69 ? 5.445   -12.182 1.672   1.00 37.07 ? 70   TYR A CB  1 
ATOM   575 C  CG  . TYR A 1 69 ? 4.911   -13.379 0.908   1.00 38.83 ? 70   TYR A CG  1 
ATOM   576 C  CD1 . TYR A 1 69 ? 5.387   -14.651 1.172   1.00 42.22 ? 70   TYR A CD1 1 
ATOM   577 C  CD2 . TYR A 1 69 ? 3.936   -13.234 -0.058  1.00 38.53 ? 70   TYR A CD2 1 
ATOM   578 C  CE1 . TYR A 1 69 ? 4.918   -15.739 0.504   1.00 44.59 ? 70   TYR A CE1 1 
ATOM   579 C  CE2 . TYR A 1 69 ? 3.451   -14.338 -0.761  1.00 41.38 ? 70   TYR A CE2 1 
ATOM   580 C  CZ  . TYR A 1 69 ? 3.949   -15.590 -0.462  1.00 44.58 ? 70   TYR A CZ  1 
ATOM   581 O  OH  . TYR A 1 69 ? 3.495   -16.713 -1.124  1.00 48.28 ? 70   TYR A OH  1 
ATOM   582 N  N   . TYR A 1 70 ? 6.361   -10.062 -0.444  1.00 33.32 ? 71   TYR A N   1 
ATOM   583 C  CA  . TYR A 1 70 ? 6.218   -9.523  -1.797  1.00 32.64 ? 71   TYR A CA  1 
ATOM   584 C  C   . TYR A 1 70 ? 7.487   -8.874  -2.366  1.00 33.21 ? 71   TYR A C   1 
ATOM   585 O  O   . TYR A 1 70 ? 7.455   -8.277  -3.438  1.00 32.77 ? 71   TYR A O   1 
ATOM   586 C  CB  . TYR A 1 70 ? 5.024   -8.564  -1.815  1.00 30.57 ? 71   TYR A CB  1 
ATOM   587 C  CG  . TYR A 1 70 ? 3.739   -9.308  -1.541  1.00 30.96 ? 71   TYR A CG  1 
ATOM   588 C  CD1 . TYR A 1 70 ? 3.220   -10.170 -2.487  1.00 32.56 ? 71   TYR A CD1 1 
ATOM   589 C  CD2 . TYR A 1 70 ? 3.073   -9.183  -0.331  1.00 30.42 ? 71   TYR A CD2 1 
ATOM   590 C  CE1 . TYR A 1 70 ? 2.065   -10.899 -2.243  1.00 33.84 ? 71   TYR A CE1 1 
ATOM   591 C  CE2 . TYR A 1 70 ? 1.919   -9.873  -0.088  1.00 31.42 ? 71   TYR A CE2 1 
ATOM   592 C  CZ  . TYR A 1 70 ? 1.416   -10.737 -1.048  1.00 33.42 ? 71   TYR A CZ  1 
ATOM   593 O  OH  . TYR A 1 70 ? 0.268   -11.452 -0.840  1.00 35.04 ? 71   TYR A OH  1 
ATOM   594 N  N   . GLN A 1 71 ? 8.606   -9.033  -1.661  1.00 34.87 ? 72   GLN A N   1 
ATOM   595 C  CA  . GLN A 1 71 ? 9.914   -8.558  -2.120  1.00 36.28 ? 72   GLN A CA  1 
ATOM   596 C  C   . GLN A 1 71 ? 9.900   -7.035  -2.324  1.00 34.71 ? 72   GLN A C   1 
ATOM   597 O  O   . GLN A 1 71 ? 10.556  -6.505  -3.214  1.00 34.92 ? 72   GLN A O   1 
ATOM   598 C  CB  . GLN A 1 71 ? 10.369  -9.314  -3.386  1.00 38.20 ? 72   GLN A CB  1 
ATOM   599 C  CG  . GLN A 1 71 ? 10.418  -10.831 -3.229  1.00 40.44 ? 72   GLN A CG  1 
ATOM   600 C  CD  . GLN A 1 71 ? 10.738  -11.586 -4.531  1.00 43.12 ? 72   GLN A CD  1 
ATOM   601 O  OE1 . GLN A 1 71 ? 9.916   -11.631 -5.502  1.00 41.59 ? 72   GLN A OE1 1 
ATOM   602 N  NE2 . GLN A 1 71 ? 11.919  -12.232 -4.545  1.00 45.03 ? 72   GLN A NE2 1 
ATOM   603 N  N   . CYS A 1 72 ? 9.177   -6.333  -1.457  1.00 33.25 ? 73   CYS A N   1 
ATOM   604 C  CA  . CYS A 1 72 ? 9.165   -4.877  -1.489  1.00 32.39 ? 73   CYS A CA  1 
ATOM   605 C  C   . CYS A 1 72 ? 10.554  -4.269  -1.216  1.00 33.54 ? 73   CYS A C   1 
ATOM   606 O  O   . CYS A 1 72 ? 11.327  -4.795  -0.407  1.00 34.37 ? 73   CYS A O   1 
ATOM   607 C  CB  . CYS A 1 72 ? 8.142   -4.342  -0.520  1.00 30.86 ? 73   CYS A CB  1 
ATOM   608 S  SG  . CYS A 1 72 ? 7.872   -2.580  -0.659  1.00 30.11 ? 73   CYS A SG  1 
ATOM   609 N  N   . ARG A 1 73 ? 10.867  -3.186  -1.928  1.00 33.56 ? 74   ARG A N   1 
ATOM   610 C  CA  . ARG A 1 73 ? 12.157  -2.523  -1.816  1.00 35.99 ? 74   ARG A CA  1 
ATOM   611 C  C   . ARG A 1 73 ? 11.932  -1.039  -1.668  1.00 33.99 ? 74   ARG A C   1 
ATOM   612 O  O   . ARG A 1 73 ? 10.813  -0.551  -1.860  1.00 31.72 ? 74   ARG A O   1 
ATOM   613 C  CB  . ARG A 1 73 ? 13.035  -2.763  -3.048  1.00 40.23 ? 74   ARG A CB  1 
ATOM   614 C  CG  . ARG A 1 73 ? 13.238  -4.234  -3.465  1.00 45.15 ? 74   ARG A CG  1 
ATOM   615 C  CD  . ARG A 1 73 ? 13.970  -5.080  -2.417  1.00 49.52 ? 74   ARG A CD  1 
ATOM   616 N  NE  . ARG A 1 73 ? 14.176  -6.460  -2.874  1.00 53.60 ? 74   ARG A NE  1 
ATOM   617 C  CZ  . ARG A 1 73 ? 15.091  -6.828  -3.778  1.00 59.67 ? 74   ARG A CZ  1 
ATOM   618 N  NH1 . ARG A 1 73 ? 15.905  -5.927  -4.352  1.00 61.68 ? 74   ARG A NH1 1 
ATOM   619 N  NH2 . ARG A 1 73 ? 15.196  -8.112  -4.126  1.00 62.93 ? 74   ARG A NH2 1 
ATOM   620 N  N   . ASP A 1 74 ? 13.000  -0.315  -1.341  1.00 34.47 ? 75   ASP A N   1 
ATOM   621 C  CA  . ASP A 1 74 ? 12.922  1.133   -1.279  1.00 34.02 ? 75   ASP A CA  1 
ATOM   622 C  C   . ASP A 1 74 ? 12.501  1.687   -2.642  1.00 33.61 ? 75   ASP A C   1 
ATOM   623 O  O   . ASP A 1 74 ? 12.918  1.177   -3.697  1.00 34.12 ? 75   ASP A O   1 
ATOM   624 C  CB  . ASP A 1 74 ? 14.261  1.746   -0.872  1.00 36.37 ? 75   ASP A CB  1 
ATOM   625 C  CG  . ASP A 1 74 ? 14.602  1.510   0.578   1.00 36.62 ? 75   ASP A CG  1 
ATOM   626 O  OD1 . ASP A 1 74 ? 13.821  1.857   1.453   1.00 35.74 ? 75   ASP A OD1 1 
ATOM   627 O  OD2 . ASP A 1 74 ? 15.676  0.969   0.868   1.00 40.05 ? 75   ASP A OD2 1 
ATOM   628 N  N   . GLU A 1 75 ? 11.672  2.724   -2.591  1.00 31.97 ? 76   GLU A N   1 
ATOM   629 C  CA  . GLU A 1 75 ? 11.261  3.521   -3.745  1.00 32.31 ? 76   GLU A CA  1 
ATOM   630 C  C   . GLU A 1 75 ? 10.142  2.870   -4.535  1.00 29.81 ? 76   GLU A C   1 
ATOM   631 O  O   . GLU A 1 75 ? 9.754   3.357   -5.595  1.00 30.11 ? 76   GLU A O   1 
ATOM   632 C  CB  . GLU A 1 75 ? 12.450  3.893   -4.649  1.00 35.84 ? 76   GLU A CB  1 
ATOM   633 C  CG  . GLU A 1 75 ? 13.808  4.196   -3.929  1.00 39.73 ? 76   GLU A CG  1 
ATOM   634 C  CD  . GLU A 1 75 ? 13.690  5.217   -2.789  1.00 42.19 ? 76   GLU A CD  1 
ATOM   635 O  OE1 . GLU A 1 75 ? 12.735  6.041   -2.860  1.00 41.46 ? 76   GLU A OE1 1 
ATOM   636 O  OE2 . GLU A 1 75 ? 14.561  5.210   -1.837  1.00 44.63 ? 76   GLU A OE2 1 
ATOM   637 N  N   . PHE A 1 76 ? 9.603   1.783   -3.994  1.00 28.36 ? 77   PHE A N   1 
ATOM   638 C  CA  . PHE A 1 76 ? 8.446   1.093   -4.546  1.00 26.39 ? 77   PHE A CA  1 
ATOM   639 C  C   . PHE A 1 76 ? 7.206   1.895   -4.174  1.00 25.90 ? 77   PHE A C   1 
ATOM   640 O  O   . PHE A 1 76 ? 7.291   2.761   -3.306  1.00 25.35 ? 77   PHE A O   1 
ATOM   641 C  CB  . PHE A 1 76 ? 8.328   -0.323  -3.979  1.00 25.47 ? 77   PHE A CB  1 
ATOM   642 C  CG  . PHE A 1 76 ? 9.145   -1.360  -4.705  1.00 26.49 ? 77   PHE A CG  1 
ATOM   643 C  CD1 . PHE A 1 76 ? 10.341  -1.041  -5.317  1.00 28.02 ? 77   PHE A CD1 1 
ATOM   644 C  CD2 . PHE A 1 76 ? 8.727   -2.676  -4.725  1.00 26.61 ? 77   PHE A CD2 1 
ATOM   645 C  CE1 . PHE A 1 76 ? 11.087  -2.012  -5.966  1.00 29.86 ? 77   PHE A CE1 1 
ATOM   646 C  CE2 . PHE A 1 76 ? 9.477   -3.664  -5.354  1.00 28.24 ? 77   PHE A CE2 1 
ATOM   647 C  CZ  . PHE A 1 76 ? 10.653  -3.328  -5.978  1.00 29.85 ? 77   PHE A CZ  1 
ATOM   648 N  N   . VAL A 1 77 ? 6.065   1.588   -4.809  1.00 25.01 ? 78   VAL A N   1 
ATOM   649 C  CA  . VAL A 1 77 ? 4.853   2.367   -4.630  1.00 24.88 ? 78   VAL A CA  1 
ATOM   650 C  C   . VAL A 1 77 ? 3.752   1.429   -4.213  1.00 24.95 ? 78   VAL A C   1 
ATOM   651 O  O   . VAL A 1 77 ? 3.513   0.387   -4.854  1.00 24.52 ? 78   VAL A O   1 
ATOM   652 C  CB  . VAL A 1 77 ? 4.463   3.113   -5.937  1.00 25.54 ? 78   VAL A CB  1 
ATOM   653 C  CG1 . VAL A 1 77 ? 3.133   3.827   -5.802  1.00 24.68 ? 78   VAL A CG1 1 
ATOM   654 C  CG2 . VAL A 1 77 ? 5.560   4.098   -6.337  1.00 26.20 ? 78   VAL A CG2 1 
ATOM   655 N  N   . ILE A 1 78 ? 3.107   1.746   -3.098  1.00 25.11 ? 79   ILE A N   1 
ATOM   656 C  CA  . ILE A 1 78 ? 1.941   0.979   -2.705  1.00 25.36 ? 79   ILE A CA  1 
ATOM   657 C  C   . ILE A 1 78 ? 0.749   1.802   -3.180  1.00 25.92 ? 79   ILE A C   1 
ATOM   658 O  O   . ILE A 1 78 ? 0.556   2.949   -2.716  1.00 25.30 ? 79   ILE A O   1 
ATOM   659 C  CB  . ILE A 1 78 ? 1.856   0.766   -1.191  1.00 26.62 ? 79   ILE A CB  1 
ATOM   660 C  CG1 . ILE A 1 78 ? 2.895   -0.255  -0.707  1.00 27.08 ? 79   ILE A CG1 1 
ATOM   661 C  CG2 . ILE A 1 78 ? 0.468   0.261   -0.810  1.00 27.12 ? 79   ILE A CG2 1 
ATOM   662 C  CD1 . ILE A 1 78 ? 2.935   -0.438  0.788   1.00 26.10 ? 79   ILE A CD1 1 
ATOM   663 N  N   . HIS A 1 79 ? -0.023  1.239   -4.121  1.00 26.00 ? 80   HIS A N   1 
ATOM   664 C  CA  . HIS A 1 79 ? -1.192  1.916   -4.690  1.00 26.34 ? 80   HIS A CA  1 
ATOM   665 C  C   . HIS A 1 79 ? -2.442  1.353   -4.038  1.00 26.32 ? 80   HIS A C   1 
ATOM   666 O  O   . HIS A 1 79 ? -2.641  0.139   -3.998  1.00 26.75 ? 80   HIS A O   1 
ATOM   667 C  CB  . HIS A 1 79 ? -1.220  1.744   -6.205  1.00 26.47 ? 80   HIS A CB  1 
ATOM   668 C  CG  . HIS A 1 79 ? -2.434  2.316   -6.865  1.00 27.69 ? 80   HIS A CG  1 
ATOM   669 N  ND1 . HIS A 1 79 ? -2.703  3.671   -6.889  1.00 27.87 ? 80   HIS A ND1 1 
ATOM   670 C  CD2 . HIS A 1 79 ? -3.441  1.717   -7.557  1.00 28.58 ? 80   HIS A CD2 1 
ATOM   671 C  CE1 . HIS A 1 79 ? -3.820  3.882   -7.565  1.00 29.07 ? 80   HIS A CE1 1 
ATOM   672 N  NE2 . HIS A 1 79 ? -4.288  2.716   -7.984  1.00 29.19 ? 80   HIS A NE2 1 
ATOM   673 N  N   . VAL A 1 80 ? -3.269  2.239   -3.495  1.00 26.65 ? 81   VAL A N   1 
ATOM   674 C  CA  . VAL A 1 80 ? -4.472  1.821   -2.781  1.00 27.32 ? 81   VAL A CA  1 
ATOM   675 C  C   . VAL A 1 80 ? -5.707  1.816   -3.710  1.00 28.21 ? 81   VAL A C   1 
ATOM   676 O  O   . VAL A 1 80 ? -6.147  2.872   -4.171  1.00 28.93 ? 81   VAL A O   1 
ATOM   677 C  CB  . VAL A 1 80 ? -4.705  2.737   -1.542  1.00 27.94 ? 81   VAL A CB  1 
ATOM   678 C  CG1 . VAL A 1 80 ? -5.932  2.314   -0.768  1.00 28.68 ? 81   VAL A CG1 1 
ATOM   679 C  CG2 . VAL A 1 80 ? -3.452  2.739   -0.657  1.00 27.40 ? 81   VAL A CG2 1 
ATOM   680 N  N   . VAL A 1 81 ? -6.253  0.631   -3.985  1.00 27.85 ? 82   VAL A N   1 
ATOM   681 C  CA  . VAL A 1 81 ? -7.432  0.531   -4.802  1.00 29.69 ? 82   VAL A CA  1 
ATOM   682 C  C   . VAL A 1 81 ? -8.658  0.553   -3.887  1.00 31.59 ? 82   VAL A C   1 
ATOM   683 O  O   . VAL A 1 81 ? -8.765  -0.230  -2.963  1.00 31.50 ? 82   VAL A O   1 
ATOM   684 C  CB  . VAL A 1 81 ? -7.420  -0.721  -5.706  1.00 30.25 ? 82   VAL A CB  1 
ATOM   685 C  CG1 . VAL A 1 81 ? -8.591  -0.652  -6.692  1.00 31.70 ? 82   VAL A CG1 1 
ATOM   686 C  CG2 . VAL A 1 81 ? -6.099  -0.832  -6.444  1.00 28.26 ? 82   VAL A CG2 1 
ATOM   687 N  N   . ASP A 1 82 ? -9.552  1.497   -4.144  1.00 33.88 ? 83   ASP A N   1 
ATOM   688 C  CA  . ASP A 1 82 ? -10.689 1.785   -3.296  1.00 37.34 ? 83   ASP A CA  1 
ATOM   689 C  C   . ASP A 1 82 ? -11.907 1.042   -3.836  1.00 40.66 ? 83   ASP A C   1 
ATOM   690 O  O   . ASP A 1 82 ? -12.370 1.331   -4.951  1.00 41.82 ? 83   ASP A O   1 
ATOM   691 C  CB  . ASP A 1 82 ? -10.959 3.293   -3.270  1.00 39.10 ? 83   ASP A CB  1 
ATOM   692 C  CG  . ASP A 1 82 ? -11.988 3.700   -2.206  1.00 42.64 ? 83   ASP A CG  1 
ATOM   693 O  OD1 . ASP A 1 82 ? -13.060 3.091   -2.157  1.00 45.22 ? 83   ASP A OD1 1 
ATOM   694 O  OD2 . ASP A 1 82 ? -11.728 4.630   -1.405  1.00 44.61 ? 83   ASP A OD2 1 
ATOM   695 N  N   . LEU A 1 83 ? -12.420 0.105   -3.040  1.00 43.05 ? 84   LEU A N   1 
ATOM   696 C  CA  . LEU A 1 83 ? -13.595 -0.704  -3.399  1.00 48.04 ? 84   LEU A CA  1 
ATOM   697 C  C   . LEU A 1 83 ? -14.898 -0.327  -2.651  1.00 52.75 ? 84   LEU A C   1 
ATOM   698 O  O   . LEU A 1 83 ? -15.904 -1.041  -2.775  1.00 55.21 ? 84   LEU A O   1 
ATOM   699 C  CB  . LEU A 1 83 ? -13.301 -2.189  -3.131  1.00 48.45 ? 84   LEU A CB  1 
ATOM   700 C  CG  . LEU A 1 83 ? -12.331 -2.936  -4.055  1.00 46.89 ? 84   LEU A CG  1 
ATOM   701 C  CD1 . LEU A 1 83 ? -10.945 -2.391  -3.959  1.00 43.70 ? 84   LEU A CD1 1 
ATOM   702 C  CD2 . LEU A 1 83 ? -12.340 -4.439  -3.709  1.00 48.92 ? 84   LEU A CD2 1 
ATOM   703 N  N   . GLN A 1 84 ? -14.906 0.772   -1.891  1.00 55.28 ? 85   GLN A N   1 
ATOM   704 C  CA  . GLN A 1 84 ? -16.042 1.023   -0.996  1.00 62.89 ? 85   GLN A CA  1 
ATOM   705 C  C   . GLN A 1 84 ? -17.270 1.421   -1.808  1.00 69.03 ? 85   GLN A C   1 
ATOM   706 O  O   . GLN A 1 84 ? -17.160 2.205   -2.743  1.00 66.70 ? 85   GLN A O   1 
ATOM   707 C  CB  . GLN A 1 84 ? -15.718 2.021   0.139   1.00 61.65 ? 85   GLN A CB  1 
ATOM   708 C  CG  . GLN A 1 84 ? -15.575 3.491   -0.226  1.00 61.33 ? 85   GLN A CG  1 
ATOM   709 C  CD  . GLN A 1 84 ? -15.154 4.356   0.976   1.00 60.52 ? 85   GLN A CD  1 
ATOM   710 O  OE1 . GLN A 1 84 ? -15.941 4.589   1.894   1.00 62.20 ? 85   GLN A OE1 1 
ATOM   711 N  NE2 . GLN A 1 84 ? -13.916 4.847   0.955   1.00 57.83 ? 85   GLN A NE2 1 
ATOM   712 N  N   . PRO A 1 85 ? -18.440 0.853   -1.468  1.00 79.29 ? 86   PRO A N   1 
ATOM   713 C  CA  . PRO A 1 85 ? -19.607 1.073   -2.314  1.00 86.58 ? 86   PRO A CA  1 
ATOM   714 C  C   . PRO A 1 85 ? -20.301 2.417   -2.066  1.00 94.61 ? 86   PRO A C   1 
ATOM   715 O  O   . PRO A 1 85 ? -19.845 3.210   -1.238  1.00 87.50 ? 86   PRO A O   1 
ATOM   716 C  CB  . PRO A 1 85 ? -20.528 -0.108  -1.959  1.00 89.46 ? 86   PRO A CB  1 
ATOM   717 C  CG  . PRO A 1 85 ? -19.911 -0.787  -0.743  1.00 87.02 ? 86   PRO A CG  1 
ATOM   718 C  CD  . PRO A 1 85 ? -18.782 0.065   -0.270  1.00 81.95 ? 86   PRO A CD  1 
ATOM   719 N  N   . SER A 1 86 ? -21.388 2.648   -2.807  1.00 66.36 ? 87   SER A N   1 
ATOM   720 C  CA  . SER A 1 86 ? -22.215 3.885   -2.737  1.00 74.18 ? 87   SER A CA  1 
ATOM   721 C  C   . SER A 1 86 ? -22.194 4.628   -1.394  1.00 75.42 ? 87   SER A C   1 
ATOM   722 O  O   . SER A 1 86 ? -23.230 5.097   -0.911  1.00 77.27 ? 87   SER A O   1 
ATOM   723 C  CB  . SER A 1 86 ? -23.672 3.548   -3.088  1.00 77.41 ? 87   SER A CB  1 
ATOM   724 O  OG  . SER A 1 86 ? -23.741 2.793   -4.283  1.00 78.66 ? 87   SER A OG  1 
HETATM 725 C  C1  . EDO B 2 .  ? -6.998  12.308  5.789   1.00 60.51 ? 1090 EDO A C1  1 
HETATM 726 O  O1  . EDO B 2 .  ? -7.859  11.473  6.589   1.00 62.06 ? 1090 EDO A O1  1 
HETATM 727 C  C2  . EDO B 2 .  ? -7.595  12.684  4.414   1.00 58.26 ? 1090 EDO A C2  1 
HETATM 728 O  O2  . EDO B 2 .  ? -8.570  11.747  3.900   1.00 55.11 ? 1090 EDO A O2  1 
HETATM 729 O  O   . HOH C 3 .  ? 16.393  -1.050  6.871   1.00 45.60 ? 2001 HOH A O   1 
HETATM 730 O  O   . HOH C 3 .  ? 10.830  -5.541  9.593   1.00 37.98 ? 2002 HOH A O   1 
HETATM 731 O  O   . HOH C 3 .  ? 12.257  -7.677  11.068  1.00 46.98 ? 2003 HOH A O   1 
HETATM 732 O  O   . HOH C 3 .  ? 14.169  -6.923  14.094  1.00 33.40 ? 2004 HOH A O   1 
HETATM 733 O  O   . HOH C 3 .  ? 11.627  11.336  -0.794  1.00 57.44 ? 2005 HOH A O   1 
HETATM 734 O  O   . HOH C 3 .  ? 9.415   6.780   -1.807  1.00 35.06 ? 2006 HOH A O   1 
HETATM 735 O  O   . HOH C 3 .  ? 8.108   5.428   -3.875  1.00 36.45 ? 2007 HOH A O   1 
HETATM 736 O  O   . HOH C 3 .  ? 0.148   4.840   -8.779  1.00 38.03 ? 2008 HOH A O   1 
HETATM 737 O  O   . HOH C 3 .  ? -3.321  9.029   -5.822  1.00 29.01 ? 2009 HOH A O   1 
HETATM 738 O  O   . HOH C 3 .  ? -13.681 -4.733  9.827   1.00 53.17 ? 2010 HOH A O   1 
HETATM 739 O  O   . HOH C 3 .  ? -6.796  -9.516  -7.638  1.00 41.06 ? 2011 HOH A O   1 
HETATM 740 O  O   . HOH C 3 .  ? 4.727   4.033   -10.070 1.00 57.10 ? 2012 HOH A O   1 
HETATM 741 O  O   . HOH C 3 .  ? 4.804   11.295  6.063   1.00 43.76 ? 2013 HOH A O   1 
HETATM 742 O  O   . HOH C 3 .  ? 8.124   9.452   5.853   1.00 50.77 ? 2014 HOH A O   1 
HETATM 743 O  O   . HOH C 3 .  ? 12.683  7.671   4.878   1.00 33.94 ? 2015 HOH A O   1 
HETATM 744 O  O   . HOH C 3 .  ? 14.496  11.079  2.160   1.00 48.77 ? 2016 HOH A O   1 
HETATM 745 O  O   . HOH C 3 .  ? 4.664   8.440   8.384   1.00 32.65 ? 2017 HOH A O   1 
HETATM 746 O  O   . HOH C 3 .  ? 1.593   7.274   10.066  1.00 36.48 ? 2018 HOH A O   1 
HETATM 747 O  O   . HOH C 3 .  ? 4.653   4.322   7.905   1.00 36.01 ? 2019 HOH A O   1 
HETATM 748 O  O   . HOH C 3 .  ? 1.932   -15.246 -4.393  1.00 47.06 ? 2020 HOH A O   1 
HETATM 749 O  O   . HOH C 3 .  ? 6.994   7.361   7.558   1.00 25.02 ? 2021 HOH A O   1 
HETATM 750 O  O   . HOH C 3 .  ? 15.798  4.642   2.994   1.00 34.71 ? 2022 HOH A O   1 
HETATM 751 O  O   . HOH C 3 .  ? 15.318  -3.547  1.684   1.00 45.52 ? 2023 HOH A O   1 
HETATM 752 O  O   . HOH C 3 .  ? 2.264   -6.732  11.744  1.00 39.26 ? 2024 HOH A O   1 
HETATM 753 O  O   . HOH C 3 .  ? -1.716  -7.664  11.766  1.00 54.19 ? 2025 HOH A O   1 
HETATM 754 O  O   . HOH C 3 .  ? -6.531  -3.518  8.507   1.00 40.04 ? 2026 HOH A O   1 
HETATM 755 O  O   . HOH C 3 .  ? -7.453  -7.756  -0.097  1.00 48.98 ? 2027 HOH A O   1 
HETATM 756 O  O   . HOH C 3 .  ? -4.852  -6.130  -0.641  1.00 23.68 ? 2028 HOH A O   1 
HETATM 757 O  O   . HOH C 3 .  ? -8.363  -5.389  3.243   1.00 38.09 ? 2029 HOH A O   1 
HETATM 758 O  O   . HOH C 3 .  ? -4.986  0.309   14.296  1.00 43.06 ? 2030 HOH A O   1 
HETATM 759 O  O   . HOH C 3 .  ? -0.917  7.910   11.545  1.00 47.03 ? 2031 HOH A O   1 
HETATM 760 O  O   . HOH C 3 .  ? -1.759  13.039  3.834   1.00 46.78 ? 2032 HOH A O   1 
HETATM 761 O  O   . HOH C 3 .  ? -13.916 6.685   6.598   1.00 55.83 ? 2033 HOH A O   1 
HETATM 762 O  O   . HOH C 3 .  ? -11.377 -4.188  8.156   1.00 43.12 ? 2034 HOH A O   1 
HETATM 763 O  O   . HOH C 3 .  ? -10.552 -5.510  -0.005  1.00 44.84 ? 2035 HOH A O   1 
HETATM 764 O  O   . HOH C 3 .  ? -10.561 -7.194  -1.671  1.00 40.17 ? 2036 HOH A O   1 
HETATM 765 O  O   . HOH C 3 .  ? -11.415 -7.946  -6.109  1.00 57.43 ? 2037 HOH A O   1 
HETATM 766 O  O   . HOH C 3 .  ? -7.878  -7.291  -7.676  1.00 32.54 ? 2038 HOH A O   1 
HETATM 767 O  O   . HOH C 3 .  ? -5.966  -4.519  -6.905  1.00 23.90 ? 2039 HOH A O   1 
HETATM 768 O  O   . HOH C 3 .  ? 7.022   3.335   -10.000 1.00 46.52 ? 2040 HOH A O   1 
HETATM 769 O  O   . HOH C 3 .  ? 11.773  -4.284  -9.403  1.00 38.42 ? 2041 HOH A O   1 
HETATM 770 O  O   . HOH C 3 .  ? 2.183   -1.006  -12.676 1.00 38.91 ? 2042 HOH A O   1 
HETATM 771 O  O   . HOH C 3 .  ? 3.732   -6.892  -14.488 1.00 39.64 ? 2043 HOH A O   1 
HETATM 772 O  O   . HOH C 3 .  ? 2.707   -12.284 -5.916  1.00 41.60 ? 2044 HOH A O   1 
HETATM 773 O  O   . HOH C 3 .  ? -3.062  -11.476 -6.758  1.00 42.71 ? 2045 HOH A O   1 
HETATM 774 O  O   . HOH C 3 .  ? -0.324  -9.430  -9.711  1.00 33.29 ? 2046 HOH A O   1 
HETATM 775 O  O   . HOH C 3 .  ? -4.886  -12.057 -2.107  1.00 42.46 ? 2047 HOH A O   1 
HETATM 776 O  O   . HOH C 3 .  ? -6.572  -9.789  1.169   1.00 44.14 ? 2048 HOH A O   1 
HETATM 777 O  O   . HOH C 3 .  ? -8.025  -5.541  7.054   1.00 54.41 ? 2049 HOH A O   1 
HETATM 778 O  O   . HOH C 3 .  ? -5.349  -12.851 4.072   1.00 47.27 ? 2050 HOH A O   1 
HETATM 779 O  O   . HOH C 3 .  ? 0.456   -16.768 5.698   1.00 45.81 ? 2051 HOH A O   1 
HETATM 780 O  O   . HOH C 3 .  ? 2.243   -19.136 0.457   1.00 39.61 ? 2052 HOH A O   1 
HETATM 781 O  O   . HOH C 3 .  ? 4.415   -13.392 5.116   1.00 39.44 ? 2053 HOH A O   1 
HETATM 782 O  O   . HOH C 3 .  ? 11.655  -9.474  0.824   1.00 41.57 ? 2054 HOH A O   1 
HETATM 783 O  O   . HOH C 3 .  ? -0.144  -13.545 -2.384  1.00 41.60 ? 2055 HOH A O   1 
HETATM 784 O  O   . HOH C 3 .  ? 15.738  -3.097  -5.118  1.00 54.48 ? 2056 HOH A O   1 
HETATM 785 O  O   . HOH C 3 .  ? 15.634  -1.613  -0.666  1.00 48.56 ? 2057 HOH A O   1 
HETATM 786 O  O   . HOH C 3 .  ? 9.565   5.309   -7.240  1.00 51.49 ? 2058 HOH A O   1 
HETATM 787 O  O   . HOH C 3 .  ? -14.905 2.495   -4.549  1.00 42.37 ? 2059 HOH A O   1 
HETATM 788 O  O   . HOH C 3 .  ? -14.583 5.091   -4.000  1.00 45.37 ? 2060 HOH A O   1 
# 
loop_
_atom_site_anisotrop.id 
_atom_site_anisotrop.type_symbol 
_atom_site_anisotrop.pdbx_label_atom_id 
_atom_site_anisotrop.pdbx_label_alt_id 
_atom_site_anisotrop.pdbx_label_comp_id 
_atom_site_anisotrop.pdbx_label_asym_id 
_atom_site_anisotrop.pdbx_label_seq_id 
_atom_site_anisotrop.pdbx_PDB_ins_code 
_atom_site_anisotrop.U[1][1] 
_atom_site_anisotrop.U[2][2] 
_atom_site_anisotrop.U[3][3] 
_atom_site_anisotrop.U[1][2] 
_atom_site_anisotrop.U[1][3] 
_atom_site_anisotrop.U[2][3] 
_atom_site_anisotrop.pdbx_auth_seq_id 
_atom_site_anisotrop.pdbx_auth_comp_id 
_atom_site_anisotrop.pdbx_auth_asym_id 
_atom_site_anisotrop.pdbx_auth_atom_id 
1   N  N   . SER A 1  ? 0.4523 0.6390 0.5029 0.1427  -0.0532 -0.0331 2  SER A N   
2   C  CA  . SER A 1  ? 0.4686 0.5943 0.4886 0.1353  -0.0573 -0.0269 2  SER A CA  
3   C  C   . SER A 1  ? 0.4373 0.5326 0.4577 0.1007  -0.0475 -0.0251 2  SER A C   
4   O  O   . SER A 1  ? 0.4449 0.4894 0.4404 0.0970  -0.0455 -0.0194 2  SER A O   
5   C  CB  . SER A 1  ? 0.5030 0.6534 0.5178 0.1441  -0.0722 -0.0271 2  SER A CB  
6   O  OG  . SER A 1  ? 0.5464 0.6411 0.5258 0.1436  -0.0759 -0.0200 2  SER A OG  
7   N  N   . VAL A 2  ? 0.3935 0.5195 0.4394 0.0762  -0.0417 -0.0293 3  VAL A N   
8   C  CA  . VAL A 2  ? 0.3617 0.4555 0.4051 0.0498  -0.0333 -0.0288 3  VAL A CA  
9   C  C   . VAL A 2  ? 0.3440 0.4536 0.4069 0.0359  -0.0238 -0.0297 3  VAL A C   
10  O  O   . VAL A 2  ? 0.3434 0.5039 0.4274 0.0345  -0.0244 -0.0318 3  VAL A O   
11  C  CB  . VAL A 2  ? 0.3599 0.4597 0.4018 0.0298  -0.0399 -0.0330 3  VAL A CB  
12  C  CG1 . VAL A 2  ? 0.3456 0.4163 0.3856 0.0062  -0.0325 -0.0347 3  VAL A CG1 
13  C  CG2 . VAL A 2  ? 0.3750 0.4514 0.3904 0.0411  -0.0471 -0.0313 3  VAL A CG2 
14  N  N   . VAL A 3  ? 0.3342 0.4055 0.3902 0.0253  -0.0152 -0.0275 4  VAL A N   
15  C  CA  . VAL A 3  ? 0.3278 0.4062 0.3955 0.0122  -0.0069 -0.0267 4  VAL A CA  
16  C  C   . VAL A 3  ? 0.3278 0.3825 0.3919 -0.0121 -0.0052 -0.0269 4  VAL A C   
17  O  O   . VAL A 3  ? 0.3356 0.3579 0.3854 -0.0135 -0.0070 -0.0281 4  VAL A O   
18  C  CB  . VAL A 3  ? 0.3352 0.3875 0.3944 0.0256  0.0002  -0.0243 4  VAL A CB  
19  C  CG1 . VAL A 3  ? 0.3427 0.4193 0.4031 0.0510  -0.0012 -0.0264 4  VAL A CG1 
20  C  CG2 . VAL A 3  ? 0.3357 0.3398 0.3762 0.0284  0.0000  -0.0217 4  VAL A CG2 
21  N  N   . LYS A 4  ? 0.3291 0.4004 0.4030 -0.0299 -0.0018 -0.0252 5  LYS A N   
22  C  CA  . LYS A 4  ? 0.3473 0.3864 0.4114 -0.0509 -0.0009 -0.0240 5  LYS A CA  
23  C  C   . LYS A 4  ? 0.3383 0.3558 0.3974 -0.0459 0.0076  -0.0194 5  LYS A C   
24  O  O   . LYS A 4  ? 0.3377 0.3812 0.4054 -0.0450 0.0134  -0.0162 5  LYS A O   
25  C  CB  . LYS A 4  ? 0.3755 0.4416 0.4481 -0.0788 -0.0039 -0.0223 5  LYS A CB  
26  C  CG  . LYS A 4  ? 0.4110 0.4301 0.4639 -0.1019 -0.0071 -0.0210 5  LYS A CG  
27  C  CD  . LYS A 4  ? 0.4443 0.4869 0.5021 -0.1368 -0.0113 -0.0172 5  LYS A CD  
28  C  CE  . LYS A 4  ? 0.4531 0.5170 0.5178 -0.1479 -0.0007 -0.0069 5  LYS A CE  
29  N  NZ  . LYS A 4  ? 0.5137 0.5569 0.5634 -0.1865 -0.0044 0.0004  5  LYS A NZ  
30  N  N   . VAL A 5  ? 0.3263 0.3017 0.3715 -0.0410 0.0080  -0.0199 6  VAL A N   
31  C  CA  . VAL A 5  ? 0.3150 0.2710 0.3549 -0.0366 0.0133  -0.0161 6  VAL A CA  
32  C  C   . VAL A 5  ? 0.3362 0.2540 0.3608 -0.0444 0.0108  -0.0156 6  VAL A C   
33  O  O   . VAL A 5  ? 0.3393 0.2395 0.3544 -0.0500 0.0052  -0.0197 6  VAL A O   
34  C  CB  . VAL A 5  ? 0.2948 0.2434 0.3340 -0.0179 0.0152  -0.0169 6  VAL A CB  
35  C  CG1 . VAL A 5  ? 0.2849 0.2585 0.3307 -0.0066 0.0154  -0.0178 6  VAL A CG1 
36  C  CG2 . VAL A 5  ? 0.2913 0.2226 0.3242 -0.0129 0.0126  -0.0194 6  VAL A CG2 
37  N  N   . SER A 6  ? 0.3469 0.2491 0.3651 -0.0422 0.0135  -0.0113 7  SER A N   
38  C  CA  . SER A 6  ? 0.3779 0.2418 0.3792 -0.0405 0.0094  -0.0115 7  SER A CA  
39  C  C   . SER A 6  ? 0.3665 0.2270 0.3706 -0.0222 0.0105  -0.0131 7  SER A C   
40  O  O   . SER A 6  ? 0.3552 0.2346 0.3702 -0.0163 0.0139  -0.0124 7  SER A O   
41  C  CB  . SER A 6  ? 0.4101 0.2531 0.3957 -0.0542 0.0083  -0.0039 7  SER A CB  
42  O  OG  . SER A 6  ? 0.4091 0.2749 0.4010 -0.0553 0.0147  0.0020  7  SER A OG  
43  N  N   . LEU A 7  ? 0.3930 0.2303 0.3861 -0.0131 0.0069  -0.0159 8  LEU A N   
44  C  CA  . LEU A 7  ? 0.3874 0.2336 0.3877 0.0023  0.0077  -0.0173 8  LEU A CA  
45  C  C   . LEU A 7  ? 0.4163 0.2414 0.4037 0.0098  0.0030  -0.0148 8  LEU A C   
46  O  O   . LEU A 7  ? 0.4453 0.2361 0.4116 0.0108  -0.0025 -0.0154 8  LEU A O   
47  C  CB  . LEU A 7  ? 0.3873 0.2387 0.3883 0.0128  0.0084  -0.0240 8  LEU A CB  
48  C  CG  . LEU A 7  ? 0.3747 0.2421 0.3815 0.0085  0.0116  -0.0264 8  LEU A CG  
49  C  CD1 . LEU A 7  ? 0.3818 0.2523 0.3825 0.0210  0.0131  -0.0330 8  LEU A CD1 
50  C  CD2 . LEU A 7  ? 0.3551 0.2447 0.3761 0.0052  0.0154  -0.0216 8  LEU A CD2 
51  N  N   . THR A 8  ? 0.3989 0.2400 0.3954 0.0152  0.0030  -0.0121 9  THR A N   
52  C  CA  . THR A 8  ? 0.4222 0.2525 0.4095 0.0266  -0.0031 -0.0099 9  THR A CA  
53  C  C   . THR A 8  ? 0.4001 0.2625 0.4058 0.0394  -0.0039 -0.0137 9  THR A C   
54  O  O   . THR A 8  ? 0.3817 0.2696 0.4040 0.0339  0.0013  -0.0155 9  THR A O   
55  C  CB  . THR A 8  ? 0.4293 0.2557 0.4095 0.0186  -0.0039 -0.0029 9  THR A CB  
56  O  OG1 . THR A 8  ? 0.4082 0.2621 0.4046 0.0135  -0.0002 -0.0042 9  THR A OG1 
57  C  CG2 . THR A 8  ? 0.4549 0.2607 0.4193 0.0026  -0.0013 0.0027  9  THR A CG2 
58  N  N   . HIS A 9  ? 0.4108 0.2733 0.4121 0.0554  -0.0109 -0.0138 10 HIS A N   
59  C  CA  . HIS A 9  ? 0.3946 0.2979 0.4160 0.0679  -0.0121 -0.0175 10 HIS A CA  
60  C  C   . HIS A 9  ? 0.3803 0.2950 0.4026 0.0760  -0.0215 -0.0147 10 HIS A C   
61  O  O   . HIS A 9  ? 0.4030 0.2889 0.4040 0.0898  -0.0292 -0.0127 10 HIS A O   
62  C  CB  . HIS A 9  ? 0.4223 0.3247 0.4380 0.0900  -0.0121 -0.0246 10 HIS A CB  
63  C  CG  . HIS A 9  ? 0.4274 0.3865 0.4680 0.1022  -0.0097 -0.0285 10 HIS A CG  
64  N  ND1 . HIS A 9  ? 0.4585 0.4342 0.4979 0.1320  -0.0152 -0.0339 10 HIS A ND1 
65  C  CD2 . HIS A 9  ? 0.3984 0.4042 0.4647 0.0875  -0.0027 -0.0270 10 HIS A CD2 
66  C  CE1 . HIS A 9  ? 0.4417 0.4827 0.5105 0.1343  -0.0100 -0.0357 10 HIS A CE1 
67  N  NE2 . HIS A 9  ? 0.4003 0.4579 0.4846 0.1045  -0.0026 -0.0305 10 HIS A NE2 
68  N  N   . SER A 10 ? 0.3509 0.3046 0.3948 0.0669  -0.0228 -0.0144 11 SER A N   
69  C  CA  . SER A 10 ? 0.3548 0.3236 0.4001 0.0713  -0.0340 -0.0126 11 SER A CA  
70  C  C   . SER A 10 ? 0.3733 0.3624 0.4208 0.0994  -0.0432 -0.0149 11 SER A C   
71  O  O   . SER A 10 ? 0.3856 0.3790 0.4272 0.1072  -0.0550 -0.0128 11 SER A O   
72  C  CB  . SER A 10 ? 0.3358 0.3414 0.4027 0.0514  -0.0354 -0.0130 11 SER A CB  
73  O  OG  . SER A 10 ? 0.3235 0.3810 0.4177 0.0520  -0.0332 -0.0151 11 SER A OG  
74  N  N   . ALA A 11 ? 0.3814 0.3835 0.4345 0.1173  -0.0387 -0.0201 12 ALA A N   
75  C  CA  . ALA A 11 ? 0.4053 0.4350 0.4622 0.1504  -0.0466 -0.0246 12 ALA A CA  
76  C  C   . ALA A 11 ? 0.4583 0.4342 0.4818 0.1769  -0.0490 -0.0280 12 ALA A C   
77  O  O   . ALA A 11 ? 0.4885 0.4821 0.5110 0.2103  -0.0538 -0.0346 12 ALA A O   
78  C  CB  . ALA A 11 ? 0.3788 0.4818 0.4714 0.1524  -0.0394 -0.0296 12 ALA A CB  
79  N  N   . SER A 12 ? 0.4906 0.4008 0.4845 0.1632  -0.0468 -0.0242 13 SER A N   
80  C  CA  . SER A 12 ? 0.5557 0.4030 0.5106 0.1836  -0.0524 -0.0266 13 SER A CA  
81  C  C   . SER A 12 ? 0.5938 0.3732 0.5153 0.1619  -0.0544 -0.0174 13 SER A C   
82  O  O   . SER A 12 ? 0.5458 0.3316 0.4764 0.1332  -0.0488 -0.0105 13 SER A O   
83  C  CB  . SER A 12 ? 0.5692 0.4183 0.5248 0.1923  -0.0439 -0.0372 13 SER A CB  
84  O  OG  . SER A 12 ? 0.5455 0.3734 0.4993 0.1622  -0.0344 -0.0357 13 SER A OG  
85  N  N   . ARG A 13 ? 0.6748 0.3884 0.5547 0.1761  -0.0626 -0.0176 14 ARG A N   
86  C  CA  . ARG A 13 ? 0.7421 0.3921 0.5889 0.1498  -0.0633 -0.0079 14 ARG A CA  
87  C  C   . ARG A 13 ? 0.7512 0.3863 0.5985 0.1269  -0.0544 -0.0124 14 ARG A C   
88  O  O   . ARG A 13 ? 0.7553 0.3552 0.5851 0.0982  -0.0529 -0.0044 14 ARG A O   
89  C  CB  . ARG A 13 ? 0.8278 0.4024 0.6213 0.1686  -0.0792 -0.0021 14 ARG A CB  
90  C  CG  . ARG A 13 ? 0.8906 0.4276 0.6581 0.2025  -0.0878 -0.0143 14 ARG A CG  
91  C  CD  . ARG A 13 ? 0.9907 0.4410 0.6978 0.2218  -0.1059 -0.0076 14 ARG A CD  
92  N  NE  . ARG A 13 ? 1.0093 0.4808 0.7158 0.2623  -0.1175 -0.0079 14 ARG A NE  
93  C  CZ  . ARG A 13 ? 1.0996 0.5000 0.7526 0.2883  -0.1357 -0.0017 14 ARG A CZ  
94  N  NH1 . ARG A 13 ? 1.1723 0.4715 0.7665 0.2728  -0.1438 0.0063  14 ARG A NH1 
95  N  NH2 . ARG A 13 ? 1.1227 0.5522 0.7788 0.3285  -0.1475 -0.0027 14 ARG A NH2 
96  N  N   A MSE A 14 ? 0.7597 0.4236 0.6253 0.1374  -0.0485 -0.0247 15 MSE A N   
97  N  N   B MSE A 14 ? 0.7406 0.4113 0.6097 0.1396  -0.0484 -0.0247 15 MSE A N   
98  C  CA  A MSE A 14 ? 0.7932 0.4343 0.6509 0.1172  -0.0437 -0.0290 15 MSE A CA  
99  C  CA  B MSE A 14 ? 0.7528 0.4189 0.6243 0.1231  -0.0411 -0.0311 15 MSE A CA  
100 C  C   A MSE A 14 ? 0.7278 0.4047 0.6143 0.0825  -0.0323 -0.0228 15 MSE A C   
101 C  C   B MSE A 14 ? 0.6924 0.3835 0.5867 0.0868  -0.0314 -0.0232 15 MSE A C   
102 O  O   A MSE A 14 ? 0.6676 0.3980 0.5870 0.0798  -0.0252 -0.0212 15 MSE A O   
103 O  O   B MSE A 14 ? 0.6427 0.3795 0.5655 0.0805  -0.0257 -0.0190 15 MSE A O   
104 C  CB  A MSE A 14 ? 0.8361 0.4902 0.6958 0.1396  -0.0414 -0.0441 15 MSE A CB  
105 C  CB  B MSE A 14 ? 0.7538 0.4682 0.6481 0.1431  -0.0340 -0.0438 15 MSE A CB  
106 C  CG  A MSE A 14 ? 0.9254 0.5152 0.7467 0.1329  -0.0476 -0.0510 15 MSE A CG  
107 C  CG  B MSE A 14 ? 0.8204 0.5316 0.6994 0.1867  -0.0406 -0.0549 15 MSE A CG  
108 SE SE  A MSE A 14 ? 0.9830 0.6054 0.8177 0.1322  -0.0379 -0.0660 15 MSE A SE  
109 SE SE  B MSE A 14 ? 0.8659 0.6515 0.7737 0.2074  -0.0267 -0.0698 15 MSE A SE  
110 C  CE  A MSE A 14 ? 1.0170 0.5383 0.7928 0.1138  -0.0533 -0.0713 15 MSE A CE  
111 C  CE  B MSE A 14 ? 0.7549 0.6411 0.7213 0.1995  -0.0184 -0.0605 15 MSE A CE  
112 N  N   A ARG A 15 ? 0.7428 0.3882 0.6139 0.0568  -0.0324 -0.0200 16 ARG A N   
113 N  N   B ARG A 15 ? 0.7011 0.3593 0.5794 0.0638  -0.0313 -0.0218 16 ARG A N   
114 C  CA  A ARG A 15 ? 0.6886 0.3668 0.5832 0.0287  -0.0233 -0.0154 16 ARG A CA  
115 C  CA  B ARG A 15 ? 0.6531 0.3393 0.5523 0.0340  -0.0226 -0.0170 16 ARG A CA  
116 C  C   A ARG A 15 ? 0.6689 0.3399 0.5602 0.0193  -0.0230 -0.0237 16 ARG A C   
117 C  C   B ARG A 15 ? 0.6504 0.3235 0.5429 0.0213  -0.0228 -0.0239 16 ARG A C   
118 O  O   A ARG A 15 ? 0.7436 0.3636 0.6025 0.0205  -0.0320 -0.0284 16 ARG A O   
119 O  O   B ARG A 15 ? 0.7127 0.3330 0.5719 0.0214  -0.0319 -0.0278 16 ARG A O   
120 C  CB  A ARG A 15 ? 0.7331 0.3889 0.6121 0.0055  -0.0244 -0.0025 16 ARG A CB  
121 C  CB  B ARG A 15 ? 0.6730 0.3429 0.5607 0.0120  -0.0230 -0.0038 16 ARG A CB  
122 C  CG  A ARG A 15 ? 0.7326 0.4240 0.6325 -0.0210 -0.0154 0.0018  16 ARG A CG  
123 C  CG  B ARG A 15 ? 0.6412 0.3534 0.5542 -0.0113 -0.0129 0.0002  16 ARG A CG  
124 C  CD  A ARG A 15 ? 0.7635 0.4472 0.6504 -0.0403 -0.0136 0.0154  16 ARG A CD  
125 C  CD  B ARG A 15 ? 0.6690 0.3704 0.5681 -0.0356 -0.0112 0.0127  16 ARG A CD  
126 N  NE  A ARG A 15 ? 0.7558 0.4676 0.6556 -0.0675 -0.0067 0.0188  16 ARG A NE  
127 N  NE  B ARG A 15 ? 0.6359 0.3853 0.5600 -0.0517 -0.0012 0.0142  16 ARG A NE  
128 C  CZ  A ARG A 15 ? 0.7978 0.4876 0.6825 -0.0926 -0.0105 0.0217  16 ARG A CZ  
129 C  CZ  B ARG A 15 ? 0.6083 0.3904 0.5452 -0.0493 0.0056  0.0175  16 ARG A CZ  
130 N  NH1 A ARG A 15 ? 0.8616 0.4869 0.7103 -0.0946 -0.0221 0.0217  16 ARG A NH1 
131 N  NH1 B ARG A 15 ? 0.6151 0.3891 0.5436 -0.0356 0.0032  0.0203  16 ARG A NH1 
132 N  NH2 A ARG A 15 ? 0.8043 0.5365 0.7082 -0.1157 -0.0039 0.0243  16 ARG A NH2 
133 N  NH2 B ARG A 15 ? 0.5788 0.4021 0.5348 -0.0582 0.0137  0.0170  16 ARG A NH2 
134 N  N   . VAL A 16 ? 0.5955 0.3121 0.5151 0.0113  -0.0146 -0.0259 17 VAL A N   
135 C  CA  . VAL A 16 ? 0.5800 0.2943 0.4964 -0.0014 -0.0156 -0.0322 17 VAL A CA  
136 C  C   . VAL A 16 ? 0.5570 0.2898 0.4853 -0.0305 -0.0131 -0.0242 17 VAL A C   
137 O  O   . VAL A 16 ? 0.4770 0.2526 0.4310 -0.0323 -0.0054 -0.0204 17 VAL A O   
138 C  CB  . VAL A 16 ? 0.5447 0.2962 0.4794 0.0118  -0.0096 -0.0399 17 VAL A CB  
139 C  CG1 . VAL A 16 ? 0.5449 0.2918 0.4714 0.0007  -0.0128 -0.0470 17 VAL A CG1 
140 C  CG2 . VAL A 16 ? 0.5381 0.2883 0.4667 0.0410  -0.0093 -0.0468 17 VAL A CG2 
141 N  N   . PRO A 17 ? 0.6108 0.3118 0.5183 -0.0532 -0.0201 -0.0219 18 PRO A N   
142 C  CA  . PRO A 17 ? 0.6167 0.3436 0.5363 -0.0813 -0.0165 -0.0120 18 PRO A CA  
143 C  C   . PRO A 17 ? 0.5994 0.3791 0.5466 -0.0906 -0.0124 -0.0148 18 PRO A C   
144 O  O   . PRO A 17 ? 0.5955 0.4160 0.5618 -0.1017 -0.0058 -0.0077 18 PRO A O   
145 C  CB  . PRO A 17 ? 0.6765 0.3514 0.5626 -0.1067 -0.0265 -0.0080 18 PRO A CB  
146 C  CG  . PRO A 17 ? 0.7197 0.3309 0.5713 -0.0840 -0.0359 -0.0148 18 PRO A CG  
147 C  CD  . PRO A 17 ? 0.6727 0.3103 0.5413 -0.0554 -0.0322 -0.0273 18 PRO A CD  
148 N  N   . GLU A 18 ? 0.5961 0.3772 0.5434 -0.0837 -0.0167 -0.0252 19 GLU A N   
149 C  CA  . GLU A 18 ? 0.5840 0.4113 0.5526 -0.0907 -0.0161 -0.0278 19 GLU A CA  
150 C  C   . GLU A 18 ? 0.5537 0.3903 0.5264 -0.0675 -0.0148 -0.0359 19 GLU A C   
151 O  O   . GLU A 18 ? 0.6153 0.4209 0.5675 -0.0593 -0.0199 -0.0442 19 GLU A O   
152 C  CB  . GLU A 18 ? 0.6640 0.4784 0.6191 -0.1172 -0.0273 -0.0315 19 GLU A CB  
153 C  CG  . GLU A 18 ? 0.7061 0.5652 0.6803 -0.1452 -0.0268 -0.0242 19 GLU A CG  
154 C  CD  . GLU A 18 ? 0.7321 0.6061 0.7065 -0.1655 -0.0385 -0.0311 19 GLU A CD  
155 O  OE1 . GLU A 18 ? 0.7452 0.6269 0.7206 -0.1489 -0.0425 -0.0408 19 GLU A OE1 
156 O  OE2 . GLU A 18 ? 0.7898 0.6716 0.7632 -0.2000 -0.0437 -0.0258 19 GLU A OE2 
157 N  N   . LYS A 19 ? 0.4865 0.3622 0.4807 -0.0568 -0.0083 -0.0334 20 LYS A N   
158 C  CA  . LYS A 19 ? 0.4698 0.3536 0.4640 -0.0396 -0.0070 -0.0381 20 LYS A CA  
159 C  C   . LYS A 19 ? 0.4208 0.3434 0.4314 -0.0383 -0.0070 -0.0357 20 LYS A C   
160 O  O   . LYS A 19 ? 0.3955 0.3410 0.4211 -0.0389 -0.0032 -0.0303 20 LYS A O   
161 C  CB  . LYS A 19 ? 0.4639 0.3423 0.4600 -0.0222 0.0005  -0.0356 20 LYS A CB  
162 C  CG  . LYS A 19 ? 0.5033 0.3495 0.4831 -0.0146 -0.0004 -0.0397 20 LYS A CG  
163 C  CD  . LYS A 19 ? 0.5392 0.3709 0.4998 -0.0054 -0.0037 -0.0499 20 LYS A CD  
164 C  CE  . LYS A 19 ? 0.5188 0.3760 0.4857 0.0087  0.0041  -0.0495 20 LYS A CE  
165 N  NZ  . LYS A 19 ? 0.5505 0.3991 0.4959 0.0191  0.0026  -0.0597 20 LYS A NZ  
166 N  N   . ARG A 20 ? 0.4111 0.3406 0.4151 -0.0338 -0.0118 -0.0405 21 ARG A N   
167 C  CA  . ARG A 20 ? 0.3909 0.3539 0.4057 -0.0273 -0.0141 -0.0381 21 ARG A CA  
168 C  C   . ARG A 20 ? 0.3693 0.3251 0.3755 -0.0100 -0.0101 -0.0351 21 ARG A C   
169 O  O   . ARG A 20 ? 0.3744 0.3144 0.3643 -0.0063 -0.0096 -0.0384 21 ARG A O   
170 C  CB  . ARG A 20 ? 0.4065 0.3861 0.4182 -0.0372 -0.0255 -0.0442 21 ARG A CB  
171 C  CG  . ARG A 20 ? 0.4232 0.4142 0.4432 -0.0616 -0.0310 -0.0456 21 ARG A CG  
172 C  CD  . ARG A 20 ? 0.4424 0.4743 0.4713 -0.0716 -0.0430 -0.0495 21 ARG A CD  
173 N  NE  . ARG A 20 ? 0.4494 0.5286 0.5053 -0.0814 -0.0403 -0.0439 21 ARG A NE  
174 C  CZ  . ARG A 20 ? 0.4433 0.5768 0.5202 -0.0687 -0.0413 -0.0420 21 ARG A CZ  
175 N  NH1 . ARG A 20 ? 0.4573 0.6025 0.5302 -0.0471 -0.0477 -0.0442 21 ARG A NH1 
176 N  NH2 . ARG A 20 ? 0.4652 0.6434 0.5651 -0.0771 -0.0362 -0.0377 21 ARG A NH2 
177 N  N   . TYR A 21 ? 0.3465 0.3124 0.3603 -0.0002 -0.0072 -0.0288 22 TYR A N   
178 C  CA  . TYR A 21 ? 0.3391 0.2942 0.3410 0.0123  -0.0054 -0.0232 22 TYR A CA  
179 C  C   . TYR A 21 ? 0.3453 0.3155 0.3458 0.0251  -0.0123 -0.0204 22 TYR A C   
180 O  O   . TYR A 21 ? 0.3224 0.3161 0.3374 0.0288  -0.0147 -0.0222 22 TYR A O   
181 C  CB  . TYR A 21 ? 0.3246 0.2633 0.3285 0.0133  0.0019  -0.0181 22 TYR A CB  
182 C  CG  . TYR A 21 ? 0.3245 0.2526 0.3290 0.0065  0.0077  -0.0203 22 TYR A CG  
183 C  CD1 . TYR A 21 ? 0.3349 0.2585 0.3275 0.0078  0.0108  -0.0211 22 TYR A CD1 
184 C  CD2 . TYR A 21 ? 0.3092 0.2339 0.3234 0.0018  0.0100  -0.0216 22 TYR A CD2 
185 C  CE1 . TYR A 21 ? 0.3331 0.2527 0.3262 0.0079  0.0157  -0.0245 22 TYR A CE1 
186 C  CE2 . TYR A 21 ? 0.3143 0.2286 0.3267 0.0010  0.0133  -0.0238 22 TYR A CE2 
187 C  CZ  . TYR A 21 ? 0.3261 0.2396 0.3292 0.0057  0.0160  -0.0260 22 TYR A CZ  
188 O  OH  . TYR A 21 ? 0.3292 0.2377 0.3309 0.0109  0.0188  -0.0298 22 TYR A OH  
189 N  N   . GLY A 22 ? 0.3594 0.3169 0.3401 0.0336  -0.0154 -0.0158 23 GLY A N   
190 C  CA  . GLY A 22 ? 0.3787 0.3365 0.3494 0.0513  -0.0231 -0.0113 23 GLY A CA  
191 C  C   . GLY A 22 ? 0.3813 0.3142 0.3474 0.0581  -0.0196 -0.0064 23 GLY A C   
192 O  O   . GLY A 22 ? 0.3929 0.3011 0.3529 0.0482  -0.0128 -0.0021 23 GLY A O   
193 N  N   . LEU A 23 ? 0.3905 0.3320 0.3584 0.0758  -0.0250 -0.0082 24 LEU A N   
194 C  CA  . LEU A 23 ? 0.4037 0.3119 0.3577 0.0858  -0.0247 -0.0055 24 LEU A CA  
195 C  C   . LEU A 23 ? 0.4381 0.2963 0.3564 0.0888  -0.0297 0.0046  24 LEU A C   
196 O  O   . LEU A 23 ? 0.4502 0.2693 0.3521 0.0856  -0.0292 0.0086  24 LEU A O   
197 C  CB  . LEU A 23 ? 0.4129 0.3438 0.3722 0.1109  -0.0301 -0.0118 24 LEU A CB  
198 C  CG  . LEU A 23 ? 0.3800 0.3621 0.3720 0.1058  -0.0235 -0.0195 24 LEU A CG  
199 C  CD1 . LEU A 23 ? 0.3908 0.4074 0.3875 0.1355  -0.0281 -0.0256 24 LEU A CD1 
200 C  CD2 . LEU A 23 ? 0.3694 0.3326 0.3653 0.0904  -0.0142 -0.0197 24 LEU A CD2 
201 N  N   . ALA A 24 ? 0.4575 0.3158 0.3607 0.0926  -0.0353 0.0095  25 ALA A N   
202 C  CA  . ALA A 24 ? 0.5039 0.3150 0.3693 0.0900  -0.0388 0.0224  25 ALA A CA  
203 C  C   . ALA A 24 ? 0.4943 0.2955 0.3594 0.0614  -0.0270 0.0291  25 ALA A C   
204 O  O   . ALA A 24 ? 0.5370 0.3010 0.3728 0.0519  -0.0273 0.0415  25 ALA A O   
205 C  CB  . ALA A 24 ? 0.5211 0.3382 0.3669 0.1047  -0.0489 0.0262  25 ALA A CB  
206 N  N   . GLN A 25 ? 0.4546 0.2898 0.3501 0.0481  -0.0173 0.0215  26 GLN A N   
207 C  CA  . GLN A 25 ? 0.4462 0.2827 0.3449 0.0270  -0.0062 0.0259  26 GLN A CA  
208 C  C   . GLN A 25 ? 0.4613 0.2721 0.3566 0.0142  -0.0037 0.0317  26 GLN A C   
209 O  O   . GLN A 25 ? 0.4552 0.2588 0.3601 0.0189  -0.0066 0.0260  26 GLN A O   
210 C  CB  . GLN A 25 ? 0.4113 0.2832 0.3392 0.0216  0.0010  0.0149  26 GLN A CB  
211 C  CG  . GLN A 25 ? 0.4052 0.2996 0.3337 0.0271  -0.0019 0.0079  26 GLN A CG  
212 C  CD  . GLN A 25 ? 0.3852 0.2978 0.3299 0.0199  0.0047  -0.0016 26 GLN A CD  
213 O  OE1 . GLN A 25 ? 0.3847 0.3108 0.3379 0.0210  0.0000  -0.0111 26 GLN A OE1 
214 N  NE2 . GLN A 25 ? 0.3776 0.2901 0.3246 0.0123  0.0142  0.0010  26 GLN A NE2 
215 N  N   . THR A 26 ? 0.4895 0.2904 0.3709 -0.0039 0.0017  0.0429  27 THR A N   
216 C  CA  . THR A 26 ? 0.5038 0.2868 0.3841 -0.0228 0.0033  0.0488  27 THR A CA  
217 C  C   . THR A 26 ? 0.4608 0.2810 0.3771 -0.0276 0.0108  0.0389  27 THR A C   
218 O  O   . THR A 26 ? 0.4367 0.2918 0.3707 -0.0226 0.0176  0.0323  27 THR A O   
219 C  CB  . THR A 26 ? 0.5391 0.3168 0.4003 -0.0462 0.0092  0.0644  27 THR A CB  
220 O  OG1 . THR A 26 ? 0.5132 0.3407 0.3927 -0.0485 0.0218  0.0617  27 THR A OG1 
221 C  CG2 . THR A 26 ? 0.5791 0.3104 0.3952 -0.0427 0.0007  0.0776  27 THR A CG2 
222 N  N   . ILE A 27 ? 0.4608 0.2690 0.3833 -0.0359 0.0078  0.0376  28 ILE A N   
223 C  CA  . ILE A 27 ? 0.4322 0.2737 0.3850 -0.0405 0.0133  0.0302  28 ILE A CA  
224 C  C   . ILE A 27 ? 0.4264 0.3068 0.3925 -0.0527 0.0239  0.0343  28 ILE A C   
225 O  O   . ILE A 27 ? 0.4042 0.3167 0.3926 -0.0458 0.0291  0.0262  28 ILE A O   
226 C  CB  . ILE A 27 ? 0.4419 0.2638 0.3944 -0.0500 0.0067  0.0291  28 ILE A CB  
227 C  CG1 . ILE A 27 ? 0.4512 0.2417 0.3908 -0.0313 -0.0019 0.0217  28 ILE A CG1 
228 C  CG2 . ILE A 27 ? 0.3971 0.2564 0.3788 -0.0543 0.0112  0.0234  28 ILE A CG2 
229 C  CD1 . ILE A 27 ? 0.4113 0.2293 0.3705 -0.0123 0.0017  0.0117  28 ILE A CD1 
230 N  N   . GLU A 28 ? 0.4717 0.3492 0.4214 -0.0694 0.0272  0.0469  29 GLU A N   
231 C  CA  . GLU A 28 ? 0.4853 0.4107 0.4476 -0.0791 0.0397  0.0508  29 GLU A CA  
232 C  C   . GLU A 28 ? 0.4568 0.4071 0.4228 -0.0587 0.0468  0.0421  29 GLU A C   
233 O  O   . GLU A 28 ? 0.4364 0.4290 0.4202 -0.0535 0.0555  0.0363  29 GLU A O   
234 C  CB  . GLU A 28 ? 0.5520 0.4683 0.4897 -0.1028 0.0430  0.0686  29 GLU A CB  
235 C  CG  . GLU A 28 ? 0.5740 0.5479 0.5226 -0.1137 0.0583  0.0743  29 GLU A CG  
236 C  CD  . GLU A 28 ? 0.6539 0.6162 0.5738 -0.1427 0.0619  0.0952  29 GLU A CD  
237 O  OE1 . GLU A 28 ? 0.7059 0.6226 0.6079 -0.1646 0.0515  0.1053  29 GLU A OE1 
238 O  OE2 . GLU A 28 ? 0.6795 0.6735 0.5899 -0.1439 0.0746  0.1016  29 GLU A OE2 
239 N  N   . SER A 29 ? 0.4517 0.3758 0.3979 -0.0464 0.0417  0.0409  30 SER A N   
240 C  CA  . SER A 29 ? 0.4323 0.3733 0.3764 -0.0298 0.0450  0.0317  30 SER A CA  
241 C  C   . SER A 29 ? 0.4011 0.3506 0.3675 -0.0164 0.0425  0.0165  30 SER A C   
242 O  O   . SER A 29 ? 0.3900 0.3591 0.3603 -0.0063 0.0473  0.0073  30 SER A O   
243 C  CB  . SER A 29 ? 0.4514 0.3654 0.3701 -0.0213 0.0370  0.0341  30 SER A CB  
244 O  OG  . SER A 29 ? 0.4397 0.3334 0.3645 -0.0113 0.0261  0.0278  30 SER A OG  
245 N  N   . ILE A 30 ? 0.3834 0.3148 0.3600 -0.0163 0.0351  0.0143  31 ILE A N   
246 C  CA  . ILE A 30 ? 0.3542 0.2889 0.3476 -0.0072 0.0324  0.0029  31 ILE A CA  
247 C  C   . ILE A 30 ? 0.3466 0.3050 0.3558 -0.0065 0.0381  -0.0005 31 ILE A C   
248 O  O   . ILE A 30 ? 0.3364 0.2988 0.3488 0.0049  0.0384  -0.0100 31 ILE A O   
249 C  CB  . ILE A 30 ? 0.3412 0.2562 0.3390 -0.0073 0.0250  0.0026  31 ILE A CB  
250 C  CG1 . ILE A 30 ? 0.3429 0.2441 0.3283 -0.0003 0.0187  0.0027  31 ILE A CG1 
251 C  CG2 . ILE A 30 ? 0.3223 0.2414 0.3349 -0.0028 0.0239  -0.0054 31 ILE A CG2 
252 C  CD1 . ILE A 30 ? 0.3407 0.2259 0.3258 0.0035  0.0128  0.0029  31 ILE A CD1 
253 N  N   . LYS A 31 ? 0.3510 0.3240 0.3677 -0.0185 0.0413  0.0071  32 LYS A N   
254 C  CA  . LYS A 31 ? 0.3467 0.3547 0.3817 -0.0163 0.0461  0.0044  32 LYS A CA  
255 C  C   . LYS A 31 ? 0.3593 0.3964 0.3919 -0.0025 0.0550  -0.0012 32 LYS A C   
256 O  O   . LYS A 31 ? 0.3481 0.4058 0.3909 0.0129  0.0566  -0.0095 32 LYS A O   
257 C  CB  . LYS A 31 ? 0.3551 0.3818 0.3988 -0.0373 0.0474  0.0149  32 LYS A CB  
258 C  CG  . LYS A 31 ? 0.3627 0.3613 0.4069 -0.0481 0.0371  0.0171  32 LYS A CG  
259 C  CD  . LYS A 31 ? 0.3795 0.3953 0.4309 -0.0730 0.0356  0.0262  32 LYS A CD  
260 C  CE  . LYS A 31 ? 0.3893 0.3654 0.4324 -0.0817 0.0230  0.0256  32 LYS A CE  
261 N  NZ  . LYS A 31 ? 0.4053 0.3922 0.4530 -0.1094 0.0174  0.0325  32 LYS A NZ  
262 N  N   . GLU A 32 ? 0.3779 0.4153 0.3928 -0.0057 0.0603  0.0031  33 GLU A N   
263 C  CA  . GLU A 32 ? 0.3989 0.4612 0.4044 0.0088  0.0690  -0.0034 33 GLU A CA  
264 C  C   . GLU A 32 ? 0.3883 0.4274 0.3854 0.0301  0.0629  -0.0193 33 GLU A C   
265 O  O   . GLU A 32 ? 0.3966 0.4519 0.3938 0.0491  0.0662  -0.0296 33 GLU A O   
266 C  CB  . GLU A 32 ? 0.4327 0.4904 0.4138 0.0013  0.0733  0.0044  33 GLU A CB  
267 C  CG  . GLU A 32 ? 0.4614 0.5460 0.4425 -0.0207 0.0825  0.0212  33 GLU A CG  
268 C  CD  . GLU A 32 ? 0.4717 0.6186 0.4701 -0.0170 0.0957  0.0197  33 GLU A CD  
269 O  OE1 . GLU A 32 ? 0.5000 0.6679 0.4897 0.0056  0.1028  0.0083  33 GLU A OE1 
270 O  OE2 . GLU A 32 ? 0.4677 0.6435 0.4868 -0.0359 0.0981  0.0289  33 GLU A OE2 
271 N  N   . ASN A 33 ? 0.3759 0.3771 0.3635 0.0267  0.0533  -0.0209 34 ASN A N   
272 C  CA  . ASN A 33 ? 0.3798 0.3530 0.3582 0.0379  0.0450  -0.0336 34 ASN A CA  
273 C  C   . ASN A 33 ? 0.3659 0.3308 0.3558 0.0452  0.0410  -0.0387 34 ASN A C   
274 O  O   . ASN A 33 ? 0.3852 0.3353 0.3628 0.0606  0.0380  -0.0499 34 ASN A O   
275 C  CB  . ASN A 33 ? 0.3730 0.3208 0.3465 0.0279  0.0358  -0.0317 34 ASN A CB  
276 C  CG  . ASN A 33 ? 0.3828 0.3057 0.3455 0.0321  0.0270  -0.0432 34 ASN A CG  
277 O  OD1 . ASN A 33 ? 0.3789 0.2861 0.3498 0.0265  0.0210  -0.0436 34 ASN A OD1 
278 N  ND2 . ASN A 33 ? 0.3964 0.3140 0.3373 0.0407  0.0259  -0.0527 34 ASN A ND2 
279 N  N   . VAL A 34 ? 0.3526 0.3224 0.3610 0.0353  0.0399  -0.0306 35 VAL A N   
280 C  CA  . VAL A 34 ? 0.3534 0.3186 0.3717 0.0418  0.0358  -0.0329 35 VAL A CA  
281 C  C   . VAL A 34 ? 0.3666 0.3567 0.3871 0.0620  0.0397  -0.0395 35 VAL A C   
282 O  O   . VAL A 34 ? 0.3788 0.3506 0.3926 0.0775  0.0338  -0.0463 35 VAL A O   
283 C  CB  . VAL A 34 ? 0.3380 0.3094 0.3730 0.0275  0.0340  -0.0235 35 VAL A CB  
284 C  CG1 . VAL A 34 ? 0.3490 0.3212 0.3922 0.0357  0.0294  -0.0254 35 VAL A CG1 
285 C  CG2 . VAL A 34 ? 0.3346 0.2799 0.3647 0.0164  0.0291  -0.0205 35 VAL A CG2 
286 N  N   . PHE A 35 ? 0.3752 0.4078 0.4026 0.0629  0.0497  -0.0370 36 PHE A N   
287 C  CA  . PHE A 35 ? 0.3875 0.4590 0.4192 0.0857  0.0558  -0.0441 36 PHE A CA  
288 C  C   . PHE A 35 ? 0.4135 0.4554 0.4179 0.1130  0.0523  -0.0597 36 PHE A C   
289 O  O   . PHE A 35 ? 0.4259 0.4778 0.4281 0.1398  0.0509  -0.0687 36 PHE A O   
290 C  CB  . PHE A 35 ? 0.3920 0.5182 0.4323 0.0773  0.0695  -0.0372 36 PHE A CB  
291 C  CG  . PHE A 35 ? 0.4046 0.5865 0.4523 0.1024  0.0786  -0.0448 36 PHE A CG  
292 C  CD1 . PHE A 35 ? 0.4360 0.6158 0.4587 0.1289  0.0833  -0.0581 36 PHE A CD1 
293 C  CD2 . PHE A 35 ? 0.3935 0.6331 0.4717 0.1007  0.0814  -0.0398 36 PHE A CD2 
294 C  CE1 . PHE A 35 ? 0.4552 0.6912 0.4827 0.1583  0.0927  -0.0672 36 PHE A CE1 
295 C  CE2 . PHE A 35 ? 0.4124 0.7169 0.5013 0.1271  0.0904  -0.0473 36 PHE A CE2 
296 C  CZ  . PHE A 35 ? 0.4411 0.7444 0.5040 0.1584  0.0970  -0.0614 36 PHE A CZ  
297 N  N   . THR A 36 ? 0.4308 0.4339 0.4116 0.1072  0.0489  -0.0637 37 THR A N   
298 C  CA  . THR A 36 ? 0.4747 0.4369 0.4224 0.1284  0.0421  -0.0797 37 THR A CA  
299 C  C   . THR A 36 ? 0.4996 0.4128 0.4368 0.1371  0.0289  -0.0844 37 THR A C   
300 O  O   . THR A 36 ? 0.5465 0.4260 0.4551 0.1610  0.0224  -0.0977 37 THR A O   
301 C  CB  . THR A 36 ? 0.4817 0.4153 0.4060 0.1160  0.0388  -0.0831 37 THR A CB  
302 O  OG1 . THR A 36 ? 0.4636 0.3664 0.3929 0.0921  0.0295  -0.0763 37 THR A OG1 
303 C  CG2 . THR A 36 ? 0.4700 0.4465 0.4000 0.1071  0.0509  -0.0753 37 THR A CG2 
304 N  N   . HIS A 37 ? 0.4829 0.3900 0.4386 0.1190  0.0248  -0.0733 38 HIS A N   
305 C  CA  . HIS A 37 ? 0.5122 0.3750 0.4562 0.1238  0.0133  -0.0740 38 HIS A CA  
306 C  C   . HIS A 37 ? 0.5074 0.3959 0.4672 0.1413  0.0127  -0.0713 38 HIS A C   
307 O  O   . HIS A 37 ? 0.5519 0.4084 0.4910 0.1639  0.0040  -0.0775 38 HIS A O   
308 C  CB  . HIS A 37 ? 0.4935 0.3324 0.4429 0.0936  0.0085  -0.0638 38 HIS A CB  
309 C  CG  . HIS A 37 ? 0.4995 0.3185 0.4363 0.0761  0.0063  -0.0662 38 HIS A CG  
310 N  ND1 . HIS A 37 ? 0.5493 0.3190 0.4540 0.0767  -0.0035 -0.0756 38 HIS A ND1 
311 C  CD2 . HIS A 37 ? 0.4742 0.3159 0.4245 0.0584  0.0107  -0.0609 38 HIS A CD2 
312 C  CE1 . HIS A 37 ? 0.5440 0.3145 0.4472 0.0579  -0.0050 -0.0758 38 HIS A CE1 
313 N  NE2 . HIS A 37 ? 0.4935 0.3082 0.4243 0.0490  0.0036  -0.0669 38 HIS A NE2 
314 N  N   . PHE A 38 ? 0.4732 0.4152 0.4660 0.1305  0.0199  -0.0621 39 PHE A N   
315 C  CA  . PHE A 38 ? 0.4872 0.4577 0.4977 0.1424  0.0166  -0.0589 39 PHE A CA  
316 C  C   . PHE A 38 ? 0.4944 0.5358 0.5265 0.1613  0.0248  -0.0624 39 PHE A C   
317 O  O   . PHE A 38 ? 0.5261 0.5879 0.5632 0.1869  0.0195  -0.0662 39 PHE A O   
318 C  CB  . PHE A 38 ? 0.4670 0.4406 0.4958 0.1159  0.0142  -0.0468 39 PHE A CB  
319 C  CG  . PHE A 38 ? 0.4782 0.3936 0.4873 0.1018  0.0070  -0.0433 39 PHE A CG  
320 C  CD1 . PHE A 38 ? 0.5387 0.4012 0.5176 0.1148  -0.0021 -0.0477 39 PHE A CD1 
321 C  CD2 . PHE A 38 ? 0.4557 0.3688 0.4736 0.0757  0.0091  -0.0356 39 PHE A CD2 
322 C  CE1 . PHE A 38 ? 0.5485 0.3636 0.5101 0.0955  -0.0073 -0.0422 39 PHE A CE1 
323 C  CE2 . PHE A 38 ? 0.4734 0.3459 0.4763 0.0629  0.0046  -0.0322 39 PHE A CE2 
324 C  CZ  . PHE A 38 ? 0.5063 0.3332 0.4824 0.0705  -0.0030 -0.0347 39 PHE A CZ  
325 N  N   . ALA A 39 ? 0.4774 0.5585 0.5203 0.1500  0.0373  -0.0607 40 ALA A N   
326 C  CA  . ALA A 39 ? 0.4919 0.6461 0.5519 0.1672  0.0481  -0.0642 40 ALA A CA  
327 C  C   . ALA A 39 ? 0.4674 0.6874 0.5657 0.1553  0.0491  -0.0549 40 ALA A C   
328 O  O   . ALA A 39 ? 0.4747 0.7598 0.5908 0.1759  0.0538  -0.0590 40 ALA A O   
329 C  CB  . ALA A 39 ? 0.5251 0.6728 0.5629 0.2143  0.0452  -0.0810 40 ALA A CB  
330 N  N   . THR A 40 ? 0.4628 0.6658 0.5718 0.1231  0.0437  -0.0436 41 THR A N   
331 C  CA  . THR A 40 ? 0.4354 0.6940 0.5762 0.0977  0.0449  -0.0331 41 THR A CA  
332 C  C   . THR A 40 ? 0.4143 0.6989 0.5584 0.0726  0.0585  -0.0252 41 THR A C   
333 O  O   . THR A 40 ? 0.4150 0.6502 0.5373 0.0614  0.0604  -0.0231 41 THR A O   
334 C  CB  . THR A 40 ? 0.4288 0.6454 0.5692 0.0715  0.0338  -0.0253 41 THR A CB  
335 O  OG1 . THR A 40 ? 0.4466 0.6262 0.5753 0.0916  0.0216  -0.0305 41 THR A OG1 
336 C  CG2 . THR A 40 ? 0.4204 0.6881 0.5886 0.0441  0.0317  -0.0163 41 THR A CG2 
337 N  N   . PRO A 41 ? 0.3981 0.7612 0.5679 0.0624  0.0675  -0.0195 42 PRO A N   
338 C  CA  . PRO A 41 ? 0.3932 0.7697 0.5605 0.0298  0.0789  -0.0073 42 PRO A CA  
339 C  C   . PRO A 41 ? 0.3767 0.6935 0.5329 -0.0048 0.0701  0.0032  42 PRO A C   
340 O  O   . PRO A 41 ? 0.3584 0.6652 0.5249 -0.0158 0.0585  0.0049  42 PRO A O   
341 C  CB  . PRO A 41 ? 0.3928 0.8657 0.5934 0.0159  0.0872  -0.0003 42 PRO A CB  
342 C  CG  . PRO A 41 ? 0.3990 0.9193 0.6187 0.0547  0.0834  -0.0131 42 PRO A CG  
343 C  CD  . PRO A 41 ? 0.3967 0.8403 0.5985 0.0753  0.0669  -0.0218 42 PRO A CD  
344 N  N   . PRO A 42 ? 0.3875 0.6638 0.5195 -0.0182 0.0748  0.0091  43 PRO A N   
345 C  CA  . PRO A 42 ? 0.3934 0.6103 0.5097 -0.0435 0.0661  0.0174  43 PRO A CA  
346 C  C   . PRO A 42 ? 0.4019 0.6322 0.5291 -0.0795 0.0609  0.0294  43 PRO A C   
347 O  O   . PRO A 42 ? 0.3919 0.5708 0.5075 -0.0926 0.0493  0.0316  43 PRO A O   
348 C  CB  . PRO A 42 ? 0.4126 0.6049 0.5027 -0.0475 0.0739  0.0225  43 PRO A CB  
349 C  CG  . PRO A 42 ? 0.4120 0.6232 0.4981 -0.0155 0.0815  0.0102  43 PRO A CG  
350 C  CD  . PRO A 42 ? 0.4027 0.6822 0.5157 -0.0039 0.0866  0.0059  43 PRO A CD  
351 N  N   A GLU A 43 ? 0.4110 0.7106 0.5584 -0.0956 0.0693  0.0367  44 GLU A N   
352 N  N   B GLU A 43 ? 0.4079 0.7079 0.5557 -0.0962 0.0690  0.0369  44 GLU A N   
353 C  CA  A GLU A 43 ? 0.4283 0.7476 0.5880 -0.1344 0.0628  0.0479  44 GLU A CA  
354 C  CA  B GLU A 43 ? 0.4236 0.7403 0.5827 -0.1355 0.0621  0.0480  44 GLU A CA  
355 C  C   A GLU A 43 ? 0.4187 0.7418 0.5972 -0.1288 0.0475  0.0394  44 GLU A C   
356 C  C   B GLU A 43 ? 0.4143 0.7383 0.5934 -0.1290 0.0472  0.0394  44 GLU A C   
357 O  O   A GLU A 43 ? 0.4395 0.7544 0.6197 -0.1598 0.0363  0.0454  44 GLU A O   
358 O  O   B GLU A 43 ? 0.4329 0.7527 0.6154 -0.1601 0.0363  0.0453  44 GLU A O   
359 C  CB  A GLU A 43 ? 0.4437 0.8507 0.6246 -0.1552 0.0767  0.0583  44 GLU A CB  
360 C  CB  B GLU A 43 ? 0.4368 0.8374 0.6158 -0.1603 0.0752  0.0597  44 GLU A CB  
361 C  CG  A GLU A 43 ? 0.4265 0.9196 0.6373 -0.1204 0.0877  0.0474  44 GLU A CG  
362 C  CG  B GLU A 43 ? 0.4167 0.9162 0.6378 -0.1433 0.0796  0.0523  44 GLU A CG  
363 C  CD  A GLU A 43 ? 0.4305 0.9278 0.6237 -0.0907 0.1038  0.0420  44 GLU A CD  
364 C  CD  B GLU A 43 ? 0.4320 1.0237 0.6783 -0.1795 0.0901  0.0665  44 GLU A CD  
365 O  OE1 A GLU A 43 ? 0.4246 0.8473 0.5856 -0.0800 0.1017  0.0390  44 GLU A OE1 
366 O  OE1 B GLU A 43 ? 0.4502 1.0345 0.6971 -0.2264 0.0810  0.0791  44 GLU A OE1 
367 O  OE2 A GLU A 43 ? 0.4332 1.0139 0.6452 -0.0766 0.1179  0.0395  44 GLU A OE2 
368 O  OE2 B GLU A 43 ? 0.4235 1.0962 0.6876 -0.1618 0.1071  0.0646  44 GLU A OE2 
369 N  N   . TYR A 44 ? 0.3922 0.7212 0.5791 -0.0897 0.0456  0.0258  45 TYR A N   
370 C  CA  . TYR A 44 ? 0.3891 0.7196 0.5887 -0.0793 0.0311  0.0183  45 TYR A CA  
371 C  C   . TYR A 44 ? 0.3815 0.6357 0.5569 -0.0592 0.0227  0.0106  45 TYR A C   
372 O  O   . TYR A 44 ? 0.3636 0.6162 0.5434 -0.0382 0.0139  0.0031  45 TYR A O   
373 C  CB  . TYR A 44 ? 0.3860 0.7924 0.6142 -0.0499 0.0338  0.0106  45 TYR A CB  
374 C  CG  . TYR A 44 ? 0.3925 0.8922 0.6524 -0.0715 0.0406  0.0180  45 TYR A CG  
375 C  CD1 . TYR A 44 ? 0.4096 0.9363 0.6861 -0.1098 0.0299  0.0258  45 TYR A CD1 
376 C  CD2 . TYR A 44 ? 0.4008 0.9650 0.6727 -0.0556 0.0580  0.0173  45 TYR A CD2 
377 C  CE1 . TYR A 44 ? 0.4235 1.0460 0.7325 -0.1366 0.0365  0.0345  45 TYR A CE1 
378 C  CE2 . TYR A 44 ? 0.4088 1.0712 0.7124 -0.0777 0.0667  0.0255  45 TYR A CE2 
379 C  CZ  . TYR A 44 ? 0.4207 1.1139 0.7446 -0.1200 0.0561  0.0349  45 TYR A CZ  
380 O  OH  . TYR A 44 ? 0.4754 1.2745 0.8334 -0.1467 0.0649  0.0443  45 TYR A OH  
381 N  N   . MSE A 45 ? 0.3938 0.5886 0.5429 -0.0656 0.0256  0.0134  46 MSE A N   
382 C  CA  . MSE A 45 ? 0.3903 0.5204 0.5179 -0.0522 0.0191  0.0077  46 MSE A CA  
383 C  C   . MSE A 45 ? 0.3840 0.4666 0.4932 -0.0752 0.0112  0.0124  46 MSE A C   
384 O  O   . MSE A 45 ? 0.3889 0.4590 0.4868 -0.0966 0.0138  0.0208  46 MSE A O   
385 C  CB  . MSE A 45 ? 0.4152 0.5170 0.5261 -0.0364 0.0275  0.0051  46 MSE A CB  
386 C  CG  . MSE A 45 ? 0.4573 0.5832 0.5729 -0.0098 0.0342  -0.0022 46 MSE A CG  
387 SE SE  . MSE A 45 ? 0.5879 0.6615 0.6743 -0.0001 0.0394  -0.0056 46 MSE A SE  
388 C  CE  . MSE A 45 ? 0.5212 0.6220 0.6065 0.0340  0.0460  -0.0178 46 MSE A CE  
389 N  N   . GLN A 46 ? 0.3636 0.4148 0.4644 -0.0681 0.0014  0.0070  47 GLN A N   
390 C  CA  . GLN A 46 ? 0.3684 0.3631 0.4438 -0.0748 -0.0047 0.0067  47 GLN A CA  
391 C  C   . GLN A 46 ? 0.3486 0.3166 0.4138 -0.0514 -0.0014 0.0012  47 GLN A C   
392 O  O   . GLN A 46 ? 0.3323 0.3131 0.4054 -0.0351 -0.0007 -0.0031 47 GLN A O   
393 C  CB  . GLN A 46 ? 0.3795 0.3637 0.4503 -0.0859 -0.0182 0.0040  47 GLN A CB  
394 C  CG  . GLN A 46 ? 0.3957 0.4013 0.4736 -0.1169 -0.0242 0.0100  47 GLN A CG  
395 C  CD  . GLN A 46 ? 0.4199 0.4068 0.4869 -0.1318 -0.0409 0.0060  47 GLN A CD  
396 O  OE1 . GLN A 46 ? 0.4501 0.4558 0.5232 -0.1614 -0.0484 0.0106  47 GLN A OE1 
397 N  NE2 . GLN A 46 ? 0.4099 0.3633 0.4598 -0.1137 -0.0467 -0.0024 47 GLN A NE2 
398 N  N   . LEU A 47 ? 0.3539 0.2857 0.4002 -0.0505 0.0001  0.0018  48 LEU A N   
399 C  CA  . LEU A 47 ? 0.3352 0.2472 0.3730 -0.0331 0.0026  -0.0028 48 LEU A CA  
400 C  C   . LEU A 47 ? 0.3479 0.2304 0.3689 -0.0303 -0.0042 -0.0068 48 LEU A C   
401 O  O   . LEU A 47 ? 0.3767 0.2316 0.3802 -0.0359 -0.0092 -0.0064 48 LEU A O   
402 C  CB  . LEU A 47 ? 0.3285 0.2326 0.3594 -0.0296 0.0084  -0.0005 48 LEU A CB  
403 C  CG  . LEU A 47 ? 0.3174 0.2476 0.3579 -0.0281 0.0163  0.0014  48 LEU A CG  
404 C  CD1 . LEU A 47 ? 0.3069 0.2238 0.3349 -0.0233 0.0192  0.0024  48 LEU A CD1 
405 C  CD2 . LEU A 47 ? 0.2860 0.2372 0.3389 -0.0154 0.0189  -0.0041 48 LEU A CD2 
406 N  N   . GLN A 48 ? 0.3378 0.2238 0.3600 -0.0205 -0.0046 -0.0106 49 GLN A N   
407 C  CA  . GLN A 48 ? 0.3462 0.2128 0.3520 -0.0140 -0.0080 -0.0150 49 GLN A CA  
408 C  C   . GLN A 48 ? 0.3350 0.2016 0.3382 -0.0027 -0.0006 -0.0160 49 GLN A C   
409 O  O   . GLN A 48 ? 0.3193 0.1996 0.3324 -0.0009 0.0045  -0.0141 49 GLN A O   
410 C  CB  . GLN A 48 ? 0.3453 0.2215 0.3525 -0.0118 -0.0120 -0.0163 49 GLN A CB  
411 C  CG  . GLN A 48 ? 0.3608 0.2215 0.3477 -0.0048 -0.0143 -0.0207 49 GLN A CG  
412 C  CD  . GLN A 48 ? 0.3667 0.2352 0.3508 -0.0019 -0.0181 -0.0198 49 GLN A CD  
413 O  OE1 . GLN A 48 ? 0.3586 0.2428 0.3560 -0.0024 -0.0205 -0.0164 49 GLN A OE1 
414 N  NE2 . GLN A 48 ? 0.3895 0.2473 0.3528 0.0042  -0.0189 -0.0229 49 GLN A NE2 
415 N  N   . LEU A 49 ? 0.3433 0.1953 0.3319 0.0051  -0.0011 -0.0195 50 LEU A N   
416 C  CA  . LEU A 49 ? 0.3318 0.1968 0.3224 0.0155  0.0054  -0.0206 50 LEU A CA  
417 C  C   . LEU A 49 ? 0.3462 0.2174 0.3280 0.0222  0.0077  -0.0238 50 LEU A C   
418 O  O   . LEU A 49 ? 0.3628 0.2171 0.3260 0.0288  0.0032  -0.0292 50 LEU A O   
419 C  CB  . LEU A 49 ? 0.3432 0.1965 0.3235 0.0255  0.0034  -0.0226 50 LEU A CB  
420 C  CG  . LEU A 49 ? 0.3296 0.2091 0.3177 0.0366  0.0088  -0.0237 50 LEU A CG  
421 C  CD1 . LEU A 49 ? 0.2970 0.1969 0.3037 0.0258  0.0127  -0.0193 50 LEU A CD1 
422 C  CD2 . LEU A 49 ? 0.3473 0.2145 0.3206 0.0543  0.0041  -0.0270 50 LEU A CD2 
423 N  N   . ILE A 50 ? 0.3416 0.2336 0.3325 0.0185  0.0142  -0.0201 51 ILE A N   
424 C  CA  . ILE A 50 ? 0.3565 0.2599 0.3381 0.0212  0.0190  -0.0199 51 ILE A CA  
425 C  C   . ILE A 50 ? 0.3584 0.2926 0.3484 0.0236  0.0272  -0.0192 51 ILE A C   
426 O  O   . ILE A 50 ? 0.3450 0.2900 0.3493 0.0154  0.0286  -0.0159 51 ILE A O   
427 C  CB  . ILE A 50 ? 0.3557 0.2553 0.3363 0.0109  0.0185  -0.0134 51 ILE A CB  
428 C  CG1 . ILE A 50 ? 0.3631 0.2448 0.3423 0.0097  0.0092  -0.0143 51 ILE A CG1 
429 C  CG2 . ILE A 50 ? 0.3715 0.2802 0.3364 0.0116  0.0238  -0.0108 51 ILE A CG2 
430 C  CD1 . ILE A 50 ? 0.3430 0.2210 0.3258 0.0050  0.0065  -0.0083 51 ILE A CD1 
431 N  N   . ASP A 51 ? 0.3934 0.3465 0.3745 0.0352  0.0325  -0.0231 52 ASP A N   
432 C  CA  . ASP A 51 ? 0.4052 0.4022 0.3993 0.0348  0.0411  -0.0213 52 ASP A CA  
433 C  C   . ASP A 51 ? 0.4015 0.4156 0.3991 0.0129  0.0480  -0.0111 52 ASP A C   
434 O  O   . ASP A 51 ? 0.3968 0.3836 0.3835 0.0026  0.0453  -0.0056 52 ASP A O   
435 C  CB  . ASP A 51 ? 0.4437 0.4649 0.4288 0.0591  0.0453  -0.0300 52 ASP A CB  
436 C  CG  . ASP A 51 ? 0.4764 0.5136 0.4455 0.0618  0.0536  -0.0299 52 ASP A CG  
437 O  OD1 . ASP A 51 ? 0.4967 0.5189 0.4586 0.0445  0.0542  -0.0222 52 ASP A OD1 
438 O  OD2 . ASP A 51 ? 0.5143 0.5801 0.4753 0.0842  0.0593  -0.0379 52 ASP A OD2 
439 N  N   . ASP A 52 ? 0.4094 0.4683 0.4209 0.0055  0.0554  -0.0079 53 ASP A N   
440 C  CA  . ASP A 52 ? 0.4253 0.4999 0.4374 -0.0212 0.0617  0.0037  53 ASP A CA  
441 C  C   . ASP A 52 ? 0.4456 0.5302 0.4380 -0.0236 0.0706  0.0094  53 ASP A C   
442 O  O   . ASP A 52 ? 0.4645 0.5534 0.4502 -0.0479 0.0754  0.0215  53 ASP A O   
443 C  CB  . ASP A 52 ? 0.4243 0.5526 0.4593 -0.0330 0.0661  0.0055  53 ASP A CB  
444 C  CG  . ASP A 52 ? 0.4370 0.6219 0.4824 -0.0089 0.0731  -0.0026 53 ASP A CG  
445 O  OD1 . ASP A 52 ? 0.4422 0.6091 0.4771 0.0208  0.0699  -0.0128 53 ASP A OD1 
446 O  OD2 . ASP A 52 ? 0.4479 0.6963 0.5109 -0.0190 0.0810  0.0009  53 ASP A OD2 
447 N  N   . ARG A 53 ? 0.4641 0.5501 0.4431 0.0009  0.0724  0.0007  54 ARG A N   
448 C  CA  . ARG A 53 ? 0.4923 0.5792 0.4457 0.0019  0.0791  0.0044  54 ARG A CA  
449 C  C   . ARG A 53 ? 0.5054 0.5348 0.4366 0.0053  0.0680  0.0038  54 ARG A C   
450 O  O   . ARG A 53 ? 0.5511 0.5746 0.4568 0.0104  0.0701  0.0047  54 ARG A O   
451 C  CB  . ARG A 53 ? 0.5076 0.6318 0.4538 0.0294  0.0871  -0.0070 54 ARG A CB  
452 C  CG  . ARG A 53 ? 0.5032 0.7004 0.4724 0.0298  0.0994  -0.0065 54 ARG A CG  
453 C  CD  . ARG A 53 ? 0.5105 0.7207 0.4877 0.0645  0.0952  -0.0227 54 ARG A CD  
454 N  NE  . ARG A 53 ? 0.5301 0.8210 0.5222 0.0776  0.1083  -0.0258 54 ARG A NE  
455 C  CZ  . ARG A 53 ? 0.5547 0.8684 0.5363 0.1179  0.1109  -0.0410 54 ARG A CZ  
456 N  NH1 . ARG A 53 ? 0.5727 0.8242 0.5247 0.1458  0.0997  -0.0544 54 ARG A NH1 
457 N  NH2 . ARG A 53 ? 0.5581 0.9581 0.5578 0.1304  0.1239  -0.0432 54 ARG A NH2 
458 N  N   . GLY A 54 ? 0.4682 0.4609 0.4087 0.0034  0.0560  0.0019  55 GLY A N   
459 C  CA  . GLY A 54 ? 0.4633 0.4144 0.3892 0.0070  0.0448  0.0008  55 GLY A CA  
460 C  C   . GLY A 54 ? 0.4566 0.3930 0.3727 0.0261  0.0375  -0.0125 55 GLY A C   
461 O  O   . GLY A 54 ? 0.4726 0.3829 0.3761 0.0274  0.0276  -0.0142 55 GLY A O   
462 N  N   . ILE A 55 ? 0.4404 0.3906 0.3601 0.0410  0.0402  -0.0222 56 ILE A N   
463 C  CA  . ILE A 55 ? 0.4470 0.3716 0.3486 0.0586  0.0315  -0.0352 56 ILE A CA  
464 C  C   . ILE A 55 ? 0.4292 0.3266 0.3434 0.0554  0.0208  -0.0377 56 ILE A C   
465 O  O   . ILE A 55 ? 0.4134 0.3223 0.3469 0.0538  0.0234  -0.0353 56 ILE A O   
466 C  CB  . ILE A 55 ? 0.4662 0.4140 0.3557 0.0823  0.0391  -0.0454 56 ILE A CB  
467 C  CG1 . ILE A 55 ? 0.4802 0.4641 0.3568 0.0831  0.0524  -0.0415 56 ILE A CG1 
468 C  CG2 . ILE A 55 ? 0.4926 0.3983 0.3545 0.1025  0.0269  -0.0606 56 ILE A CG2 
469 C  CD1 . ILE A 55 ? 0.5009 0.5177 0.3639 0.1102  0.0618  -0.0526 56 ILE A CD1 
470 N  N   . THR A 56 ? 0.4430 0.3070 0.3451 0.0525  0.0085  -0.0417 57 THR A N   
471 C  CA  . THR A 56 ? 0.4312 0.2722 0.3425 0.0455  -0.0009 -0.0423 57 THR A CA  
472 C  C   . THR A 56 ? 0.4539 0.2747 0.3504 0.0609  -0.0040 -0.0509 57 THR A C   
473 O  O   . THR A 56 ? 0.4805 0.2810 0.3481 0.0758  -0.0083 -0.0612 57 THR A O   
474 C  CB  . THR A 56 ? 0.4432 0.2627 0.3476 0.0335  -0.0137 -0.0432 57 THR A CB  
475 O  OG1 . THR A 56 ? 0.4148 0.2532 0.3356 0.0237  -0.0121 -0.0344 57 THR A OG1 
476 C  CG2 . THR A 56 ? 0.4482 0.2463 0.3579 0.0228  -0.0227 -0.0434 57 THR A CG2 
477 N  N   . ILE A 57 ? 0.4436 0.2666 0.3554 0.0592  -0.0028 -0.0470 58 ILE A N   
478 C  CA  . ILE A 57 ? 0.4764 0.2748 0.3719 0.0749  -0.0078 -0.0528 58 ILE A CA  
479 C  C   . ILE A 57 ? 0.5093 0.2616 0.3921 0.0603  -0.0208 -0.0512 58 ILE A C   
480 O  O   . ILE A 57 ? 0.5546 0.2614 0.4053 0.0699  -0.0310 -0.0580 58 ILE A O   
481 C  CB  . ILE A 57 ? 0.4494 0.2759 0.3660 0.0807  -0.0011 -0.0479 58 ILE A CB  
482 C  CG1 . ILE A 57 ? 0.4228 0.3037 0.3576 0.0872  0.0116  -0.0470 58 ILE A CG1 
483 C  CG2 . ILE A 57 ? 0.4831 0.2773 0.3766 0.1006  -0.0092 -0.0531 58 ILE A CG2 
484 C  CD1 . ILE A 57 ? 0.4501 0.3441 0.3662 0.1075  0.0162  -0.0560 58 ILE A CD1 
485 N  N   . GLU A 58 ? 0.4842 0.2486 0.3901 0.0377  -0.0202 -0.0420 59 GLU A N   
486 C  CA  . GLU A 58 ? 0.5095 0.2444 0.4091 0.0179  -0.0302 -0.0380 59 GLU A CA  
487 C  C   . GLU A 58 ? 0.4833 0.2475 0.4084 -0.0015 -0.0289 -0.0323 59 GLU A C   
488 O  O   . GLU A 58 ? 0.4304 0.2294 0.3811 -0.0018 -0.0197 -0.0271 59 GLU A O   
489 C  CB  . GLU A 58 ? 0.5165 0.2431 0.4184 0.0159  -0.0289 -0.0309 59 GLU A CB  
490 C  CG  . GLU A 58 ? 0.5443 0.2474 0.4406 -0.0098 -0.0364 -0.0231 59 GLU A CG  
491 C  CD  . GLU A 58 ? 0.6103 0.2627 0.4732 -0.0207 -0.0516 -0.0280 59 GLU A CD  
492 O  OE1 . GLU A 58 ? 0.6565 0.2617 0.4828 -0.0030 -0.0596 -0.0362 59 GLU A OE1 
493 O  OE2 . GLU A 58 ? 0.6221 0.2827 0.4942 -0.0468 -0.0567 -0.0244 59 GLU A OE2 
494 N  N   . LYS A 59 ? 0.5124 0.2620 0.4285 -0.0165 -0.0398 -0.0342 60 LYS A N   
495 C  CA  . LYS A 59 ? 0.5010 0.2848 0.4420 -0.0312 -0.0406 -0.0296 60 LYS A CA  
496 C  C   . LYS A 59 ? 0.4819 0.2878 0.4462 -0.0486 -0.0376 -0.0203 60 LYS A C   
497 O  O   . LYS A 59 ? 0.4514 0.2962 0.4412 -0.0521 -0.0345 -0.0167 60 LYS A O   
498 C  CB  . LYS A 59 ? 0.5387 0.3097 0.4643 -0.0409 -0.0545 -0.0357 60 LYS A CB  
499 C  CG  . LYS A 59 ? 0.5968 0.3242 0.4963 -0.0587 -0.0688 -0.0385 60 LYS A CG  
500 C  CD  . LYS A 59 ? 0.6371 0.3448 0.5125 -0.0619 -0.0835 -0.0487 60 LYS A CD  
501 C  CE  . LYS A 59 ? 0.7028 0.3730 0.5575 -0.0909 -0.1012 -0.0498 60 LYS A CE  
502 N  NZ  . LYS A 59 ? 0.7570 0.3674 0.5783 -0.0867 -0.1030 -0.0508 60 LYS A NZ  
503 N  N   . ASN A 60 ? 0.5025 0.2833 0.4547 -0.0571 -0.0387 -0.0161 61 ASN A N   
504 C  CA  . ASN A 60 ? 0.4981 0.3005 0.4672 -0.0764 -0.0351 -0.0061 61 ASN A CA  
505 C  C   . ASN A 60 ? 0.5243 0.2958 0.4748 -0.0777 -0.0329 0.0000  61 ASN A C   
506 O  O   . ASN A 60 ? 0.5817 0.3146 0.5077 -0.0951 -0.0418 0.0041  61 ASN A O   
507 C  CB  . ASN A 60 ? 0.5120 0.3199 0.4826 -0.1047 -0.0460 -0.0036 61 ASN A CB  
508 C  CG  . ASN A 60 ? 0.5053 0.3444 0.4934 -0.1283 -0.0410 0.0079  61 ASN A CG  
509 O  OD1 . ASN A 60 ? 0.5273 0.3626 0.5102 -0.1587 -0.0499 0.0131  61 ASN A OD1 
510 N  ND2 . ASN A 60 ? 0.4563 0.3266 0.4626 -0.1166 -0.0270 0.0121  61 ASN A ND2 
511 N  N   . MSE A 61 ? 0.5051 0.2899 0.4636 -0.0607 -0.0228 0.0014  62 MSE A N   
512 C  CA  . MSE A 61 ? 0.5336 0.2884 0.4710 -0.0568 -0.0225 0.0066  62 MSE A CA  
513 C  C   . MSE A 61 ? 0.5332 0.2895 0.4681 -0.0823 -0.0213 0.0193  62 MSE A C   
514 O  O   . MSE A 61 ? 0.4984 0.3019 0.4597 -0.0934 -0.0134 0.0236  62 MSE A O   
515 C  CB  . MSE A 61 ? 0.5360 0.3117 0.4846 -0.0346 -0.0138 0.0043  62 MSE A CB  
516 C  CG  . MSE A 61 ? 0.5571 0.3365 0.5073 -0.0133 -0.0135 -0.0059 62 MSE A CG  
517 SE SE  . MSE A 61 ? 0.6942 0.5066 0.6605 0.0068  -0.0044 -0.0081 62 MSE A SE  
518 C  CE  . MSE A 61 ? 0.4920 0.3462 0.4896 -0.0043 0.0042  -0.0068 62 MSE A CE  
519 N  N   . ALA A 62 ? 0.5642 0.2681 0.4640 -0.0895 -0.0293 0.0254  63 ALA A N   
520 C  CA  . ALA A 62 ? 0.5942 0.2886 0.4816 -0.1194 -0.0296 0.0403  63 ALA A CA  
521 C  C   . ALA A 62 ? 0.5703 0.2946 0.4668 -0.1134 -0.0172 0.0481  63 ALA A C   
522 O  O   . ALA A 62 ? 0.5678 0.2781 0.4538 -0.0882 -0.0166 0.0451  63 ALA A O   
523 C  CB  . ALA A 62 ? 0.6613 0.2718 0.4960 -0.1282 -0.0451 0.0451  63 ALA A CB  
524 N  N   . ASN A 63 ? 0.5569 0.3267 0.4724 -0.1358 -0.0077 0.0573  64 ASN A N   
525 C  CA  . ASN A 63 ? 0.5438 0.3452 0.4647 -0.1311 0.0049  0.0639  64 ASN A CA  
526 C  C   . ASN A 63 ? 0.5848 0.3385 0.4669 -0.1251 0.0015  0.0729  64 ASN A C   
527 O  O   . ASN A 63 ? 0.5632 0.3353 0.4478 -0.1071 0.0082  0.0716  64 ASN A O   
528 C  CB  . ASN A 63 ? 0.5500 0.4021 0.4875 -0.1599 0.0148  0.0747  64 ASN A CB  
529 C  CG  . ASN A 63 ? 0.5053 0.4224 0.4855 -0.1549 0.0210  0.0652  64 ASN A CG  
530 O  OD1 . ASN A 63 ? 0.4819 0.4028 0.4765 -0.1300 0.0192  0.0518  64 ASN A OD1 
531 N  ND2 . ASN A 63 ? 0.5136 0.4843 0.5130 -0.1786 0.0282  0.0729  64 ASN A ND2 
532 N  N   . ASP A 64 ? 0.6514 0.3412 0.4943 -0.1401 -0.0104 0.0820  65 ASP A N   
533 C  CA  . ASP A 64 ? 0.7081 0.3450 0.5067 -0.1336 -0.0160 0.0930  65 ASP A CA  
534 C  C   . ASP A 64 ? 0.7173 0.3151 0.4982 -0.0946 -0.0265 0.0820  65 ASP A C   
535 O  O   . ASP A 64 ? 0.7754 0.3332 0.5206 -0.0820 -0.0329 0.0894  65 ASP A O   
536 C  CB  . ASP A 64 ? 0.7897 0.3670 0.5448 -0.1691 -0.0251 0.1110  65 ASP A CB  
537 C  CG  . ASP A 64 ? 0.8456 0.3531 0.5729 -0.1712 -0.0435 0.1045  65 ASP A CG  
538 O  OD1 . ASP A 64 ? 0.8099 0.3370 0.5637 -0.1606 -0.0456 0.0881  65 ASP A OD1 
539 O  OD2 . ASP A 64 ? 0.9426 0.3698 0.6154 -0.1844 -0.0569 0.1164  65 ASP A OD2 
540 N  N   . LYS A 65 ? 0.6733 0.2858 0.4776 -0.0753 -0.0284 0.0651  66 LYS A N   
541 C  CA  . LYS A 65 ? 0.6770 0.2702 0.4717 -0.0383 -0.0359 0.0535  66 LYS A CA  
542 C  C   . LYS A 65 ? 0.6148 0.2684 0.4441 -0.0177 -0.0261 0.0456  66 LYS A C   
543 O  O   . LYS A 65 ? 0.5685 0.2724 0.4299 -0.0284 -0.0148 0.0444  66 LYS A O   
544 C  CB  . LYS A 65 ? 0.6805 0.2578 0.4775 -0.0296 -0.0426 0.0398  66 LYS A CB  
545 C  CG  . LYS A 65 ? 0.7488 0.2546 0.5041 -0.0449 -0.0568 0.0430  66 LYS A CG  
546 C  CD  . LYS A 65 ? 0.8275 0.2627 0.5306 -0.0255 -0.0700 0.0477  66 LYS A CD  
547 C  CE  . LYS A 65 ? 0.9136 0.2636 0.5670 -0.0307 -0.0876 0.0451  66 LYS A CE  
548 N  NZ  . LYS A 65 ? 1.0098 0.2791 0.6029 -0.0196 -0.1016 0.0558  66 LYS A NZ  
549 N  N   . GLN A 66 ? 0.6241 0.2710 0.4448 0.0129  -0.0322 0.0390  67 GLN A N   
550 C  CA  . GLN A 66 ? 0.5852 0.2843 0.4340 0.0295  -0.0265 0.0317  67 GLN A CA  
551 C  C   . GLN A 66 ? 0.5481 0.2778 0.4257 0.0399  -0.0234 0.0178  67 GLN A C   
552 O  O   . GLN A 66 ? 0.5793 0.2841 0.4467 0.0463  -0.0283 0.0125  67 GLN A O   
553 C  CB  . GLN A 66 ? 0.6199 0.3044 0.4454 0.0557  -0.0360 0.0331  67 GLN A CB  
554 C  CG  . GLN A 66 ? 0.6619 0.3222 0.4576 0.0456  -0.0378 0.0483  67 GLN A CG  
555 C  CD  . GLN A 66 ? 0.7191 0.3458 0.4788 0.0740  -0.0520 0.0517  67 GLN A CD  
556 O  OE1 . GLN A 66 ? 0.7620 0.3474 0.4982 0.0943  -0.0631 0.0481  67 GLN A OE1 
557 N  NE2 . GLN A 66 ? 0.7193 0.3622 0.4712 0.0785  -0.0529 0.0579  67 GLN A NE2 
558 N  N   . LEU A 67 ? 0.4986 0.2783 0.4076 0.0410  -0.0159 0.0122  68 LEU A N   
559 C  CA  . LEU A 67 ? 0.4679 0.2776 0.4023 0.0463  -0.0120 0.0018  68 LEU A CA  
560 C  C   . LEU A 67 ? 0.4813 0.2887 0.4071 0.0725  -0.0180 -0.0054 68 LEU A C   
561 O  O   . LEU A 67 ? 0.4874 0.2989 0.4184 0.0773  -0.0162 -0.0122 68 LEU A O   
562 C  CB  . LEU A 67 ? 0.4222 0.2760 0.3834 0.0403  -0.0052 -0.0013 68 LEU A CB  
563 C  CG  . LEU A 67 ? 0.4041 0.2875 0.3893 0.0385  -0.0002 -0.0086 68 LEU A CG  
564 C  CD1 . LEU A 67 ? 0.3943 0.2663 0.3830 0.0279  0.0033  -0.0088 68 LEU A CD1 
565 C  CD2 . LEU A 67 ? 0.3712 0.2824 0.3722 0.0302  0.0029  -0.0107 68 LEU A CD2 
566 N  N   . GLY A 68 ? 0.4923 0.2963 0.4039 0.0919  -0.0253 -0.0043 69 GLY A N   
567 C  CA  . GLY A 68 ? 0.5175 0.3267 0.4209 0.1231  -0.0315 -0.0120 69 GLY A CA  
568 C  C   . GLY A 68 ? 0.5629 0.3160 0.4314 0.1375  -0.0391 -0.0148 69 GLY A C   
569 O  O   . GLY A 68 ? 0.5663 0.3288 0.4302 0.1654  -0.0415 -0.0247 69 GLY A O   
570 N  N   . TYR A 69 ? 0.5928 0.2899 0.4359 0.1176  -0.0428 -0.0068 70 TYR A N   
571 C  CA  . TYR A 69 ? 0.6448 0.2790 0.4515 0.1214  -0.0516 -0.0096 70 TYR A CA  
572 C  C   . TYR A 69 ? 0.6172 0.2741 0.4410 0.1222  -0.0456 -0.0210 70 TYR A C   
573 O  O   . TYR A 69 ? 0.6498 0.2779 0.4487 0.1434  -0.0519 -0.0307 70 TYR A O   
574 C  CB  . TYR A 69 ? 0.6781 0.2651 0.4654 0.0870  -0.0545 0.0029  70 TYR A CB  
575 C  CG  . TYR A 69 ? 0.7389 0.2525 0.4837 0.0830  -0.0667 0.0009  70 TYR A CG  
576 C  CD1 . TYR A 69 ? 0.8233 0.2656 0.5153 0.1042  -0.0820 0.0020  70 TYR A CD1 
577 C  CD2 . TYR A 69 ? 0.7331 0.2445 0.4864 0.0589  -0.0651 -0.0024 70 TYR A CD2 
578 C  CE1 . TYR A 69 ? 0.8945 0.2592 0.5407 0.0995  -0.0956 -0.0008 70 TYR A CE1 
579 C  CE2 . TYR A 69 ? 0.8069 0.2477 0.5178 0.0524  -0.0788 -0.0056 70 TYR A CE2 
580 C  CZ  . TYR A 69 ? 0.8912 0.2555 0.5472 0.0717  -0.0942 -0.0050 70 TYR A CZ  
581 O  OH  . TYR A 69 ? 0.9823 0.2639 0.5880 0.0648  -0.1105 -0.0090 70 TYR A OH  
582 N  N   . TYR A 70 ? 0.5658 0.2720 0.4282 0.1009  -0.0339 -0.0201 71 TYR A N   
583 C  CA  . TYR A 70 ? 0.5450 0.2730 0.4220 0.0980  -0.0278 -0.0281 71 TYR A CA  
584 C  C   . TYR A 70 ? 0.5269 0.3102 0.4249 0.1190  -0.0202 -0.0363 71 TYR A C   
585 O  O   . TYR A 70 ? 0.5092 0.3164 0.4194 0.1150  -0.0133 -0.0407 71 TYR A O   
586 C  CB  . TYR A 70 ? 0.5043 0.2508 0.4063 0.0660  -0.0210 -0.0221 71 TYR A CB  
587 C  CG  . TYR A 70 ? 0.5304 0.2327 0.4134 0.0437  -0.0280 -0.0151 71 TYR A CG  
588 C  CD1 . TYR A 70 ? 0.5735 0.2331 0.4306 0.0399  -0.0371 -0.0197 71 TYR A CD1 
589 C  CD2 . TYR A 70 ? 0.5209 0.2255 0.4093 0.0250  -0.0260 -0.0039 71 TYR A CD2 
590 C  CE1 . TYR A 70 ? 0.6086 0.2293 0.4479 0.0138  -0.0450 -0.0125 71 TYR A CE1 
591 C  CE2 . TYR A 70 ? 0.5494 0.2222 0.4221 0.0007  -0.0310 0.0041  71 TYR A CE2 
592 C  CZ  . TYR A 70 ? 0.5965 0.2275 0.4457 -0.0071 -0.0411 0.0004  71 TYR A CZ  
593 O  OH  . TYR A 70 ? 0.6322 0.2333 0.4658 -0.0372 -0.0477 0.0091  71 TYR A OH  
594 N  N   . GLN A 71 ? 0.5396 0.3452 0.4399 0.1407  -0.0220 -0.0372 72 GLN A N   
595 C  CA  . GLN A 71 ? 0.5300 0.3973 0.4512 0.1605  -0.0154 -0.0444 72 GLN A CA  
596 C  C   . GLN A 71 ? 0.4795 0.4005 0.4387 0.1345  -0.0036 -0.0408 72 GLN A C   
597 O  O   . GLN A 71 ? 0.4628 0.4275 0.4366 0.1377  0.0049  -0.0447 72 GLN A O   
598 C  CB  . GLN A 71 ? 0.5646 0.4231 0.4639 0.1883  -0.0160 -0.0562 72 GLN A CB  
599 C  CG  . GLN A 71 ? 0.6305 0.4228 0.4831 0.2172  -0.0306 -0.0614 72 GLN A CG  
600 C  CD  . GLN A 71 ? 0.6808 0.4539 0.5037 0.2464  -0.0324 -0.0760 72 GLN A CD  
601 O  OE1 . GLN A 71 ? 0.6760 0.4190 0.4851 0.2318  -0.0319 -0.0795 72 GLN A OE1 
602 N  NE2 . GLN A 71 ? 0.7039 0.4936 0.5135 0.2909  -0.0359 -0.0857 72 GLN A NE2 
603 N  N   . CYS A 72 ? 0.4588 0.3745 0.4299 0.1093  -0.0029 -0.0327 73 CYS A N   
604 C  CA  . CYS A 72 ? 0.4260 0.3794 0.4251 0.0866  0.0052  -0.0297 73 CYS A CA  
605 C  C   . CYS A 72 ? 0.4134 0.4263 0.4349 0.0909  0.0078  -0.0314 73 CYS A C   
606 O  O   . CYS A 72 ? 0.4194 0.4466 0.4400 0.1078  0.0015  -0.0330 73 CYS A O   
607 C  CB  . CYS A 72 ? 0.4124 0.3458 0.4144 0.0659  0.0041  -0.0233 73 CYS A CB  
608 S  SG  . CYS A 72 ? 0.3876 0.3447 0.4116 0.0411  0.0112  -0.0211 73 CYS A SG  
609 N  N   . ARG A 73 ? 0.3961 0.4434 0.4355 0.0746  0.0160  -0.0304 74 ARG A N   
610 C  CA  . ARG A 73 ? 0.3984 0.5080 0.4609 0.0703  0.0189  -0.0307 74 ARG A CA  
611 C  C   . ARG A 73 ? 0.3674 0.4818 0.4421 0.0370  0.0217  -0.0252 74 ARG A C   
612 O  O   . ARG A 73 ? 0.3557 0.4288 0.4207 0.0237  0.0227  -0.0220 74 ARG A O   
613 C  CB  . ARG A 73 ? 0.4359 0.5895 0.5033 0.0837  0.0273  -0.0344 74 ARG A CB  
614 C  CG  . ARG A 73 ? 0.5095 0.6499 0.5562 0.1222  0.0244  -0.0428 74 ARG A CG  
615 C  CD  . ARG A 73 ? 0.5614 0.7135 0.6067 0.1493  0.0142  -0.0468 74 ARG A CD  
616 N  NE  . ARG A 73 ? 0.6298 0.7589 0.6477 0.1894  0.0097  -0.0556 74 ARG A NE  
617 C  CZ  . ARG A 73 ? 0.6910 0.8659 0.7102 0.2162  0.0157  -0.0639 74 ARG A CZ  
618 N  NH1 . ARG A 73 ? 0.6798 0.9339 0.7298 0.2033  0.0283  -0.0624 74 ARG A NH1 
619 N  NH2 . ARG A 73 ? 0.7548 0.8953 0.7410 0.2563  0.0092  -0.0738 74 ARG A NH2 
620 N  N   . ASP A 74 ? 0.3502 0.5148 0.4447 0.0237  0.0216  -0.0243 75 ASP A N   
621 C  CA  . ASP A 74 ? 0.3435 0.5060 0.4432 -0.0102 0.0224  -0.0192 75 ASP A CA  
622 C  C   . ASP A 74 ? 0.3454 0.4944 0.4372 -0.0227 0.0317  -0.0138 75 ASP A C   
623 O  O   . ASP A 74 ? 0.3425 0.5187 0.4351 -0.0113 0.0396  -0.0139 75 ASP A O   
624 C  CB  . ASP A 74 ? 0.3454 0.5693 0.4671 -0.0271 0.0201  -0.0187 75 ASP A CB  
625 C  CG  . ASP A 74 ? 0.3442 0.5767 0.4707 -0.0204 0.0081  -0.0236 75 ASP A CG  
626 O  OD1 . ASP A 74 ? 0.3531 0.5393 0.4655 -0.0266 0.0017  -0.0245 75 ASP A OD1 
627 O  OD2 . ASP A 74 ? 0.3630 0.6526 0.5062 -0.0067 0.0047  -0.0268 75 ASP A OD2 
628 N  N   . GLU A 75 ? 0.3429 0.4487 0.4233 -0.0430 0.0296  -0.0096 76 GLU A N   
629 C  CA  . GLU A 75 ? 0.3578 0.4439 0.4258 -0.0584 0.0353  -0.0024 76 GLU A CA  
630 C  C   . GLU A 75 ? 0.3426 0.3943 0.3958 -0.0401 0.0374  -0.0035 76 GLU A C   
631 O  O   . GLU A 75 ? 0.3558 0.3920 0.3961 -0.0473 0.0413  0.0022  76 GLU A O   
632 C  CB  . GLU A 75 ? 0.3820 0.5206 0.4591 -0.0745 0.0440  0.0039  76 GLU A CB  
633 C  CG  . GLU A 75 ? 0.4038 0.6015 0.5041 -0.0909 0.0419  0.0037  76 GLU A CG  
634 C  CD  . GLU A 75 ? 0.4465 0.6140 0.5428 -0.1149 0.0302  0.0035  76 GLU A CD  
635 O  OE1 . GLU A 75 ? 0.4658 0.5704 0.5391 -0.1254 0.0265  0.0066  76 GLU A OE1 
636 O  OE2 . GLU A 75 ? 0.4584 0.6651 0.5721 -0.1211 0.0233  -0.0006 76 GLU A OE2 
637 N  N   . PHE A 76 ? 0.3291 0.3667 0.3815 -0.0185 0.0335  -0.0099 77 PHE A N   
638 C  CA  . PHE A 76 ? 0.3202 0.3236 0.3591 -0.0053 0.0325  -0.0117 77 PHE A CA  
639 C  C   . PHE A 76 ? 0.3288 0.2942 0.3611 -0.0146 0.0279  -0.0092 77 PHE A C   
640 O  O   . PHE A 76 ? 0.3224 0.2830 0.3577 -0.0256 0.0251  -0.0085 77 PHE A O   
641 C  CB  . PHE A 76 ? 0.3115 0.3081 0.3479 0.0155  0.0283  -0.0177 77 PHE A CB  
642 C  CG  . PHE A 76 ? 0.3190 0.3368 0.3508 0.0353  0.0310  -0.0227 77 PHE A CG  
643 C  CD1 . PHE A 76 ? 0.3192 0.3850 0.3604 0.0351  0.0386  -0.0224 77 PHE A CD1 
644 C  CD2 . PHE A 76 ? 0.3354 0.3248 0.3510 0.0546  0.0257  -0.0281 77 PHE A CD2 
645 C  CE1 . PHE A 76 ? 0.3364 0.4264 0.3719 0.0596  0.0419  -0.0290 77 PHE A CE1 
646 C  CE2 . PHE A 76 ? 0.3559 0.3567 0.3605 0.0786  0.0265  -0.0350 77 PHE A CE2 
647 C  CZ  . PHE A 76 ? 0.3551 0.4089 0.3703 0.0840  0.0352  -0.0364 77 PHE A CZ  
648 N  N   . VAL A 77 ? 0.3288 0.2698 0.3516 -0.0085 0.0262  -0.0093 78 VAL A N   
649 C  CA  . VAL A 77 ? 0.3374 0.2522 0.3556 -0.0124 0.0221  -0.0075 78 VAL A CA  
650 C  C   . VAL A 77 ? 0.3411 0.2461 0.3611 -0.0036 0.0185  -0.0107 78 VAL A C   
651 O  O   . VAL A 77 ? 0.3380 0.2405 0.3532 0.0025  0.0172  -0.0125 78 VAL A O   
652 C  CB  . VAL A 77 ? 0.3545 0.2563 0.3596 -0.0165 0.0222  -0.0023 78 VAL A CB  
653 C  CG1 . VAL A 77 ? 0.3536 0.2309 0.3532 -0.0133 0.0162  -0.0016 78 VAL A CG1 
654 C  CG2 . VAL A 77 ? 0.3622 0.2714 0.3618 -0.0317 0.0263  0.0039  78 VAL A CG2 
655 N  N   . ILE A 78 ? 0.3434 0.2430 0.3677 -0.0040 0.0167  -0.0116 79 ILE A N   
656 C  CA  . ILE A 78 ? 0.3465 0.2434 0.3736 -0.0007 0.0145  -0.0123 79 ILE A CA  
657 C  C   . ILE A 78 ? 0.3548 0.2478 0.3821 0.0010  0.0120  -0.0115 79 ILE A C   
658 O  O   . ILE A 78 ? 0.3496 0.2371 0.3748 0.0035  0.0118  -0.0123 79 ILE A O   
659 C  CB  . ILE A 78 ? 0.3600 0.2611 0.3904 -0.0005 0.0157  -0.0130 79 ILE A CB  
660 C  CG1 . ILE A 78 ? 0.3661 0.2694 0.3935 0.0018  0.0154  -0.0131 79 ILE A CG1 
661 C  CG2 . ILE A 78 ? 0.3638 0.2689 0.3979 -0.0017 0.0153  -0.0115 79 ILE A CG2 
662 C  CD1 . ILE A 78 ? 0.3535 0.2590 0.3790 0.0023  0.0156  -0.0126 79 ILE A CD1 
663 N  N   . HIS A 79 ? 0.3557 0.2497 0.3826 0.0016  0.0084  -0.0110 80 HIS A N   
664 C  CA  . HIS A 79 ? 0.3585 0.2555 0.3867 0.0063  0.0037  -0.0104 80 HIS A CA  
665 C  C   . HIS A 79 ? 0.3469 0.2644 0.3887 0.0051  0.0023  -0.0111 80 HIS A C   
666 O  O   . HIS A 79 ? 0.3504 0.2715 0.3944 -0.0042 0.0009  -0.0105 80 HIS A O   
667 C  CB  . HIS A 79 ? 0.3659 0.2563 0.3838 0.0064  -0.0009 -0.0092 80 HIS A CB  
668 C  CG  . HIS A 79 ? 0.3793 0.2753 0.3975 0.0132  -0.0084 -0.0084 80 HIS A CG  
669 N  ND1 . HIS A 79 ? 0.3869 0.2735 0.3984 0.0234  -0.0106 -0.0065 80 HIS A ND1 
670 C  CD2 . HIS A 79 ? 0.3848 0.2942 0.4070 0.0123  -0.0163 -0.0096 80 HIS A CD2 
671 C  CE1 . HIS A 79 ? 0.3984 0.2953 0.4108 0.0323  -0.0191 -0.0063 80 HIS A CE1 
672 N  NE2 . HIS A 79 ? 0.3910 0.3060 0.4122 0.0242  -0.0228 -0.0082 80 HIS A NE2 
673 N  N   . VAL A 80 ? 0.3444 0.2753 0.3929 0.0142  0.0026  -0.0123 81 VAL A N   
674 C  CA  . VAL A 80 ? 0.3364 0.3004 0.4011 0.0131  0.0038  -0.0124 81 VAL A CA  
675 C  C   . VAL A 80 ? 0.3360 0.3249 0.4111 0.0159  -0.0041 -0.0123 81 VAL A C   
676 O  O   . VAL A 80 ? 0.3453 0.3359 0.4180 0.0328  -0.0086 -0.0141 81 VAL A O   
677 C  CB  . VAL A 80 ? 0.3407 0.3143 0.4066 0.0257  0.0096  -0.0160 81 VAL A CB  
678 C  CG1 . VAL A 80 ? 0.3292 0.3478 0.4126 0.0248  0.0138  -0.0153 81 VAL A CG1 
679 C  CG2 . VAL A 80 ? 0.3454 0.2959 0.3998 0.0212  0.0145  -0.0166 81 VAL A CG2 
680 N  N   . VAL A 81 ? 0.3231 0.3282 0.4069 -0.0009 -0.0076 -0.0101 82 VAL A N   
681 C  CA  . VAL A 81 ? 0.3321 0.3678 0.4282 -0.0021 -0.0170 -0.0103 82 VAL A CA  
682 C  C   . VAL A 81 ? 0.3293 0.4207 0.4503 -0.0029 -0.0130 -0.0095 82 VAL A C   
683 O  O   . VAL A 81 ? 0.3219 0.4260 0.4489 -0.0198 -0.0062 -0.0057 82 VAL A O   
684 C  CB  . VAL A 81 ? 0.3461 0.3684 0.4348 -0.0224 -0.0258 -0.0097 82 VAL A CB  
685 C  CG1 . VAL A 81 ? 0.3499 0.4048 0.4498 -0.0227 -0.0385 -0.0111 82 VAL A CG1 
686 C  CG2 . VAL A 81 ? 0.3455 0.3194 0.4088 -0.0188 -0.0260 -0.0114 82 VAL A CG2 
687 N  N   . ASP A 82 ? 0.3431 0.4682 0.4759 0.0178  -0.0171 -0.0125 83 ASP A N   
688 C  CA  . ASP A 82 ? 0.3582 0.5453 0.5150 0.0265  -0.0118 -0.0137 83 ASP A CA  
689 C  C   . ASP A 82 ? 0.3725 0.6176 0.5550 0.0092  -0.0203 -0.0111 83 ASP A C   
690 O  O   . ASP A 82 ? 0.3831 0.6377 0.5682 0.0183  -0.0336 -0.0133 83 ASP A O   
691 C  CB  . ASP A 82 ? 0.3815 0.5711 0.5331 0.0651  -0.0132 -0.0202 83 ASP A CB  
692 C  CG  . ASP A 82 ? 0.3982 0.6516 0.5702 0.0825  -0.0048 -0.0241 83 ASP A CG  
693 O  OD1 . ASP A 82 ? 0.3980 0.7208 0.5996 0.0708  -0.0047 -0.0215 83 ASP A OD1 
694 O  OD2 . ASP A 82 ? 0.4336 0.6702 0.5912 0.1072  0.0017  -0.0302 83 ASP A OD2 
695 N  N   . LEU A 83 ? 0.3842 0.6681 0.5835 -0.0174 -0.0134 -0.0056 84 LEU A N   
696 C  CA  . LEU A 83 ? 0.4183 0.7629 0.6438 -0.0433 -0.0210 -0.0017 84 LEU A CA  
697 C  C   . LEU A 83 ? 0.4339 0.8754 0.6950 -0.0352 -0.0134 -0.0013 84 LEU A C   
698 O  O   . LEU A 83 ? 0.4350 0.9400 0.7226 -0.0627 -0.0179 0.0036  84 LEU A O   
699 C  CB  . LEU A 83 ? 0.4361 0.7536 0.6513 -0.0875 -0.0206 0.0067  84 LEU A CB  
700 C  CG  . LEU A 83 ? 0.4532 0.6915 0.6369 -0.1007 -0.0318 0.0055  84 LEU A CG  
701 C  CD1 . LEU A 83 ? 0.4431 0.6173 0.6002 -0.0770 -0.0254 0.0018  84 LEU A CD1 
702 C  CD2 . LEU A 83 ? 0.4901 0.7064 0.6621 -0.1435 -0.0340 0.0137  84 LEU A CD2 
703 N  N   . GLN A 84 ? 0.4609 0.9172 0.7222 0.0015  -0.0026 -0.0070 85 GLN A N   
704 C  CA  . GLN A 84 ? 0.5156 1.0663 0.8076 0.0106  0.0087  -0.0072 85 GLN A CA  
705 C  C   . GLN A 84 ? 0.5569 1.1854 0.8805 0.0269  -0.0037 -0.0116 85 GLN A C   
706 O  O   . GLN A 84 ? 0.5405 1.1406 0.8531 0.0568  -0.0174 -0.0183 85 GLN A O   
707 C  CB  . GLN A 84 ? 0.5074 1.0501 0.7851 0.0470  0.0237  -0.0143 85 GLN A CB  
708 C  CG  . GLN A 84 ? 0.5183 1.0323 0.7795 0.0992  0.0168  -0.0269 85 GLN A CG  
709 C  CD  . GLN A 84 ? 0.5229 1.0150 0.7618 0.1291  0.0300  -0.0349 85 GLN A CD  
710 O  OE1 . GLN A 84 ? 0.5162 1.0774 0.7699 0.1455  0.0423  -0.0387 85 GLN A OE1 
711 N  NE2 . GLN A 84 ? 0.5320 0.9311 0.7340 0.1359  0.0272  -0.0380 85 GLN A NE2 
712 N  N   . PRO A 85 ? 0.6404 1.3698 1.0026 0.0051  0.0004  -0.0064 86 PRO A N   
713 C  CA  . PRO A 85 ? 0.6937 1.5059 1.0901 0.0152  -0.0143 -0.0098 86 PRO A CA  
714 C  C   . PRO A 85 ? 0.7706 1.6432 1.1808 0.0761  -0.0115 -0.0212 86 PRO A C   
715 O  O   . PRO A 85 ? 0.6981 1.5396 1.0869 0.1101  0.0015  -0.0274 86 PRO A O   
716 C  CB  . PRO A 85 ? 0.6889 1.5888 1.1214 -0.0378 -0.0102 0.0015  86 PRO A CB  
717 C  CG  . PRO A 85 ? 0.6756 1.5408 1.0898 -0.0677 0.0099  0.0112  86 PRO A CG  
718 C  CD  . PRO A 85 ? 0.6525 1.4323 1.0288 -0.0283 0.0186  0.0036  86 PRO A CD  
# 
